data_9GTR
#
_entry.id   9GTR
#
_entity_poly.entity_id   1
_entity_poly.type   'polypeptide(L)'
_entity_poly.pdbx_seq_one_letter_code
;MVRPSFSSIVEVKIGGAKLPDTIAPMLTDGWVDQGVNVPAAFRLTFRDPYHRLLGDLNVQFGTKVVITPIADGQGKNNPL
LTGEVTGLETDYDGTGSFTVIRGYDYGHRLMRQRRVAAYRNQKASDIARKLVQMDGVSVGRIQPTKGTYAFIAQPNVTDW
DFLARLADENKMIMYLDSKGKFRFVTPKPSAGAPSPNTDGDQSAFVLQAGHDILRLRAAVTAADQIGKVESRGWNVTTKK
KITEIAPATTDPGISIKWTPGTAAGKFKPGKLVETANPYDKQDEVQNAAKALASDVTASFSELEVAANGHPDLRPGVPVA
LSDVGTPFEGKYTVTSVRHHFGDGVAYESWITVSGRQWRSLYGLASGGGGSDPASATRLPSVANAIVTDVQDPLKQGRVK
LQFPWLDDTYVSDWARSVQMGGVAGGGIFPMDVGDEVLVAFDRGALDHPFVIGGLYNGRDVPTKSDVPLHDGLKKKAVRH
TLSDRQGNRVDLLSQRTGGRKQGVRIASGNDKLTINLDRTKTEITVDSKGSVSITGSRSVSVDAGTDLSLSARRSLTIKS
GGPLSIQGGSTINMRSGGLVGVNAGGALNLGAGGAATLSAGAATTISGTVNVQINSVMTRVIGATFEVKTPIFKVATIPV
PGL
;
_entity_poly.pdbx_strand_id   q,r,s
#
# COMPACT_ATOMS: atom_id res chain seq x y z
N VAL A 2 -62.84 15.40 -8.13
CA VAL A 2 -62.78 14.15 -7.36
C VAL A 2 -61.37 13.55 -7.46
N ARG A 3 -61.28 12.30 -7.03
CA ARG A 3 -60.04 11.54 -7.01
C ARG A 3 -59.55 11.20 -8.38
N PRO A 4 -60.38 10.53 -9.18
CA PRO A 4 -59.99 10.24 -10.55
C PRO A 4 -60.37 11.41 -11.45
N SER A 5 -59.99 11.41 -12.71
CA SER A 5 -60.37 12.56 -13.52
C SER A 5 -61.15 12.23 -14.78
N PHE A 6 -61.73 13.25 -15.39
CA PHE A 6 -62.52 13.14 -16.61
C PHE A 6 -61.66 13.40 -17.85
N SER A 7 -60.98 14.54 -17.87
CA SER A 7 -60.07 14.88 -18.95
C SER A 7 -58.74 15.30 -18.35
N SER A 8 -57.65 14.85 -18.98
CA SER A 8 -56.30 15.14 -18.50
C SER A 8 -55.46 15.69 -19.64
N ILE A 9 -54.73 16.76 -19.38
CA ILE A 9 -53.96 17.46 -20.39
C ILE A 9 -52.52 17.62 -19.90
N VAL A 10 -51.61 17.78 -20.85
CA VAL A 10 -50.21 18.08 -20.57
C VAL A 10 -49.90 19.43 -21.20
N GLU A 11 -49.48 20.39 -20.38
CA GLU A 11 -49.09 21.71 -20.86
C GLU A 11 -47.58 21.81 -20.82
N VAL A 12 -46.95 21.88 -21.99
CA VAL A 12 -45.50 21.96 -22.11
C VAL A 12 -45.14 23.26 -22.80
N LYS A 13 -44.23 24.01 -22.21
CA LYS A 13 -43.75 25.27 -22.75
C LYS A 13 -42.26 25.12 -23.07
N ILE A 14 -41.90 25.46 -24.30
CA ILE A 14 -40.53 25.31 -24.78
C ILE A 14 -39.96 26.71 -25.04
N GLY A 15 -38.80 26.99 -24.43
CA GLY A 15 -38.17 28.28 -24.60
C GLY A 15 -38.93 29.45 -24.03
N GLY A 16 -39.82 29.21 -23.09
CA GLY A 16 -40.61 30.26 -22.49
C GLY A 16 -41.89 30.60 -23.22
N ALA A 17 -42.05 30.12 -24.45
CA ALA A 17 -43.26 30.36 -25.22
C ALA A 17 -44.13 29.11 -25.21
N LYS A 18 -45.45 29.33 -25.23
CA LYS A 18 -46.38 28.21 -25.24
C LYS A 18 -46.22 27.40 -26.52
N LEU A 19 -46.57 26.11 -26.42
CA LEU A 19 -46.45 25.23 -27.58
C LEU A 19 -47.34 25.74 -28.71
N PRO A 20 -46.84 25.81 -29.94
CA PRO A 20 -47.67 26.31 -31.04
C PRO A 20 -48.88 25.42 -31.28
N ASP A 21 -49.97 26.06 -31.75
CA ASP A 21 -51.21 25.32 -31.98
C ASP A 21 -51.04 24.26 -33.06
N THR A 22 -50.16 24.50 -34.04
CA THR A 22 -49.92 23.54 -35.09
C THR A 22 -49.06 22.36 -34.64
N ILE A 23 -48.50 22.41 -33.44
CA ILE A 23 -47.69 21.33 -32.92
C ILE A 23 -48.34 20.59 -31.75
N ALA A 24 -49.28 21.22 -31.05
CA ALA A 24 -49.91 20.58 -29.90
C ALA A 24 -50.56 19.23 -30.22
N PRO A 25 -51.32 19.06 -31.32
CA PRO A 25 -51.87 17.73 -31.60
C PRO A 25 -50.81 16.67 -31.83
N MET A 26 -49.61 17.06 -32.29
CA MET A 26 -48.57 16.09 -32.59
C MET A 26 -48.05 15.36 -31.36
N LEU A 27 -48.16 15.97 -30.18
CA LEU A 27 -47.63 15.35 -28.97
C LEU A 27 -48.45 14.12 -28.61
N THR A 28 -47.78 13.00 -28.37
CA THR A 28 -48.44 11.75 -28.01
C THR A 28 -48.01 11.24 -26.65
N ASP A 29 -46.71 11.15 -26.37
CA ASP A 29 -46.23 10.55 -25.14
C ASP A 29 -45.62 11.62 -24.24
N GLY A 30 -46.05 11.65 -22.98
CA GLY A 30 -45.46 12.53 -21.99
C GLY A 30 -45.03 11.79 -20.74
N TRP A 31 -43.73 11.73 -20.48
CA TRP A 31 -43.20 10.95 -19.37
C TRP A 31 -42.37 11.86 -18.48
N VAL A 32 -42.64 11.83 -17.18
CA VAL A 32 -41.86 12.57 -16.19
C VAL A 32 -41.50 11.62 -15.07
N ASP A 33 -40.20 11.44 -14.84
CA ASP A 33 -39.71 10.54 -13.80
C ASP A 33 -38.93 11.34 -12.77
N GLN A 34 -39.57 11.66 -11.65
CA GLN A 34 -39.02 12.55 -10.64
C GLN A 34 -38.66 11.74 -9.40
N GLY A 35 -37.39 11.76 -9.03
CA GLY A 35 -36.91 11.03 -7.86
C GLY A 35 -36.12 11.91 -6.93
N VAL A 36 -35.81 11.36 -5.76
CA VAL A 36 -35.01 12.04 -4.75
C VAL A 36 -33.58 11.54 -4.70
N ASN A 37 -33.22 10.58 -5.55
CA ASN A 37 -31.86 10.07 -5.62
C ASN A 37 -31.13 10.49 -6.87
N VAL A 38 -31.83 10.56 -8.01
CA VAL A 38 -31.23 10.97 -9.27
C VAL A 38 -32.09 12.09 -9.87
N PRO A 39 -31.51 12.89 -10.75
CA PRO A 39 -32.30 13.95 -11.40
C PRO A 39 -33.47 13.38 -12.18
N ALA A 40 -34.57 14.13 -12.19
CA ALA A 40 -35.78 13.72 -12.90
C ALA A 40 -35.54 13.77 -14.41
N ALA A 41 -36.44 13.12 -15.14
CA ALA A 41 -36.31 12.99 -16.58
C ALA A 41 -37.61 13.37 -17.28
N PHE A 42 -37.47 14.14 -18.37
CA PHE A 42 -38.55 14.48 -19.29
C PHE A 42 -38.39 13.63 -20.53
N ARG A 43 -39.49 13.05 -21.01
CA ARG A 43 -39.51 12.37 -22.30
C ARG A 43 -40.80 12.80 -22.99
N LEU A 44 -40.69 13.69 -23.98
CA LEU A 44 -41.83 14.16 -24.74
C LEU A 44 -41.71 13.64 -26.16
N THR A 45 -42.64 12.78 -26.56
CA THR A 45 -42.59 12.09 -27.84
C THR A 45 -43.74 12.61 -28.71
N PHE A 46 -43.40 13.30 -29.78
CA PHE A 46 -44.34 13.78 -30.79
C PHE A 46 -44.35 12.83 -31.97
N ARG A 47 -45.45 12.86 -32.72
CA ARG A 47 -45.59 12.11 -33.96
C ARG A 47 -45.25 13.05 -35.12
N ASP A 48 -44.15 12.77 -35.81
CA ASP A 48 -43.67 13.60 -36.91
C ASP A 48 -43.42 12.70 -38.11
N PRO A 49 -44.49 12.34 -38.84
CA PRO A 49 -44.33 11.40 -39.96
C PRO A 49 -43.40 11.89 -41.05
N TYR A 50 -43.38 13.20 -41.34
CA TYR A 50 -42.57 13.75 -42.40
C TYR A 50 -41.28 14.37 -41.91
N HIS A 51 -40.97 14.24 -40.62
CA HIS A 51 -39.66 14.59 -40.06
C HIS A 51 -39.35 16.07 -40.27
N ARG A 52 -40.20 16.93 -39.70
CA ARG A 52 -40.05 18.37 -39.85
C ARG A 52 -40.21 19.15 -38.56
N LEU A 53 -40.48 18.49 -37.43
CA LEU A 53 -40.72 19.22 -36.19
C LEU A 53 -39.50 19.98 -35.73
N LEU A 54 -38.35 19.30 -35.63
CA LEU A 54 -37.15 19.92 -35.08
C LEU A 54 -36.65 21.08 -35.93
N GLY A 55 -37.03 21.13 -37.20
CA GLY A 55 -36.67 22.23 -38.06
C GLY A 55 -37.55 23.46 -37.96
N ASP A 56 -38.63 23.38 -37.19
CA ASP A 56 -39.56 24.50 -37.05
C ASP A 56 -39.57 25.10 -35.65
N LEU A 57 -39.62 24.24 -34.62
CA LEU A 57 -39.53 24.74 -33.25
C LEU A 57 -38.19 25.38 -32.96
N ASN A 58 -37.15 25.05 -33.74
CA ASN A 58 -35.78 25.51 -33.51
C ASN A 58 -35.37 25.20 -32.07
N VAL A 59 -35.41 23.92 -31.73
CA VAL A 59 -35.09 23.45 -30.40
C VAL A 59 -33.60 23.07 -30.37
N GLN A 60 -32.87 23.67 -29.44
CA GLN A 60 -31.49 23.31 -29.20
C GLN A 60 -31.32 23.00 -27.72
N PHE A 61 -30.71 21.87 -27.43
CA PHE A 61 -30.51 21.45 -26.04
C PHE A 61 -29.75 22.51 -25.26
N GLY A 62 -30.26 22.82 -24.07
CA GLY A 62 -29.91 24.02 -23.34
C GLY A 62 -31.04 25.01 -23.25
N THR A 63 -32.15 24.78 -23.95
CA THR A 63 -33.32 25.64 -23.88
C THR A 63 -34.21 25.25 -22.71
N LYS A 64 -34.84 26.25 -22.10
CA LYS A 64 -35.70 26.00 -20.94
C LYS A 64 -37.01 25.37 -21.39
N VAL A 65 -37.44 24.36 -20.64
CA VAL A 65 -38.72 23.68 -20.89
C VAL A 65 -39.45 23.52 -19.57
N VAL A 66 -40.77 23.65 -19.62
CA VAL A 66 -41.62 23.52 -18.45
C VAL A 66 -42.73 22.52 -18.77
N ILE A 67 -42.93 21.55 -17.87
CA ILE A 67 -43.95 20.52 -18.04
C ILE A 67 -44.90 20.61 -16.85
N THR A 68 -46.20 20.66 -17.14
CA THR A 68 -47.26 20.68 -16.13
C THR A 68 -48.35 19.69 -16.51
N PRO A 69 -48.86 18.92 -15.55
CA PRO A 69 -50.07 18.14 -15.80
C PRO A 69 -51.31 18.89 -15.33
N ILE A 70 -52.44 18.58 -15.97
CA ILE A 70 -53.72 19.17 -15.62
C ILE A 70 -54.74 18.05 -15.56
N ALA A 71 -55.13 17.65 -14.36
CA ALA A 71 -56.18 16.67 -14.14
C ALA A 71 -57.36 17.39 -13.50
N ASP A 72 -58.46 17.48 -14.23
CA ASP A 72 -59.65 18.25 -13.81
C ASP A 72 -59.20 19.71 -13.62
N GLY A 73 -59.63 20.38 -12.55
CA GLY A 73 -59.26 21.76 -12.33
C GLY A 73 -58.11 21.96 -11.37
N GLN A 74 -57.21 20.97 -11.31
CA GLN A 74 -56.04 21.03 -10.45
C GLN A 74 -54.78 21.02 -11.30
N GLY A 75 -53.87 21.94 -11.01
CA GLY A 75 -52.59 22.01 -11.70
C GLY A 75 -52.44 23.10 -12.73
N LYS A 76 -53.42 23.99 -12.87
CA LYS A 76 -53.27 25.13 -13.78
C LYS A 76 -52.11 26.02 -13.33
N ASN A 77 -52.05 26.32 -12.04
CA ASN A 77 -50.86 26.91 -11.45
C ASN A 77 -49.93 25.77 -11.04
N ASN A 78 -48.88 26.10 -10.29
CA ASN A 78 -47.95 25.11 -9.75
C ASN A 78 -47.41 24.20 -10.85
N PRO A 79 -46.52 24.70 -11.71
CA PRO A 79 -45.95 23.85 -12.75
C PRO A 79 -45.21 22.67 -12.13
N LEU A 80 -45.27 21.52 -12.81
CA LEU A 80 -44.65 20.31 -12.26
C LEU A 80 -43.13 20.44 -12.26
N LEU A 81 -42.52 20.59 -13.43
CA LEU A 81 -41.07 20.66 -13.49
C LEU A 81 -40.62 21.69 -14.51
N THR A 82 -39.44 22.27 -14.24
CA THR A 82 -38.81 23.27 -15.09
C THR A 82 -37.37 22.84 -15.32
N GLY A 83 -37.07 22.30 -16.49
CA GLY A 83 -35.74 21.80 -16.77
C GLY A 83 -35.16 22.22 -18.09
N GLU A 84 -34.15 21.47 -18.54
CA GLU A 84 -33.39 21.80 -19.75
C GLU A 84 -33.41 20.61 -20.71
N VAL A 85 -33.60 20.90 -21.99
CA VAL A 85 -33.49 19.87 -23.01
C VAL A 85 -32.04 19.41 -23.09
N THR A 86 -31.83 18.10 -23.10
CA THR A 86 -30.49 17.53 -23.13
C THR A 86 -30.20 16.74 -24.39
N GLY A 87 -31.06 15.79 -24.74
CA GLY A 87 -30.82 14.94 -25.89
C GLY A 87 -32.05 14.86 -26.78
N LEU A 88 -31.81 14.44 -28.02
CA LEU A 88 -32.85 14.28 -29.02
C LEU A 88 -32.83 12.85 -29.54
N GLU A 89 -34.01 12.33 -29.88
CA GLU A 89 -34.14 10.96 -30.35
C GLU A 89 -35.25 10.89 -31.39
N THR A 90 -35.03 10.09 -32.43
CA THR A 90 -36.03 9.81 -33.44
C THR A 90 -36.20 8.30 -33.58
N ASP A 91 -37.44 7.85 -33.70
CA ASP A 91 -37.76 6.43 -33.75
C ASP A 91 -38.65 6.14 -34.95
N TYR A 92 -38.33 5.07 -35.66
CA TYR A 92 -39.21 4.48 -36.66
C TYR A 92 -39.47 3.05 -36.19
N ASP A 93 -40.46 2.90 -35.32
CA ASP A 93 -40.74 1.63 -34.67
C ASP A 93 -41.79 0.80 -35.40
N GLY A 94 -42.24 1.26 -36.57
CA GLY A 94 -43.31 0.59 -37.28
C GLY A 94 -44.70 1.06 -36.90
N THR A 95 -44.82 1.90 -35.87
CA THR A 95 -46.10 2.47 -35.46
C THR A 95 -46.09 3.99 -35.54
N GLY A 96 -45.23 4.56 -36.38
CA GLY A 96 -45.12 5.99 -36.55
C GLY A 96 -43.68 6.46 -36.45
N SER A 97 -43.38 7.54 -37.16
CA SER A 97 -42.04 8.14 -37.13
C SER A 97 -42.04 9.21 -36.03
N PHE A 98 -41.71 8.79 -34.81
CA PHE A 98 -41.79 9.65 -33.65
C PHE A 98 -40.49 10.42 -33.45
N THR A 99 -40.62 11.65 -32.94
CA THR A 99 -39.50 12.47 -32.54
C THR A 99 -39.57 12.69 -31.03
N VAL A 100 -38.49 12.39 -30.33
CA VAL A 100 -38.46 12.42 -28.88
C VAL A 100 -37.51 13.52 -28.43
N ILE A 101 -37.99 14.38 -27.54
CA ILE A 101 -37.11 15.32 -26.84
C ILE A 101 -36.94 14.83 -25.41
N ARG A 102 -35.69 14.73 -24.98
CA ARG A 102 -35.33 14.27 -23.65
C ARG A 102 -34.83 15.46 -22.85
N GLY A 103 -35.29 15.57 -21.60
CA GLY A 103 -34.93 16.67 -20.76
C GLY A 103 -34.48 16.21 -19.38
N TYR A 104 -33.68 17.05 -18.74
CA TYR A 104 -33.20 16.79 -17.40
C TYR A 104 -33.52 18.00 -16.52
N ASP A 105 -33.29 17.84 -15.22
CA ASP A 105 -33.66 18.87 -14.27
C ASP A 105 -32.73 20.07 -14.37
N TYR A 106 -33.25 21.21 -13.92
CA TYR A 106 -32.47 22.44 -13.83
C TYR A 106 -31.53 22.27 -12.63
N GLY A 107 -30.38 21.68 -12.91
CA GLY A 107 -29.47 21.23 -11.87
C GLY A 107 -28.84 19.89 -12.18
N HIS A 108 -29.12 19.36 -13.37
CA HIS A 108 -28.42 18.17 -13.83
C HIS A 108 -26.94 18.42 -14.02
N ARG A 109 -26.53 19.68 -14.16
CA ARG A 109 -25.14 20.02 -14.39
C ARG A 109 -24.24 19.50 -13.28
N LEU A 110 -24.80 19.31 -12.08
CA LEU A 110 -24.00 18.75 -10.99
C LEU A 110 -23.48 17.37 -11.34
N MET A 111 -24.31 16.53 -11.96
CA MET A 111 -23.82 15.24 -12.43
C MET A 111 -22.95 15.38 -13.67
N ARG A 112 -23.07 16.50 -14.38
CA ARG A 112 -22.29 16.71 -15.59
C ARG A 112 -20.84 17.06 -15.28
N GLN A 113 -20.59 17.76 -14.19
CA GLN A 113 -19.25 18.22 -13.85
C GLN A 113 -18.53 17.17 -13.01
N ARG A 114 -17.27 16.90 -13.37
CA ARG A 114 -16.38 16.07 -12.58
C ARG A 114 -15.29 16.95 -12.01
N ARG A 115 -15.10 16.90 -10.69
CA ARG A 115 -14.25 17.86 -10.00
C ARG A 115 -13.26 17.17 -9.08
N VAL A 116 -12.15 17.88 -8.86
CA VAL A 116 -11.19 17.66 -7.79
C VAL A 116 -11.07 18.95 -7.00
N ALA A 117 -11.15 18.87 -5.68
CA ALA A 117 -11.05 20.06 -4.85
C ALA A 117 -10.88 19.63 -3.40
N ALA A 118 -10.53 20.61 -2.55
CA ALA A 118 -10.41 20.40 -1.12
C ALA A 118 -11.12 21.54 -0.40
N TYR A 119 -11.91 21.18 0.61
CA TYR A 119 -12.67 22.15 1.40
C TYR A 119 -12.20 22.09 2.84
N ARG A 120 -11.96 23.25 3.44
CA ARG A 120 -11.40 23.35 4.78
C ARG A 120 -12.31 24.15 5.69
N ASN A 121 -12.65 23.56 6.84
CA ASN A 121 -13.37 24.24 7.91
C ASN A 121 -14.69 24.82 7.42
N GLN A 122 -15.47 24.00 6.73
CA GLN A 122 -16.79 24.40 6.24
C GLN A 122 -17.80 23.30 6.53
N LYS A 123 -18.99 23.70 6.96
CA LYS A 123 -20.06 22.75 7.22
C LYS A 123 -20.59 22.18 5.91
N ALA A 124 -21.26 21.03 6.01
CA ALA A 124 -21.80 20.38 4.82
C ALA A 124 -22.82 21.27 4.11
N SER A 125 -23.65 21.98 4.89
CA SER A 125 -24.59 22.92 4.29
C SER A 125 -23.85 24.04 3.57
N ASP A 126 -22.76 24.53 4.17
CA ASP A 126 -21.95 25.54 3.50
C ASP A 126 -21.34 24.99 2.22
N ILE A 127 -20.87 23.74 2.27
CA ILE A 127 -20.33 23.10 1.06
C ILE A 127 -21.39 23.09 -0.04
N ALA A 128 -22.60 22.63 0.30
CA ALA A 128 -23.66 22.55 -0.69
C ALA A 128 -24.00 23.93 -1.25
N ARG A 129 -24.10 24.93 -0.38
CA ARG A 129 -24.46 26.28 -0.83
C ARG A 129 -23.41 26.83 -1.78
N LYS A 130 -22.15 26.82 -1.37
CA LYS A 130 -21.09 27.38 -2.21
C LYS A 130 -20.99 26.62 -3.53
N LEU A 131 -21.03 25.28 -3.46
CA LEU A 131 -20.88 24.47 -4.66
C LEU A 131 -22.02 24.70 -5.63
N VAL A 132 -23.26 24.74 -5.13
CA VAL A 132 -24.42 24.95 -6.00
C VAL A 132 -24.35 26.34 -6.62
N GLN A 133 -23.96 27.35 -5.83
CA GLN A 133 -23.84 28.68 -6.38
C GLN A 133 -22.75 28.74 -7.46
N MET A 134 -21.72 27.89 -7.35
CA MET A 134 -20.71 27.83 -8.40
C MET A 134 -21.29 27.34 -9.73
N ASP A 135 -22.31 26.49 -9.68
CA ASP A 135 -22.83 25.82 -10.87
C ASP A 135 -24.07 26.50 -11.43
N GLY A 136 -24.36 27.73 -10.99
CA GLY A 136 -25.46 28.49 -11.56
C GLY A 136 -26.83 27.89 -11.36
N VAL A 137 -27.10 27.43 -10.13
CA VAL A 137 -28.41 26.90 -9.76
C VAL A 137 -28.93 27.72 -8.59
N SER A 138 -30.14 28.24 -8.72
CA SER A 138 -30.73 29.05 -7.66
C SER A 138 -30.90 28.22 -6.38
N VAL A 139 -30.63 28.84 -5.24
CA VAL A 139 -30.64 28.16 -3.96
C VAL A 139 -32.00 28.35 -3.31
N GLY A 140 -32.62 27.24 -2.90
CA GLY A 140 -33.87 27.28 -2.20
C GLY A 140 -33.66 27.34 -0.71
N ARG A 141 -34.12 26.31 0.01
CA ARG A 141 -33.92 26.22 1.45
C ARG A 141 -32.85 25.16 1.73
N ILE A 142 -31.82 25.56 2.50
CA ILE A 142 -30.74 24.67 2.88
C ILE A 142 -30.77 24.52 4.38
N GLN A 143 -30.87 23.29 4.86
CA GLN A 143 -30.97 23.04 6.29
C GLN A 143 -29.57 22.87 6.88
N PRO A 144 -29.24 23.60 7.95
CA PRO A 144 -27.88 23.53 8.50
C PRO A 144 -27.54 22.12 8.96
N THR A 145 -26.28 21.73 8.73
CA THR A 145 -25.80 20.41 9.08
C THR A 145 -25.57 20.30 10.58
N LYS A 146 -25.70 19.06 11.08
CA LYS A 146 -25.52 18.82 12.51
C LYS A 146 -24.08 19.07 12.95
N GLY A 147 -23.11 18.52 12.22
CA GLY A 147 -21.72 18.60 12.63
C GLY A 147 -20.86 19.15 11.52
N THR A 148 -19.80 19.84 11.93
CA THR A 148 -18.84 20.43 11.00
C THR A 148 -17.71 19.45 10.69
N TYR A 149 -17.05 19.69 9.56
CA TYR A 149 -15.88 18.90 9.19
C TYR A 149 -14.62 19.75 9.30
N ALA A 150 -13.47 19.13 9.06
CA ALA A 150 -12.19 19.86 9.13
C ALA A 150 -11.53 19.91 7.76
N PHE A 151 -11.60 18.83 6.97
CA PHE A 151 -10.97 18.77 5.65
C PHE A 151 -11.71 17.74 4.82
N ILE A 152 -12.40 18.22 3.77
CA ILE A 152 -13.09 17.32 2.86
C ILE A 152 -12.42 17.37 1.50
N ALA A 153 -12.09 16.20 0.96
CA ALA A 153 -11.46 16.09 -0.34
C ALA A 153 -12.45 15.52 -1.34
N GLN A 154 -12.52 16.14 -2.51
CA GLN A 154 -13.37 15.69 -3.61
C GLN A 154 -12.50 14.91 -4.58
N PRO A 155 -12.46 13.58 -4.47
CA PRO A 155 -11.44 12.77 -5.17
C PRO A 155 -11.80 12.41 -6.60
N ASN A 156 -11.80 13.42 -7.47
CA ASN A 156 -12.05 13.24 -8.90
C ASN A 156 -13.39 12.53 -9.13
N VAL A 157 -14.46 13.20 -8.70
CA VAL A 157 -15.78 12.58 -8.73
C VAL A 157 -16.76 13.49 -9.45
N THR A 158 -17.81 12.87 -9.99
CA THR A 158 -18.96 13.64 -10.44
C THR A 158 -19.56 14.37 -9.25
N ASP A 159 -19.82 15.66 -9.42
CA ASP A 159 -20.13 16.51 -8.29
C ASP A 159 -21.41 16.06 -7.59
N TRP A 160 -22.42 15.70 -8.38
CA TRP A 160 -23.69 15.27 -7.80
C TRP A 160 -23.51 14.04 -6.93
N ASP A 161 -22.64 13.11 -7.33
CA ASP A 161 -22.39 11.92 -6.52
C ASP A 161 -21.75 12.29 -5.19
N PHE A 162 -20.80 13.22 -5.19
CA PHE A 162 -20.21 13.69 -3.95
C PHE A 162 -21.27 14.28 -3.03
N LEU A 163 -22.09 15.16 -3.58
CA LEU A 163 -23.16 15.76 -2.77
C LEU A 163 -24.12 14.70 -2.26
N ALA A 164 -24.43 13.70 -3.09
CA ALA A 164 -25.36 12.66 -2.68
C ALA A 164 -24.79 11.80 -1.57
N ARG A 165 -23.50 11.49 -1.63
CA ARG A 165 -22.88 10.73 -0.55
C ARG A 165 -22.86 11.56 0.73
N LEU A 166 -22.62 12.87 0.63
CA LEU A 166 -22.69 13.73 1.81
C LEU A 166 -24.10 13.74 2.40
N ALA A 167 -25.11 13.85 1.54
CA ALA A 167 -26.49 13.88 2.01
C ALA A 167 -26.87 12.55 2.66
N ASP A 168 -26.48 11.44 2.06
CA ASP A 168 -26.75 10.13 2.64
C ASP A 168 -26.06 9.99 3.99
N GLU A 169 -24.85 10.54 4.12
CA GLU A 169 -24.17 10.56 5.40
C GLU A 169 -24.98 11.34 6.43
N ASN A 170 -25.54 12.49 6.02
CA ASN A 170 -26.24 13.37 6.93
C ASN A 170 -27.75 13.13 7.00
N LYS A 171 -28.23 11.96 6.58
CA LYS A 171 -29.69 11.69 6.56
C LYS A 171 -30.40 12.93 6.03
N MET A 172 -30.26 13.21 4.75
CA MET A 172 -30.89 14.39 4.14
C MET A 172 -31.49 14.00 2.79
N ILE A 173 -31.93 14.95 1.98
CA ILE A 173 -32.64 14.71 0.72
C ILE A 173 -32.47 15.92 -0.19
N MET A 174 -32.23 15.65 -1.48
CA MET A 174 -32.06 16.74 -2.48
C MET A 174 -33.30 16.82 -3.37
N TYR A 175 -34.35 17.47 -2.89
CA TYR A 175 -35.58 17.63 -3.71
C TYR A 175 -35.52 18.93 -4.50
N LEU A 176 -34.98 18.88 -5.73
CA LEU A 176 -35.02 20.11 -6.57
C LEU A 176 -36.51 20.46 -6.72
N ASP A 177 -36.88 21.72 -6.48
CA ASP A 177 -38.34 22.04 -6.50
C ASP A 177 -38.85 22.27 -7.92
N SER A 178 -40.18 22.29 -8.08
CA SER A 178 -40.82 22.56 -9.36
C SER A 178 -40.10 23.68 -10.11
N LYS A 179 -39.80 24.77 -9.43
CA LYS A 179 -39.19 25.93 -10.07
C LYS A 179 -37.67 25.82 -10.20
N GLY A 180 -37.12 24.62 -10.09
CA GLY A 180 -35.69 24.42 -10.24
C GLY A 180 -34.86 25.06 -9.15
N LYS A 181 -35.27 24.90 -7.89
CA LYS A 181 -34.54 25.45 -6.75
C LYS A 181 -34.03 24.27 -5.92
N PHE A 182 -32.75 24.30 -5.60
CA PHE A 182 -32.14 23.24 -4.79
C PHE A 182 -32.73 23.26 -3.39
N ARG A 183 -32.98 22.07 -2.84
CA ARG A 183 -33.46 21.95 -1.47
C ARG A 183 -32.73 20.80 -0.79
N PHE A 184 -31.93 21.14 0.20
CA PHE A 184 -31.14 20.20 0.98
C PHE A 184 -31.89 20.03 2.30
N VAL A 185 -32.90 19.15 2.29
CA VAL A 185 -33.95 19.15 3.31
C VAL A 185 -34.02 17.79 3.99
N THR A 186 -34.43 17.81 5.25
CA THR A 186 -34.65 16.57 5.99
C THR A 186 -35.92 15.88 5.47
N PRO A 187 -35.98 14.55 5.54
CA PRO A 187 -37.19 13.85 5.13
C PRO A 187 -38.39 14.27 5.95
N LYS A 188 -39.53 14.42 5.28
CA LYS A 188 -40.76 14.78 5.98
C LYS A 188 -41.25 13.60 6.80
N PRO A 189 -41.56 13.78 8.09
CA PRO A 189 -42.01 12.65 8.90
C PRO A 189 -43.31 12.07 8.36
N SER A 190 -43.41 10.74 8.42
CA SER A 190 -44.58 10.05 7.89
C SER A 190 -45.82 10.22 8.77
N ALA A 191 -45.64 10.60 10.03
CA ALA A 191 -46.79 10.73 10.93
C ALA A 191 -47.74 11.83 10.46
N GLY A 192 -47.20 12.95 9.98
CA GLY A 192 -48.03 14.06 9.55
C GLY A 192 -48.70 13.79 8.22
N ALA A 193 -49.59 12.81 8.19
CA ALA A 193 -50.29 12.35 7.01
C ALA A 193 -51.77 12.23 7.29
N PRO A 194 -52.61 12.22 6.27
CA PRO A 194 -54.04 11.95 6.48
C PRO A 194 -54.24 10.59 7.14
N SER A 195 -55.23 10.50 8.02
CA SER A 195 -55.48 9.26 8.72
C SER A 195 -55.92 8.18 7.74
N PRO A 196 -55.44 6.94 7.88
CA PRO A 196 -55.89 5.87 6.98
C PRO A 196 -57.38 5.59 7.06
N ASN A 197 -57.99 5.77 8.24
CA ASN A 197 -59.40 5.52 8.43
C ASN A 197 -60.29 6.63 7.91
N THR A 198 -59.75 7.53 7.10
CA THR A 198 -60.55 8.58 6.48
C THR A 198 -61.43 8.00 5.38
N ASP A 199 -62.33 8.83 4.86
CA ASP A 199 -63.27 8.39 3.84
C ASP A 199 -62.58 7.93 2.56
N GLY A 200 -61.37 8.41 2.30
CA GLY A 200 -60.65 8.04 1.09
C GLY A 200 -61.05 8.82 -0.15
N ASP A 201 -61.99 9.74 -0.04
CA ASP A 201 -62.42 10.56 -1.17
C ASP A 201 -62.36 12.05 -0.90
N GLN A 202 -62.12 12.47 0.34
CA GLN A 202 -62.09 13.89 0.68
C GLN A 202 -60.70 14.50 0.56
N SER A 203 -59.70 13.73 0.13
CA SER A 203 -58.35 14.24 -0.01
C SER A 203 -57.64 13.48 -1.12
N ALA A 204 -56.57 14.09 -1.63
CA ALA A 204 -55.80 13.53 -2.73
C ALA A 204 -54.55 12.79 -2.26
N PHE A 205 -54.39 12.59 -0.95
CA PHE A 205 -53.22 11.91 -0.41
C PHE A 205 -53.57 10.57 0.25
N VAL A 206 -54.71 9.99 -0.11
CA VAL A 206 -55.16 8.72 0.44
C VAL A 206 -55.42 7.75 -0.69
N LEU A 207 -54.86 6.55 -0.59
CA LEU A 207 -55.05 5.50 -1.57
C LEU A 207 -55.79 4.34 -0.94
N GLN A 208 -56.82 3.85 -1.64
CA GLN A 208 -57.64 2.74 -1.16
C GLN A 208 -57.57 1.60 -2.17
N ALA A 209 -57.49 0.37 -1.66
CA ALA A 209 -57.44 -0.79 -2.52
C ALA A 209 -58.75 -0.95 -3.28
N GLY A 210 -58.69 -0.85 -4.60
CA GLY A 210 -59.86 -0.97 -5.45
C GLY A 210 -60.51 0.35 -5.82
N HIS A 211 -60.28 1.42 -5.06
CA HIS A 211 -60.85 2.71 -5.39
C HIS A 211 -60.10 3.35 -6.57
N ASP A 212 -58.77 3.43 -6.46
CA ASP A 212 -57.97 4.09 -7.53
C ASP A 212 -56.63 3.36 -7.75
N ILE A 213 -56.34 2.31 -6.98
CA ILE A 213 -55.06 1.62 -7.09
C ILE A 213 -55.14 0.71 -8.30
N LEU A 214 -54.60 1.15 -9.44
CA LEU A 214 -54.60 0.33 -10.63
C LEU A 214 -53.67 -0.88 -10.48
N ARG A 215 -52.47 -0.65 -9.98
CA ARG A 215 -51.50 -1.71 -9.75
C ARG A 215 -50.83 -1.50 -8.41
N LEU A 216 -50.58 -2.59 -7.69
CA LEU A 216 -50.01 -2.50 -6.35
C LEU A 216 -48.92 -3.55 -6.17
N ARG A 217 -47.82 -3.14 -5.53
CA ARG A 217 -46.70 -4.03 -5.22
C ARG A 217 -46.08 -3.55 -3.92
N ALA A 218 -46.52 -4.13 -2.81
CA ALA A 218 -46.05 -3.76 -1.48
C ALA A 218 -45.39 -4.97 -0.83
N ALA A 219 -44.18 -4.80 -0.34
CA ALA A 219 -43.42 -5.87 0.27
C ALA A 219 -42.84 -5.41 1.60
N VAL A 220 -43.06 -6.20 2.64
CA VAL A 220 -42.48 -5.98 3.96
C VAL A 220 -41.59 -7.17 4.26
N THR A 221 -40.30 -6.91 4.49
CA THR A 221 -39.32 -7.98 4.61
C THR A 221 -38.40 -7.72 5.79
N ALA A 222 -37.84 -8.81 6.31
CA ALA A 222 -36.82 -8.78 7.35
C ALA A 222 -35.53 -9.38 6.84
N ALA A 223 -35.15 -9.01 5.61
CA ALA A 223 -33.99 -9.62 4.97
C ALA A 223 -32.70 -9.33 5.73
N ASP A 224 -32.46 -8.07 6.06
CA ASP A 224 -31.24 -7.68 6.76
C ASP A 224 -31.54 -6.67 7.85
N GLN A 225 -32.59 -6.92 8.62
CA GLN A 225 -32.97 -6.04 9.72
C GLN A 225 -32.24 -6.48 10.98
N ILE A 226 -31.44 -5.58 11.55
CA ILE A 226 -30.67 -5.84 12.76
C ILE A 226 -30.95 -4.72 13.75
N GLY A 227 -31.14 -5.09 15.02
CA GLY A 227 -31.52 -4.12 16.03
C GLY A 227 -30.47 -3.04 16.25
N LYS A 228 -29.21 -3.43 16.32
CA LYS A 228 -28.12 -2.53 16.66
C LYS A 228 -27.11 -2.46 15.53
N VAL A 229 -26.59 -1.26 15.27
CA VAL A 229 -25.57 -1.04 14.25
C VAL A 229 -24.50 -0.13 14.85
N GLU A 230 -23.23 -0.53 14.72
CA GLU A 230 -22.14 0.25 15.28
C GLU A 230 -21.23 0.77 14.19
N SER A 231 -20.64 1.94 14.46
CA SER A 231 -19.62 2.54 13.63
C SER A 231 -18.43 2.91 14.51
N ARG A 232 -17.23 2.69 13.99
CA ARG A 232 -16.03 2.80 14.81
C ARG A 232 -14.97 3.62 14.09
N GLY A 233 -14.13 4.28 14.89
CA GLY A 233 -13.07 5.12 14.37
C GLY A 233 -11.92 5.20 15.36
N TRP A 234 -10.85 5.87 14.91
CA TRP A 234 -9.62 5.99 15.67
C TRP A 234 -9.36 7.45 15.98
N ASN A 235 -9.09 7.74 17.25
CA ASN A 235 -8.74 9.09 17.68
C ASN A 235 -7.24 9.14 17.96
N VAL A 236 -6.54 10.03 17.25
CA VAL A 236 -5.09 10.07 17.28
C VAL A 236 -4.55 10.95 18.41
N THR A 237 -5.31 11.96 18.84
CA THR A 237 -4.85 12.83 19.90
C THR A 237 -4.81 12.13 21.26
N THR A 238 -5.42 10.95 21.38
CA THR A 238 -5.42 10.23 22.64
C THR A 238 -5.16 8.73 22.46
N LYS A 239 -5.03 8.26 21.21
CA LYS A 239 -4.95 6.82 20.91
C LYS A 239 -6.18 6.10 21.47
N LYS A 240 -7.34 6.48 20.97
CA LYS A 240 -8.59 5.96 21.50
C LYS A 240 -9.40 5.26 20.42
N LYS A 241 -9.90 4.08 20.74
CA LYS A 241 -10.83 3.35 19.88
C LYS A 241 -12.21 3.91 20.16
N ILE A 242 -12.67 4.83 19.31
CA ILE A 242 -13.98 5.45 19.50
C ILE A 242 -15.02 4.59 18.78
N THR A 243 -16.17 4.43 19.42
CA THR A 243 -17.23 3.57 18.89
C THR A 243 -18.58 4.18 19.21
N GLU A 244 -19.55 3.88 18.35
CA GLU A 244 -20.93 4.33 18.56
C GLU A 244 -21.89 3.24 18.13
N ILE A 245 -22.73 2.80 19.05
CA ILE A 245 -23.78 1.83 18.78
C ILE A 245 -25.11 2.57 18.73
N ALA A 246 -25.86 2.36 17.65
CA ALA A 246 -27.13 3.04 17.46
C ALA A 246 -28.23 2.02 17.20
N PRO A 247 -29.45 2.32 17.62
CA PRO A 247 -30.55 1.39 17.40
C PRO A 247 -31.15 1.54 16.00
N ALA A 248 -31.73 0.43 15.53
CA ALA A 248 -32.44 0.39 14.26
C ALA A 248 -33.84 -0.17 14.47
N THR A 249 -34.48 0.21 15.58
CA THR A 249 -35.80 -0.26 15.94
C THR A 249 -36.89 0.73 15.58
N THR A 250 -36.54 1.83 14.91
CA THR A 250 -37.54 2.81 14.51
C THR A 250 -37.09 3.45 13.21
N ASP A 251 -38.04 4.02 12.49
CA ASP A 251 -37.77 4.63 11.19
C ASP A 251 -38.80 5.71 10.89
N PRO A 252 -38.37 6.97 10.71
CA PRO A 252 -39.33 8.06 10.53
C PRO A 252 -40.19 7.93 9.28
N GLY A 253 -39.66 7.35 8.21
CA GLY A 253 -40.36 7.36 6.94
C GLY A 253 -41.49 6.36 6.79
N ILE A 254 -41.56 5.35 7.64
CA ILE A 254 -42.53 4.27 7.50
C ILE A 254 -43.27 4.08 8.82
N SER A 255 -44.58 3.88 8.73
CA SER A 255 -45.41 3.60 9.90
C SER A 255 -46.50 2.63 9.46
N ILE A 256 -46.28 1.33 9.68
CA ILE A 256 -47.14 0.30 9.13
C ILE A 256 -47.61 -0.67 10.22
N LYS A 257 -47.72 -0.17 11.45
CA LYS A 257 -48.19 -0.94 12.61
C LYS A 257 -47.15 -1.96 13.03
N TRP A 258 -46.08 -2.10 12.26
CA TRP A 258 -45.00 -3.04 12.54
C TRP A 258 -43.68 -2.31 12.37
N THR A 259 -42.78 -2.49 13.33
CA THR A 259 -41.51 -1.79 13.33
C THR A 259 -40.36 -2.78 13.15
N PRO A 260 -39.21 -2.33 12.64
CA PRO A 260 -38.07 -3.25 12.48
C PRO A 260 -37.59 -3.84 13.79
N GLY A 261 -37.93 -3.22 14.93
CA GLY A 261 -37.58 -3.82 16.21
C GLY A 261 -38.19 -5.20 16.38
N THR A 262 -39.42 -5.39 15.92
CA THR A 262 -40.03 -6.72 15.97
C THR A 262 -39.25 -7.71 15.10
N ALA A 263 -38.84 -7.26 13.91
CA ALA A 263 -38.06 -8.14 13.03
C ALA A 263 -36.74 -8.54 13.68
N ALA A 264 -36.06 -7.59 14.31
CA ALA A 264 -34.80 -7.90 14.98
C ALA A 264 -35.02 -8.84 16.16
N GLY A 265 -36.07 -8.59 16.96
CA GLY A 265 -36.30 -9.42 18.13
C GLY A 265 -36.70 -10.84 17.79
N LYS A 266 -37.55 -11.00 16.77
CA LYS A 266 -38.06 -12.33 16.43
C LYS A 266 -36.98 -13.26 15.89
N PHE A 267 -35.82 -12.74 15.54
CA PHE A 267 -34.68 -13.54 15.09
C PHE A 267 -33.55 -13.41 16.10
N LYS A 268 -32.41 -14.03 15.76
CA LYS A 268 -31.26 -13.98 16.65
C LYS A 268 -30.72 -12.56 16.72
N PRO A 269 -30.21 -12.13 17.88
CA PRO A 269 -29.68 -10.75 18.03
C PRO A 269 -28.31 -10.56 17.40
N GLY A 270 -28.31 -10.26 16.10
CA GLY A 270 -27.08 -10.02 15.37
C GLY A 270 -26.58 -8.60 15.52
N LYS A 271 -25.59 -8.26 14.70
CA LYS A 271 -25.00 -6.93 14.72
C LYS A 271 -24.31 -6.68 13.39
N LEU A 272 -24.13 -5.39 13.08
CA LEU A 272 -23.52 -4.96 11.82
C LEU A 272 -22.41 -3.98 12.11
N VAL A 273 -21.32 -4.06 11.34
CA VAL A 273 -20.14 -3.22 11.51
C VAL A 273 -19.80 -2.57 10.17
N GLU A 274 -19.37 -1.32 10.22
CA GLU A 274 -18.93 -0.58 9.03
C GLU A 274 -17.43 -0.38 9.11
N THR A 275 -16.71 -0.83 8.08
CA THR A 275 -15.26 -0.77 8.04
C THR A 275 -14.78 -0.29 6.68
N ALA A 276 -15.40 0.77 6.17
CA ALA A 276 -15.10 1.25 4.83
C ALA A 276 -14.64 2.71 4.77
N ASN A 277 -14.80 3.48 5.83
CA ASN A 277 -14.44 4.89 5.82
C ASN A 277 -13.71 5.25 7.10
N PRO A 278 -12.81 6.23 7.03
CA PRO A 278 -12.12 6.70 8.24
C PRO A 278 -12.92 7.76 8.97
N TYR A 279 -12.73 7.79 10.29
CA TYR A 279 -13.42 8.73 11.16
C TYR A 279 -12.45 9.21 12.23
N ASP A 280 -12.68 10.43 12.73
CA ASP A 280 -11.74 11.01 13.67
C ASP A 280 -12.39 11.50 14.96
N LYS A 281 -13.58 12.07 14.90
CA LYS A 281 -14.20 12.70 16.06
C LYS A 281 -15.50 11.98 16.42
N GLN A 282 -15.97 12.27 17.64
CA GLN A 282 -17.20 11.64 18.12
C GLN A 282 -18.40 12.04 17.27
N ASP A 283 -18.44 13.29 16.82
CA ASP A 283 -19.57 13.76 16.01
C ASP A 283 -19.67 12.97 14.71
N GLU A 284 -18.54 12.78 14.03
CA GLU A 284 -18.56 12.06 12.76
C GLU A 284 -18.99 10.61 12.94
N VAL A 285 -18.50 9.96 13.99
CA VAL A 285 -18.86 8.57 14.24
C VAL A 285 -20.35 8.44 14.58
N GLN A 286 -20.85 9.35 15.42
CA GLN A 286 -22.28 9.34 15.73
C GLN A 286 -23.12 9.55 14.48
N ASN A 287 -22.72 10.50 13.63
CA ASN A 287 -23.46 10.76 12.40
C ASN A 287 -23.44 9.53 11.49
N ALA A 288 -22.29 8.87 11.37
CA ALA A 288 -22.20 7.68 10.54
C ALA A 288 -23.08 6.55 11.09
N ALA A 289 -23.10 6.38 12.40
CA ALA A 289 -23.94 5.36 13.01
C ALA A 289 -25.42 5.63 12.74
N LYS A 290 -25.84 6.89 12.91
CA LYS A 290 -27.22 7.23 12.64
C LYS A 290 -27.57 7.04 11.17
N ALA A 291 -26.65 7.40 10.28
CA ALA A 291 -26.89 7.22 8.85
C ALA A 291 -27.03 5.75 8.49
N LEU A 292 -26.17 4.89 9.05
CA LEU A 292 -26.27 3.47 8.74
C LEU A 292 -27.54 2.87 9.33
N ALA A 293 -27.94 3.31 10.52
CA ALA A 293 -29.19 2.84 11.08
C ALA A 293 -30.38 3.22 10.20
N SER A 294 -30.39 4.47 9.72
CA SER A 294 -31.46 4.91 8.83
C SER A 294 -31.44 4.11 7.53
N ASP A 295 -30.25 3.85 6.99
CA ASP A 295 -30.14 3.05 5.77
C ASP A 295 -30.69 1.65 5.96
N VAL A 296 -30.36 1.02 7.10
CA VAL A 296 -30.87 -0.33 7.36
C VAL A 296 -32.38 -0.31 7.52
N THR A 297 -32.92 0.66 8.25
CA THR A 297 -34.36 0.73 8.46
C THR A 297 -35.14 1.19 7.24
N ALA A 298 -34.47 1.78 6.25
CA ALA A 298 -35.16 2.20 5.03
C ALA A 298 -35.58 1.04 4.14
N SER A 299 -35.05 -0.15 4.36
CA SER A 299 -35.38 -1.32 3.55
C SER A 299 -36.49 -2.16 4.15
N PHE A 300 -37.14 -1.70 5.22
CA PHE A 300 -38.18 -2.48 5.86
C PHE A 300 -39.37 -2.67 4.93
N SER A 301 -39.78 -1.62 4.21
CA SER A 301 -40.95 -1.68 3.36
C SER A 301 -40.62 -1.10 1.99
N GLU A 302 -41.02 -1.80 0.94
CA GLU A 302 -40.86 -1.34 -0.43
C GLU A 302 -42.23 -1.31 -1.09
N LEU A 303 -42.63 -0.13 -1.57
CA LEU A 303 -43.98 0.08 -2.06
C LEU A 303 -43.95 0.65 -3.47
N GLU A 304 -44.88 0.18 -4.31
CA GLU A 304 -44.97 0.67 -5.69
C GLU A 304 -46.44 0.60 -6.09
N VAL A 305 -47.09 1.76 -6.15
CA VAL A 305 -48.51 1.86 -6.48
C VAL A 305 -48.65 2.68 -7.75
N ALA A 306 -49.21 2.06 -8.78
CA ALA A 306 -49.60 2.77 -10.00
C ALA A 306 -51.08 3.11 -9.87
N ALA A 307 -51.37 4.40 -9.77
CA ALA A 307 -52.72 4.88 -9.53
C ALA A 307 -53.13 5.88 -10.60
N ASN A 308 -54.43 6.19 -10.61
CA ASN A 308 -54.97 7.17 -11.55
C ASN A 308 -54.32 8.53 -11.36
N GLY A 309 -53.82 8.83 -10.17
CA GLY A 309 -52.94 9.96 -9.96
C GLY A 309 -53.66 11.27 -9.70
N HIS A 310 -52.85 12.28 -9.42
CA HIS A 310 -53.26 13.64 -9.11
C HIS A 310 -52.03 14.52 -9.21
N PRO A 311 -52.13 15.73 -9.76
CA PRO A 311 -50.92 16.54 -10.00
C PRO A 311 -50.27 17.06 -8.72
N ASP A 312 -50.80 16.66 -7.57
CA ASP A 312 -50.24 17.05 -6.27
C ASP A 312 -49.39 15.95 -5.65
N LEU A 313 -49.07 14.91 -6.41
CA LEU A 313 -48.26 13.80 -5.90
C LEU A 313 -46.77 14.09 -6.15
N ARG A 314 -46.30 15.18 -5.55
CA ARG A 314 -44.90 15.53 -5.61
C ARG A 314 -44.08 14.59 -4.72
N PRO A 315 -42.77 14.51 -4.94
CA PRO A 315 -41.92 13.72 -4.04
C PRO A 315 -41.89 14.31 -2.64
N GLY A 316 -41.42 13.49 -1.71
CA GLY A 316 -41.23 13.93 -0.33
C GLY A 316 -42.48 14.43 0.36
N VAL A 317 -43.62 13.79 0.09
CA VAL A 317 -44.87 14.14 0.77
C VAL A 317 -45.46 12.87 1.37
N PRO A 318 -46.18 12.97 2.49
CA PRO A 318 -46.77 11.77 3.08
C PRO A 318 -48.00 11.32 2.32
N VAL A 319 -48.16 9.99 2.23
CA VAL A 319 -49.30 9.37 1.57
C VAL A 319 -49.80 8.23 2.45
N ALA A 320 -51.11 8.18 2.66
CA ALA A 320 -51.73 7.19 3.53
C ALA A 320 -52.26 6.03 2.70
N LEU A 321 -51.81 4.81 3.03
CA LEU A 321 -52.30 3.60 2.41
C LEU A 321 -53.18 2.89 3.42
N SER A 322 -54.42 2.59 3.02
CA SER A 322 -55.42 2.06 3.92
C SER A 322 -56.16 0.89 3.28
N ASP A 323 -56.70 0.02 4.13
CA ASP A 323 -57.51 -1.13 3.73
C ASP A 323 -56.75 -2.03 2.76
N VAL A 324 -55.60 -2.52 3.23
CA VAL A 324 -54.73 -3.35 2.40
C VAL A 324 -54.45 -4.67 3.09
N GLY A 325 -54.54 -4.68 4.42
CA GLY A 325 -54.30 -5.92 5.15
C GLY A 325 -53.89 -5.62 6.59
N THR A 326 -53.19 -6.60 7.18
CA THR A 326 -52.72 -6.46 8.55
C THR A 326 -51.47 -5.58 8.65
N PRO A 327 -50.39 -5.87 7.93
CA PRO A 327 -49.16 -5.09 8.11
C PRO A 327 -48.94 -3.96 7.11
N PHE A 328 -49.82 -3.78 6.12
CA PHE A 328 -49.58 -2.83 5.04
C PHE A 328 -50.36 -1.53 5.19
N GLU A 329 -51.12 -1.37 6.27
CA GLU A 329 -51.82 -0.11 6.49
C GLU A 329 -50.82 0.97 6.94
N GLY A 330 -51.31 2.19 7.06
CA GLY A 330 -50.49 3.24 7.63
C GLY A 330 -50.13 4.36 6.66
N LYS A 331 -48.95 4.94 6.87
CA LYS A 331 -48.50 6.08 6.07
C LYS A 331 -47.07 5.85 5.61
N TYR A 332 -46.77 6.37 4.43
CA TYR A 332 -45.44 6.31 3.84
C TYR A 332 -45.03 7.71 3.39
N THR A 333 -43.75 7.86 3.09
CA THR A 333 -43.23 9.07 2.46
C THR A 333 -42.74 8.71 1.07
N VAL A 334 -43.28 9.39 0.05
CA VAL A 334 -42.97 9.04 -1.32
C VAL A 334 -41.51 9.37 -1.62
N THR A 335 -40.92 8.61 -2.54
CA THR A 335 -39.53 8.81 -2.90
C THR A 335 -39.38 9.07 -4.40
N SER A 336 -40.21 8.43 -5.22
CA SER A 336 -40.17 8.69 -6.66
C SER A 336 -41.58 8.64 -7.23
N VAL A 337 -41.80 9.45 -8.26
CA VAL A 337 -43.10 9.59 -8.90
C VAL A 337 -42.92 9.60 -10.41
N ARG A 338 -43.69 8.78 -11.11
CA ARG A 338 -43.66 8.69 -12.56
C ARG A 338 -45.02 9.13 -13.10
N HIS A 339 -45.06 10.31 -13.70
CA HIS A 339 -46.25 10.79 -14.38
C HIS A 339 -46.21 10.35 -15.84
N HIS A 340 -47.28 9.68 -16.29
CA HIS A 340 -47.26 9.00 -17.57
C HIS A 340 -48.51 9.35 -18.38
N PHE A 341 -48.27 9.73 -19.64
CA PHE A 341 -49.30 9.88 -20.67
C PHE A 341 -48.83 9.11 -21.89
N GLY A 342 -49.68 8.23 -22.42
CA GLY A 342 -49.27 7.46 -23.56
C GLY A 342 -50.45 6.88 -24.30
N ASP A 343 -50.15 5.96 -25.21
CA ASP A 343 -51.17 5.32 -26.02
C ASP A 343 -52.07 4.45 -25.15
N GLY A 344 -53.38 4.68 -25.24
CA GLY A 344 -54.35 3.88 -24.51
C GLY A 344 -54.24 4.00 -23.00
N VAL A 345 -53.50 5.00 -22.53
CA VAL A 345 -53.33 5.24 -21.10
C VAL A 345 -53.60 6.71 -20.83
N ALA A 346 -54.45 6.99 -19.84
CA ALA A 346 -54.70 8.35 -19.39
C ALA A 346 -53.58 8.77 -18.45
N TYR A 347 -53.77 9.88 -17.74
CA TYR A 347 -52.77 10.33 -16.79
C TYR A 347 -52.61 9.29 -15.69
N GLU A 348 -51.38 8.79 -15.53
CA GLU A 348 -51.10 7.77 -14.54
C GLU A 348 -49.93 8.21 -13.66
N SER A 349 -49.95 7.79 -12.40
CA SER A 349 -48.90 8.14 -11.45
C SER A 349 -48.38 6.88 -10.79
N TRP A 350 -47.09 6.61 -10.98
CA TRP A 350 -46.39 5.51 -10.31
C TRP A 350 -45.67 6.09 -9.10
N ILE A 351 -46.16 5.79 -7.91
CA ILE A 351 -45.55 6.20 -6.66
C ILE A 351 -44.70 5.04 -6.15
N THR A 352 -43.41 5.29 -5.95
CA THR A 352 -42.49 4.27 -5.45
C THR A 352 -41.82 4.78 -4.18
N VAL A 353 -41.97 4.03 -3.10
CA VAL A 353 -41.30 4.29 -1.83
C VAL A 353 -40.29 3.17 -1.62
N SER A 354 -39.00 3.53 -1.66
CA SER A 354 -37.93 2.53 -1.48
C SER A 354 -36.80 3.15 -0.64
N GLY A 355 -37.08 4.19 0.12
CA GLY A 355 -35.98 4.83 0.85
C GLY A 355 -34.82 5.11 -0.09
N ARG A 356 -33.60 4.96 0.38
CA ARG A 356 -32.40 5.27 -0.41
C ARG A 356 -32.22 4.47 -1.66
N GLN A 357 -32.43 3.17 -1.54
CA GLN A 357 -32.28 2.21 -2.67
C GLN A 357 -32.96 2.76 -3.94
N TRP A 358 -32.17 3.06 -4.97
CA TRP A 358 -32.76 3.49 -6.27
C TRP A 358 -33.13 2.23 -7.06
N ARG A 359 -34.23 1.57 -6.67
CA ARG A 359 -34.64 0.31 -7.35
C ARG A 359 -35.55 0.64 -8.52
N SER A 360 -35.80 1.94 -8.75
CA SER A 360 -36.72 2.37 -9.85
C SER A 360 -36.24 1.81 -11.20
N LEU A 361 -37.18 1.54 -12.11
CA LEU A 361 -36.85 1.03 -13.48
C LEU A 361 -36.21 -0.35 -13.36
N TYR A 362 -34.96 -0.42 -12.91
CA TYR A 362 -34.27 -1.73 -12.72
C TYR A 362 -33.59 -1.74 -11.35
N GLY A 363 -33.72 -2.85 -10.60
CA GLY A 363 -32.99 -2.95 -9.33
C GLY A 363 -31.51 -2.82 -9.60
N LEU A 364 -31.05 -3.33 -10.75
CA LEU A 364 -29.62 -3.21 -11.14
C LEU A 364 -29.40 -1.83 -11.75
N ALA A 365 -30.48 -1.07 -11.97
CA ALA A 365 -30.37 0.28 -12.59
C ALA A 365 -29.62 0.13 -13.93
N SER A 366 -28.34 0.51 -13.95
CA SER A 366 -27.53 0.36 -15.19
C SER A 366 -26.13 -0.15 -14.81
N GLY A 367 -25.99 -0.69 -13.60
CA GLY A 367 -24.66 -1.17 -13.14
C GLY A 367 -24.78 -2.27 -12.09
N GLY A 368 -25.98 -2.83 -11.91
CA GLY A 368 -26.19 -3.86 -10.88
C GLY A 368 -25.71 -3.40 -9.52
N GLY A 369 -26.19 -2.25 -9.06
CA GLY A 369 -25.69 -1.69 -7.79
C GLY A 369 -24.18 -1.85 -7.71
N GLY A 370 -23.48 -1.52 -8.80
CA GLY A 370 -22.01 -1.73 -8.86
C GLY A 370 -21.29 -0.44 -9.17
N SER A 371 -21.25 0.50 -8.21
CA SER A 371 -20.64 1.82 -8.45
C SER A 371 -19.11 1.76 -8.27
N ASP A 372 -18.38 1.40 -9.33
CA ASP A 372 -16.89 1.38 -9.27
C ASP A 372 -16.34 2.14 -10.48
N PRO A 373 -16.58 3.46 -10.65
CA PRO A 373 -16.15 4.16 -11.86
C PRO A 373 -14.62 4.33 -11.92
N ALA A 374 -13.91 3.76 -10.95
CA ALA A 374 -12.44 3.92 -10.89
C ALA A 374 -12.11 5.41 -10.96
N SER A 375 -12.97 6.26 -10.40
CA SER A 375 -12.75 7.72 -10.43
C SER A 375 -11.65 8.08 -9.42
N ALA A 376 -10.59 7.26 -9.37
CA ALA A 376 -9.49 7.48 -8.40
C ALA A 376 -10.05 7.85 -7.02
N THR A 377 -11.01 7.07 -6.51
CA THR A 377 -11.54 7.32 -5.14
C THR A 377 -10.84 6.34 -4.19
N ARG A 378 -11.01 5.03 -4.42
CA ARG A 378 -10.31 4.01 -3.61
C ARG A 378 -8.90 3.84 -4.16
N LEU A 379 -8.08 4.89 -4.09
CA LEU A 379 -6.74 4.77 -4.70
C LEU A 379 -6.10 3.52 -4.10
N PRO A 380 -5.76 2.50 -4.88
CA PRO A 380 -5.07 1.35 -4.32
C PRO A 380 -3.59 1.56 -4.05
N SER A 381 -2.96 0.70 -3.24
CA SER A 381 -1.51 0.74 -3.01
C SER A 381 -1.10 2.18 -2.73
N VAL A 382 -0.08 2.71 -3.39
CA VAL A 382 0.55 3.98 -3.01
C VAL A 382 0.61 4.89 -4.23
N ALA A 383 1.22 6.05 -4.03
CA ALA A 383 1.43 7.03 -5.08
C ALA A 383 2.58 7.94 -4.67
N ASN A 384 2.93 8.88 -5.54
CA ASN A 384 4.00 9.83 -5.27
C ASN A 384 3.41 11.21 -5.06
N ALA A 385 4.05 11.99 -4.18
CA ALA A 385 3.54 13.31 -3.85
C ALA A 385 4.72 14.23 -3.56
N ILE A 386 4.43 15.53 -3.55
CA ILE A 386 5.43 16.57 -3.32
C ILE A 386 5.09 17.28 -2.01
N VAL A 387 6.07 17.36 -1.11
CA VAL A 387 5.88 18.03 0.16
C VAL A 387 5.75 19.53 -0.07
N THR A 388 4.80 20.15 0.63
CA THR A 388 4.55 21.60 0.42
C THR A 388 4.69 22.36 1.74
N ASP A 389 4.17 21.79 2.84
CA ASP A 389 4.21 22.50 4.15
C ASP A 389 4.66 21.54 5.24
N VAL A 390 5.62 21.97 6.08
CA VAL A 390 6.18 21.10 7.17
C VAL A 390 6.10 21.87 8.49
N GLN A 391 5.23 22.88 8.59
CA GLN A 391 5.17 23.71 9.83
C GLN A 391 4.91 22.81 11.04
N ASP A 392 3.85 21.99 11.00
CA ASP A 392 3.53 21.03 12.09
C ASP A 392 3.29 21.77 13.42
N PRO A 393 2.05 22.21 13.73
CA PRO A 393 1.72 22.84 15.01
C PRO A 393 1.86 21.89 16.18
N LEU A 394 2.42 20.70 15.93
CA LEU A 394 2.63 19.70 16.97
C LEU A 394 4.05 19.18 17.06
N LYS A 395 4.92 19.53 16.10
CA LYS A 395 6.33 19.13 16.12
C LYS A 395 6.50 17.61 16.19
N GLN A 396 5.67 16.89 15.44
CA GLN A 396 5.77 15.44 15.33
C GLN A 396 6.16 14.99 13.93
N GLY A 397 6.67 15.89 13.10
CA GLY A 397 7.05 15.57 11.75
C GLY A 397 5.93 15.56 10.75
N ARG A 398 4.73 15.95 11.14
CA ARG A 398 3.60 15.97 10.21
C ARG A 398 3.86 16.95 9.08
N VAL A 399 3.37 16.62 7.90
CA VAL A 399 3.70 17.33 6.66
C VAL A 399 2.46 17.41 5.77
N LYS A 400 2.28 18.57 5.14
CA LYS A 400 1.24 18.73 4.13
C LYS A 400 1.71 18.18 2.79
N LEU A 401 0.81 17.51 2.07
CA LEU A 401 1.15 16.76 0.87
C LEU A 401 0.45 17.36 -0.34
N GLN A 402 1.20 17.56 -1.41
CA GLN A 402 0.64 17.99 -2.69
C GLN A 402 0.79 16.87 -3.71
N PHE A 403 -0.32 16.52 -4.37
CA PHE A 403 -0.30 15.47 -5.37
C PHE A 403 -0.16 16.08 -6.75
N PRO A 404 0.85 15.68 -7.54
CA PRO A 404 1.07 16.32 -8.84
C PRO A 404 0.27 15.73 -9.99
N TRP A 405 -0.36 14.58 -9.80
CA TRP A 405 -1.17 13.96 -10.85
C TRP A 405 -2.66 14.14 -10.64
N LEU A 406 -3.08 14.93 -9.65
CA LEU A 406 -4.49 15.09 -9.33
C LEU A 406 -4.97 16.52 -9.56
N ASP A 407 -4.33 17.51 -8.94
CA ASP A 407 -4.72 18.90 -9.13
C ASP A 407 -3.53 19.78 -8.79
N ASP A 408 -3.55 21.00 -9.35
CA ASP A 408 -2.51 21.99 -9.10
C ASP A 408 -2.85 22.93 -7.96
N THR A 409 -3.98 22.72 -7.28
CA THR A 409 -4.36 23.58 -6.16
C THR A 409 -4.75 22.76 -4.93
N TYR A 410 -4.61 21.44 -4.96
CA TYR A 410 -4.93 20.58 -3.83
C TYR A 410 -3.65 20.32 -3.06
N VAL A 411 -3.62 20.71 -1.78
CA VAL A 411 -2.43 20.56 -0.95
C VAL A 411 -2.71 19.77 0.32
N SER A 412 -3.91 19.23 0.49
CA SER A 412 -4.23 18.28 1.57
C SER A 412 -3.99 18.85 2.96
N ASP A 413 -4.20 18.01 3.97
CA ASP A 413 -3.96 18.35 5.36
C ASP A 413 -2.73 17.59 5.87
N TRP A 414 -2.46 17.72 7.16
CA TRP A 414 -1.29 17.08 7.75
C TRP A 414 -1.40 15.56 7.64
N ALA A 415 -0.26 14.92 7.40
CA ALA A 415 -0.16 13.47 7.31
C ALA A 415 0.89 12.98 8.29
N ARG A 416 0.53 11.97 9.08
CA ARG A 416 1.44 11.42 10.08
C ARG A 416 2.43 10.50 9.38
N SER A 417 3.63 11.03 9.09
CA SER A 417 4.65 10.24 8.42
C SER A 417 5.12 9.12 9.33
N VAL A 418 5.28 7.93 8.76
CA VAL A 418 5.80 6.81 9.53
C VAL A 418 7.27 7.06 9.86
N GLN A 419 7.63 6.86 11.12
CA GLN A 419 8.98 7.11 11.59
C GLN A 419 9.49 5.86 12.29
N MET A 420 10.78 5.57 12.12
CA MET A 420 11.34 4.33 12.62
C MET A 420 11.65 4.44 14.11
N GLY A 421 10.64 4.87 14.88
CA GLY A 421 10.77 4.97 16.32
C GLY A 421 9.76 4.12 17.04
N GLY A 422 9.08 4.68 18.04
CA GLY A 422 8.11 3.93 18.79
C GLY A 422 7.16 4.79 19.59
N VAL A 423 6.77 4.33 20.78
CA VAL A 423 5.78 5.01 21.60
C VAL A 423 6.43 5.98 22.59
N ALA A 424 7.55 5.59 23.19
CA ALA A 424 8.20 6.39 24.21
C ALA A 424 9.32 7.28 23.66
N GLY A 425 9.31 7.53 22.35
CA GLY A 425 10.34 8.35 21.75
C GLY A 425 11.10 7.62 20.67
N GLY A 426 11.38 8.29 19.56
CA GLY A 426 12.10 7.68 18.46
C GLY A 426 12.71 8.72 17.56
N GLY A 427 13.71 8.30 16.79
CA GLY A 427 14.39 9.21 15.90
C GLY A 427 13.45 9.77 14.84
N ILE A 428 13.66 11.05 14.53
CA ILE A 428 12.83 11.77 13.58
C ILE A 428 13.70 12.21 12.41
N PHE A 429 13.22 11.97 11.20
CA PHE A 429 13.88 12.43 9.97
C PHE A 429 12.92 13.34 9.23
N PRO A 430 12.91 14.63 9.55
CA PRO A 430 12.01 15.56 8.84
C PRO A 430 12.41 15.73 7.38
N MET A 431 11.42 16.05 6.56
CA MET A 431 11.63 16.27 5.13
C MET A 431 11.63 17.76 4.82
N ASP A 432 12.37 18.14 3.79
CA ASP A 432 12.45 19.52 3.36
C ASP A 432 11.15 19.94 2.69
N VAL A 433 11.13 21.18 2.18
CA VAL A 433 9.90 21.75 1.62
C VAL A 433 9.71 21.40 0.15
N GLY A 434 10.62 20.66 -0.46
CA GLY A 434 10.50 20.34 -1.87
C GLY A 434 10.83 18.91 -2.23
N ASP A 435 10.58 17.99 -1.31
CA ASP A 435 10.90 16.59 -1.54
C ASP A 435 9.89 15.94 -2.49
N GLU A 436 10.17 14.68 -2.83
CA GLU A 436 9.22 13.81 -3.51
C GLU A 436 9.12 12.54 -2.67
N VAL A 437 7.99 12.36 -2.01
CA VAL A 437 7.82 11.26 -1.07
C VAL A 437 6.80 10.27 -1.61
N LEU A 438 6.83 9.07 -1.05
CA LEU A 438 5.92 8.00 -1.41
C LEU A 438 4.83 7.92 -0.34
N VAL A 439 3.58 8.06 -0.74
CA VAL A 439 2.46 8.15 0.19
C VAL A 439 1.47 7.02 -0.08
N ALA A 440 1.08 6.32 0.98
CA ALA A 440 0.01 5.35 0.94
C ALA A 440 -1.30 6.07 1.31
N PHE A 441 -2.37 5.29 1.55
CA PHE A 441 -3.66 5.88 1.91
C PHE A 441 -4.35 4.98 2.92
N ASP A 442 -5.18 5.60 3.75
CA ASP A 442 -5.89 4.87 4.81
C ASP A 442 -7.12 4.20 4.20
N ARG A 443 -7.08 2.88 4.07
CA ARG A 443 -8.16 2.08 3.50
C ARG A 443 -8.54 2.55 2.10
N GLY A 444 -7.63 3.22 1.41
CA GLY A 444 -7.86 3.73 0.08
C GLY A 444 -8.45 5.12 0.02
N ALA A 445 -8.97 5.63 1.12
CA ALA A 445 -9.58 6.96 1.12
C ALA A 445 -8.51 8.03 0.91
N LEU A 446 -8.86 9.05 0.12
CA LEU A 446 -7.94 10.13 -0.16
C LEU A 446 -7.81 11.12 0.99
N ASP A 447 -8.77 11.14 1.91
CA ASP A 447 -8.78 12.14 2.96
C ASP A 447 -7.68 11.94 3.99
N HIS A 448 -7.06 10.76 4.03
CA HIS A 448 -6.07 10.41 5.05
C HIS A 448 -4.82 9.84 4.41
N PRO A 449 -4.00 10.68 3.77
CA PRO A 449 -2.72 10.20 3.26
C PRO A 449 -1.73 9.93 4.39
N PHE A 450 -0.80 9.01 4.12
CA PHE A 450 0.28 8.69 5.05
C PHE A 450 1.59 8.69 4.29
N VAL A 451 2.61 9.33 4.87
CA VAL A 451 3.92 9.42 4.24
C VAL A 451 4.76 8.23 4.68
N ILE A 452 5.31 7.52 3.70
CA ILE A 452 6.18 6.38 3.97
C ILE A 452 7.65 6.80 4.02
N GLY A 453 8.09 7.59 3.06
CA GLY A 453 9.45 8.08 3.07
C GLY A 453 9.78 8.78 1.78
N GLY A 454 10.91 9.50 1.80
CA GLY A 454 11.34 10.22 0.63
C GLY A 454 11.80 9.29 -0.48
N LEU A 455 11.62 9.74 -1.72
CA LEU A 455 12.00 8.98 -2.90
C LEU A 455 13.25 9.59 -3.53
N TYR A 456 13.80 8.88 -4.51
CA TYR A 456 14.96 9.32 -5.25
C TYR A 456 14.58 9.46 -6.72
N ASN A 457 14.86 10.63 -7.29
CA ASN A 457 14.51 10.92 -8.67
C ASN A 457 15.68 11.63 -9.32
N GLY A 458 15.47 12.11 -10.55
CA GLY A 458 16.47 12.96 -11.18
C GLY A 458 16.55 14.32 -10.53
N ARG A 459 17.72 14.94 -10.66
CA ARG A 459 18.01 16.26 -10.13
C ARG A 459 18.06 16.25 -8.60
N ASP A 460 17.78 15.11 -7.98
CA ASP A 460 18.01 14.90 -6.55
C ASP A 460 18.81 13.61 -6.40
N VAL A 461 20.12 13.72 -6.55
CA VAL A 461 21.01 12.58 -6.44
C VAL A 461 21.46 12.48 -4.99
N PRO A 462 21.83 11.29 -4.53
CA PRO A 462 22.38 11.18 -3.17
C PRO A 462 23.71 11.90 -3.06
N THR A 463 24.06 12.25 -1.82
CA THR A 463 25.32 12.94 -1.58
C THR A 463 26.50 12.12 -2.06
N LYS A 464 27.41 12.76 -2.77
CA LYS A 464 28.54 12.07 -3.36
C LYS A 464 29.43 11.47 -2.27
N SER A 465 29.95 10.28 -2.55
CA SER A 465 30.81 9.55 -1.63
C SER A 465 32.10 9.15 -2.35
N ASP A 466 33.15 8.92 -1.57
CA ASP A 466 34.45 8.55 -2.12
C ASP A 466 34.47 7.14 -2.67
N VAL A 467 33.64 6.25 -2.13
CA VAL A 467 33.62 4.85 -2.57
C VAL A 467 32.32 4.58 -3.31
N PRO A 468 32.32 3.76 -4.35
CA PRO A 468 31.11 3.51 -5.13
C PRO A 468 30.13 2.61 -4.37
N LEU A 469 28.88 2.63 -4.84
CA LEU A 469 27.82 1.85 -4.22
C LEU A 469 27.97 0.34 -4.44
N HIS A 470 28.69 -0.08 -5.48
CA HIS A 470 28.87 -1.50 -5.75
C HIS A 470 30.20 -1.72 -6.44
N ASP A 471 30.86 -2.83 -6.11
CA ASP A 471 32.18 -3.11 -6.65
C ASP A 471 32.45 -4.61 -6.59
N GLY A 472 33.21 -5.09 -7.55
CA GLY A 472 33.57 -6.48 -7.64
C GLY A 472 32.88 -7.19 -8.80
N LEU A 473 33.22 -8.48 -8.96
CA LEU A 473 32.57 -9.28 -9.98
C LEU A 473 31.24 -9.83 -9.46
N LYS A 474 31.27 -10.49 -8.30
CA LYS A 474 30.01 -10.83 -7.63
C LYS A 474 29.25 -9.58 -7.23
N LYS A 475 29.98 -8.51 -6.89
CA LYS A 475 29.46 -7.16 -6.69
C LYS A 475 28.19 -7.14 -5.84
N LYS A 476 28.39 -7.59 -4.59
CA LYS A 476 27.40 -7.44 -3.55
C LYS A 476 27.38 -5.98 -3.06
N ALA A 477 26.51 -5.70 -2.10
CA ALA A 477 26.50 -4.36 -1.51
C ALA A 477 27.79 -4.12 -0.74
N VAL A 478 28.37 -2.93 -0.94
CA VAL A 478 29.68 -2.63 -0.36
C VAL A 478 29.56 -1.51 0.67
N ARG A 479 28.62 -0.59 0.46
CA ARG A 479 28.46 0.56 1.34
C ARG A 479 27.02 0.68 1.79
N HIS A 480 26.83 0.99 3.06
CA HIS A 480 25.51 1.20 3.67
C HIS A 480 25.56 2.56 4.37
N THR A 481 25.12 3.60 3.68
CA THR A 481 25.27 4.97 4.15
C THR A 481 24.01 5.45 4.85
N LEU A 482 24.18 6.06 6.02
CA LEU A 482 23.15 6.84 6.68
C LEU A 482 23.64 8.27 6.82
N SER A 483 22.86 9.22 6.31
CA SER A 483 23.35 10.59 6.25
C SER A 483 22.19 11.57 6.32
N ASP A 484 22.51 12.81 6.68
CA ASP A 484 21.62 13.94 6.63
C ASP A 484 21.55 14.45 5.19
N ARG A 485 20.66 15.41 4.94
CA ARG A 485 20.65 16.09 3.64
C ARG A 485 22.01 16.68 3.32
N GLN A 486 22.76 17.10 4.35
CA GLN A 486 24.10 17.63 4.17
C GLN A 486 25.13 16.53 4.32
N GLY A 487 26.41 16.90 4.45
CA GLY A 487 27.47 15.93 4.40
C GLY A 487 27.70 15.12 5.67
N ASN A 488 26.97 15.40 6.73
CA ASN A 488 27.11 14.62 7.96
C ASN A 488 26.64 13.19 7.72
N ARG A 489 27.53 12.22 7.95
CA ARG A 489 27.28 10.84 7.53
C ARG A 489 27.65 9.87 8.64
N VAL A 490 27.06 8.67 8.54
CA VAL A 490 27.48 7.51 9.31
C VAL A 490 27.55 6.34 8.34
N ASP A 491 28.74 6.04 7.84
CA ASP A 491 28.91 5.02 6.83
C ASP A 491 29.29 3.68 7.45
N LEU A 492 28.70 2.61 6.91
CA LEU A 492 28.97 1.25 7.36
C LEU A 492 29.41 0.46 6.13
N LEU A 493 30.70 0.50 5.84
CA LEU A 493 31.20 0.05 4.55
C LEU A 493 32.04 -1.22 4.68
N SER A 494 31.99 -2.07 3.65
CA SER A 494 32.67 -3.35 3.67
C SER A 494 33.06 -3.72 2.24
N GLN A 495 34.36 -3.72 1.96
CA GLN A 495 34.86 -3.97 0.61
C GLN A 495 35.92 -5.07 0.65
N ARG A 496 36.07 -5.74 -0.50
CA ARG A 496 37.11 -6.75 -0.69
C ARG A 496 38.07 -6.46 -1.83
N THR A 497 37.73 -5.56 -2.76
CA THR A 497 38.60 -5.24 -3.89
C THR A 497 38.88 -3.75 -3.90
N GLY A 498 39.68 -3.32 -4.88
CA GLY A 498 40.03 -1.91 -4.99
C GLY A 498 40.82 -1.45 -3.78
N GLY A 499 40.37 -0.35 -3.17
CA GLY A 499 41.02 0.17 -1.99
C GLY A 499 40.87 -0.69 -0.76
N ARG A 500 39.96 -1.68 -0.79
CA ARG A 500 39.74 -2.61 0.31
C ARG A 500 39.38 -1.87 1.60
N LYS A 501 38.55 -0.84 1.47
CA LYS A 501 38.11 -0.10 2.65
C LYS A 501 37.06 -0.92 3.39
N GLN A 502 37.26 -1.09 4.70
CA GLN A 502 36.34 -1.86 5.53
C GLN A 502 36.13 -1.11 6.84
N GLY A 503 34.97 -1.37 7.45
CA GLY A 503 34.69 -0.85 8.77
C GLY A 503 33.58 0.18 8.85
N VAL A 504 33.75 1.11 9.79
CA VAL A 504 32.76 2.13 10.10
C VAL A 504 33.40 3.50 9.95
N ARG A 505 32.64 4.45 9.44
CA ARG A 505 33.13 5.81 9.25
C ARG A 505 32.11 6.79 9.80
N ILE A 506 32.59 7.83 10.48
CA ILE A 506 31.76 8.94 10.93
C ILE A 506 32.40 10.21 10.42
N ALA A 507 31.68 10.95 9.58
CA ALA A 507 32.22 12.14 8.93
C ALA A 507 31.25 13.30 9.09
N SER A 508 31.83 14.50 9.15
CA SER A 508 31.07 15.73 9.37
C SER A 508 30.76 16.47 8.09
N GLY A 509 31.03 15.89 6.93
CA GLY A 509 30.76 16.52 5.65
C GLY A 509 31.90 17.33 5.09
N ASN A 510 32.69 17.99 5.94
CA ASN A 510 33.87 18.69 5.46
C ASN A 510 35.07 17.76 5.33
N ASP A 511 34.90 16.47 5.63
CA ASP A 511 35.96 15.46 5.59
C ASP A 511 37.11 15.82 6.54
N LYS A 512 36.87 16.74 7.47
CA LYS A 512 37.87 17.09 8.48
C LYS A 512 37.69 16.25 9.72
N LEU A 513 36.51 16.28 10.34
CA LEU A 513 36.24 15.53 11.56
C LEU A 513 35.79 14.11 11.22
N THR A 514 36.70 13.14 11.32
CA THR A 514 36.42 11.78 10.90
C THR A 514 36.82 10.80 11.98
N ILE A 515 35.95 9.83 12.23
CA ILE A 515 36.23 8.70 13.10
C ILE A 515 36.18 7.45 12.24
N ASN A 516 37.33 6.80 12.08
CA ASN A 516 37.47 5.63 11.21
C ASN A 516 37.73 4.40 12.08
N LEU A 517 36.73 3.52 12.17
CA LEU A 517 36.92 2.18 12.71
C LEU A 517 37.31 1.31 11.52
N ASP A 518 38.60 1.25 11.23
CA ASP A 518 39.09 0.60 10.02
C ASP A 518 39.48 -0.84 10.33
N ARG A 519 38.87 -1.78 9.61
CA ARG A 519 39.08 -3.20 9.85
C ARG A 519 40.06 -3.84 8.87
N THR A 520 40.25 -3.26 7.68
CA THR A 520 41.20 -3.82 6.73
C THR A 520 42.60 -3.87 7.33
N LYS A 521 43.02 -2.79 7.97
CA LYS A 521 44.11 -2.80 8.94
C LYS A 521 43.52 -2.39 10.28
N THR A 522 43.71 -3.24 11.29
CA THR A 522 42.98 -3.04 12.54
C THR A 522 43.41 -1.72 13.18
N GLU A 523 42.53 -0.72 13.11
CA GLU A 523 42.94 0.62 13.51
C GLU A 523 41.72 1.45 13.88
N ILE A 524 41.93 2.37 14.83
CA ILE A 524 40.97 3.41 15.14
C ILE A 524 41.66 4.74 14.85
N THR A 525 41.09 5.52 13.94
CA THR A 525 41.65 6.80 13.53
C THR A 525 40.69 7.90 13.95
N VAL A 526 41.19 8.85 14.74
CA VAL A 526 40.40 10.01 15.10
C VAL A 526 41.05 11.25 14.50
N ASP A 527 40.64 11.60 13.29
CA ASP A 527 41.25 12.71 12.55
C ASP A 527 40.37 13.94 12.66
N SER A 528 41.00 15.10 12.73
CA SER A 528 40.27 16.35 12.83
C SER A 528 41.17 17.49 12.43
N LYS A 529 40.73 18.30 11.47
CA LYS A 529 41.46 19.51 11.11
C LYS A 529 41.10 20.62 12.06
N GLY A 530 41.25 20.37 13.35
CA GLY A 530 40.88 21.35 14.35
C GLY A 530 41.22 20.86 15.73
N SER A 531 40.62 21.50 16.74
CA SER A 531 40.88 21.16 18.11
C SER A 531 40.33 19.78 18.46
N VAL A 532 40.95 19.14 19.45
CA VAL A 532 40.47 17.89 20.01
C VAL A 532 40.38 18.06 21.53
N SER A 533 39.44 17.37 22.14
CA SER A 533 39.22 17.50 23.58
C SER A 533 38.65 16.18 24.11
N ILE A 534 39.45 15.45 24.87
CA ILE A 534 39.01 14.25 25.57
C ILE A 534 39.00 14.57 27.06
N THR A 535 37.84 14.48 27.68
CA THR A 535 37.67 14.90 29.06
C THR A 535 36.92 13.84 29.86
N GLY A 536 37.16 13.83 31.17
CA GLY A 536 36.47 12.94 32.07
C GLY A 536 36.08 13.68 33.35
N SER A 537 35.44 12.94 34.26
CA SER A 537 35.00 13.51 35.53
C SER A 537 35.68 12.88 36.72
N ARG A 538 35.62 11.54 36.84
CA ARG A 538 36.19 10.85 38.00
C ARG A 538 37.50 10.14 37.70
N SER A 539 37.77 9.80 36.44
CA SER A 539 39.05 9.25 36.06
C SER A 539 39.31 9.59 34.59
N VAL A 540 40.58 9.56 34.21
CA VAL A 540 41.00 9.95 32.89
C VAL A 540 41.30 8.67 32.10
N SER A 541 41.43 8.80 30.78
CA SER A 541 41.75 7.68 29.91
C SER A 541 42.94 6.89 30.44
N VAL A 542 42.71 5.63 30.77
CA VAL A 542 43.80 4.74 31.21
C VAL A 542 44.38 4.14 29.94
N ASP A 543 45.30 4.89 29.33
CA ASP A 543 45.87 4.48 28.07
C ASP A 543 46.80 3.27 28.27
N ALA A 544 46.79 2.38 27.28
CA ALA A 544 47.56 1.14 27.37
C ALA A 544 47.87 0.65 25.96
N GLY A 545 48.61 -0.45 25.90
CA GLY A 545 49.03 -1.02 24.64
C GLY A 545 50.46 -1.52 24.68
N THR A 546 51.20 -1.39 23.58
CA THR A 546 52.59 -1.79 23.54
C THR A 546 53.54 -0.77 22.93
N ASP A 547 53.04 0.31 22.34
CA ASP A 547 53.91 1.32 21.75
C ASP A 547 53.19 2.66 21.79
N LEU A 548 53.52 3.48 22.79
CA LEU A 548 52.86 4.76 22.99
C LEU A 548 53.74 5.89 22.47
N SER A 549 53.12 6.90 21.88
CA SER A 549 53.84 8.06 21.36
C SER A 549 52.98 9.30 21.54
N LEU A 550 53.60 10.37 22.04
CA LEU A 550 52.95 11.66 22.24
C LEU A 550 53.84 12.73 21.62
N SER A 551 53.63 12.99 20.33
CA SER A 551 54.48 13.90 19.56
C SER A 551 53.62 15.01 18.97
N ALA A 552 53.52 16.12 19.70
CA ALA A 552 52.81 17.31 19.26
C ALA A 552 53.80 18.46 19.16
N ARG A 553 53.79 19.15 18.02
CA ARG A 553 54.80 20.16 17.74
C ARG A 553 54.51 21.45 18.48
N ARG A 554 55.59 22.20 18.77
CA ARG A 554 55.55 23.60 19.15
C ARG A 554 55.05 23.81 20.58
N SER A 555 54.51 22.77 21.20
CA SER A 555 54.03 22.91 22.58
C SER A 555 53.70 21.55 23.15
N LEU A 556 53.98 21.40 24.45
CA LEU A 556 53.58 20.19 25.19
C LEU A 556 53.59 20.56 26.66
N THR A 557 52.41 20.61 27.27
CA THR A 557 52.26 21.01 28.67
C THR A 557 51.65 19.84 29.45
N ILE A 558 52.33 19.43 30.52
CA ILE A 558 51.85 18.38 31.41
C ILE A 558 51.63 19.00 32.78
N LYS A 559 50.41 18.93 33.28
CA LYS A 559 50.06 19.50 34.57
C LYS A 559 49.34 18.45 35.40
N SER A 560 49.56 18.51 36.71
CA SER A 560 48.95 17.55 37.63
C SER A 560 48.03 18.21 38.65
N GLY A 561 48.50 19.24 39.34
CA GLY A 561 47.74 19.74 40.48
C GLY A 561 47.70 18.80 41.65
N GLY A 562 48.52 17.75 41.62
CA GLY A 562 48.56 16.75 42.67
C GLY A 562 49.79 15.88 42.50
N PRO A 563 49.80 14.72 43.13
CA PRO A 563 50.96 13.82 43.00
C PRO A 563 51.19 13.43 41.55
N LEU A 564 52.46 13.39 41.16
CA LEU A 564 52.88 12.98 39.83
C LEU A 564 53.94 11.90 39.97
N SER A 565 53.84 10.87 39.13
CA SER A 565 54.75 9.75 39.21
C SER A 565 55.12 9.28 37.80
N ILE A 566 56.41 9.03 37.59
CA ILE A 566 56.90 8.42 36.35
C ILE A 566 57.64 7.17 36.78
N GLN A 567 56.93 6.04 36.81
CA GLN A 567 57.53 4.79 37.29
C GLN A 567 58.63 4.30 36.35
N GLY A 568 58.43 4.43 35.04
CA GLY A 568 59.43 4.02 34.08
C GLY A 568 59.62 2.52 34.04
N GLY A 569 60.78 2.05 34.50
CA GLY A 569 61.13 0.64 34.49
C GLY A 569 62.40 0.33 33.72
N SER A 570 62.88 1.24 32.88
CA SER A 570 64.10 1.03 32.11
C SER A 570 64.74 2.40 31.88
N THR A 571 65.64 2.47 30.90
CA THR A 571 66.35 3.71 30.60
C THR A 571 65.38 4.83 30.28
N ILE A 572 65.66 6.01 30.83
CA ILE A 572 64.86 7.21 30.59
C ILE A 572 65.78 8.22 29.93
N ASN A 573 65.78 8.26 28.61
CA ASN A 573 66.61 9.18 27.84
C ASN A 573 65.87 10.51 27.74
N MET A 574 66.20 11.44 28.62
CA MET A 574 65.55 12.74 28.66
C MET A 574 66.42 13.74 27.91
N ARG A 575 66.35 13.69 26.58
CA ARG A 575 67.11 14.60 25.75
C ARG A 575 66.58 16.03 25.91
N SER A 576 67.33 16.98 25.37
CA SER A 576 66.96 18.39 25.46
C SER A 576 67.68 19.18 24.39
N GLY A 577 67.18 20.39 24.14
CA GLY A 577 67.87 21.34 23.28
C GLY A 577 67.88 22.73 23.86
N GLY A 578 69.06 23.27 24.14
CA GLY A 578 69.15 24.63 24.66
C GLY A 578 69.05 24.80 26.16
N LEU A 579 67.95 24.34 26.77
CA LEU A 579 67.73 24.55 28.19
C LEU A 579 66.95 23.36 28.77
N VAL A 580 67.43 22.87 29.91
CA VAL A 580 66.69 21.88 30.69
C VAL A 580 66.84 22.21 32.18
N GLY A 581 65.79 22.77 32.77
CA GLY A 581 65.86 23.21 34.14
C GLY A 581 64.82 22.60 35.05
N VAL A 582 65.27 21.81 36.03
CA VAL A 582 64.37 21.22 37.02
C VAL A 582 64.28 22.21 38.18
N ASN A 583 63.38 23.20 38.05
CA ASN A 583 63.20 24.22 39.09
C ASN A 583 62.27 23.68 40.16
N ALA A 584 62.84 22.87 41.05
CA ALA A 584 62.09 22.22 42.12
C ALA A 584 61.80 23.24 43.21
N GLY A 585 60.51 23.51 43.42
CA GLY A 585 60.12 24.42 44.49
C GLY A 585 60.42 23.86 45.87
N GLY A 586 60.23 22.55 46.03
CA GLY A 586 60.46 21.89 47.29
C GLY A 586 61.82 21.21 47.37
N ALA A 587 61.91 20.17 48.20
CA ALA A 587 63.20 19.46 48.42
C ALA A 587 63.56 18.56 47.23
N LEU A 588 64.65 18.86 46.52
CA LEU A 588 65.09 17.98 45.41
C LEU A 588 65.91 16.84 45.98
N ASN A 589 66.04 15.74 45.24
CA ASN A 589 66.77 14.56 45.74
C ASN A 589 67.04 13.65 44.55
N LEU A 590 68.31 13.26 44.35
CA LEU A 590 68.67 12.33 43.25
C LEU A 590 69.45 11.14 43.82
N GLY A 591 69.26 9.94 43.25
CA GLY A 591 69.98 8.73 43.71
C GLY A 591 70.37 7.85 42.53
N ALA A 592 71.30 6.90 42.72
CA ALA A 592 71.77 6.09 41.59
C ALA A 592 72.22 4.69 42.03
N GLY A 593 71.80 3.64 41.31
CA GLY A 593 72.26 2.30 41.59
C GLY A 593 73.67 2.02 41.10
N GLY A 594 74.25 2.92 40.34
CA GLY A 594 75.61 2.79 39.86
C GLY A 594 76.39 4.07 40.03
N ALA A 595 76.97 4.57 38.94
CA ALA A 595 77.76 5.79 38.99
C ALA A 595 76.87 7.02 39.02
N ALA A 596 77.49 8.19 39.09
CA ALA A 596 76.78 9.47 39.07
C ALA A 596 77.68 10.50 38.42
N THR A 597 77.23 11.09 37.32
CA THR A 597 78.04 12.00 36.52
C THR A 597 77.27 13.29 36.30
N LEU A 598 77.96 14.42 36.48
CA LEU A 598 77.39 15.75 36.21
C LEU A 598 78.44 16.54 35.42
N SER A 599 78.38 16.42 34.11
CA SER A 599 79.31 17.11 33.22
C SER A 599 78.74 18.46 32.81
N ALA A 600 79.58 19.25 32.12
CA ALA A 600 79.19 20.56 31.62
C ALA A 600 80.19 20.97 30.55
N GLY A 601 79.88 22.08 29.88
CA GLY A 601 80.77 22.61 28.87
C GLY A 601 81.27 24.00 29.18
N ALA A 602 80.47 24.80 29.90
CA ALA A 602 80.84 26.17 30.20
C ALA A 602 81.36 26.31 31.64
N ALA A 603 80.54 25.94 32.62
CA ALA A 603 80.91 26.13 34.02
C ALA A 603 79.98 25.29 34.89
N THR A 604 80.57 24.47 35.75
CA THR A 604 79.82 23.71 36.75
C THR A 604 79.84 24.49 38.06
N THR A 605 78.67 24.69 38.65
CA THR A 605 78.53 25.47 39.87
C THR A 605 77.71 24.69 40.88
N ILE A 606 78.20 24.60 42.11
CA ILE A 606 77.44 24.05 43.22
C ILE A 606 77.17 25.18 44.20
N SER A 607 75.91 25.43 44.49
CA SER A 607 75.51 26.58 45.29
C SER A 607 74.64 26.12 46.47
N GLY A 608 74.07 27.11 47.16
CA GLY A 608 73.25 26.84 48.34
C GLY A 608 73.74 27.62 49.54
N THR A 609 72.85 28.40 50.15
CA THR A 609 73.23 29.24 51.28
C THR A 609 73.26 28.43 52.57
N VAL A 610 73.96 27.30 52.55
CA VAL A 610 74.02 26.37 53.66
C VAL A 610 75.35 25.63 53.58
N ASN A 611 75.65 24.85 54.63
CA ASN A 611 76.89 24.08 54.67
C ASN A 611 76.82 22.96 53.63
N VAL A 612 77.58 23.12 52.54
CA VAL A 612 77.72 22.07 51.54
C VAL A 612 78.50 20.90 52.16
N GLN A 613 78.29 19.69 51.65
CA GLN A 613 78.94 18.51 52.29
C GLN A 613 79.28 17.42 51.28
N ILE A 614 80.56 16.98 51.25
CA ILE A 614 80.95 15.83 50.40
C ILE A 614 81.33 14.71 51.37
N ASN A 615 80.69 13.54 51.28
CA ASN A 615 80.92 12.54 52.36
C ASN A 615 81.15 11.13 51.82
N SER A 616 82.39 10.65 51.93
CA SER A 616 82.62 9.25 51.51
C SER A 616 84.05 8.79 51.81
N VAL A 617 84.30 7.48 51.74
CA VAL A 617 85.66 6.93 52.01
C VAL A 617 86.71 7.73 51.23
N MET A 618 86.46 7.99 49.94
CA MET A 618 87.48 8.68 49.11
C MET A 618 86.88 9.92 48.44
N THR A 619 87.59 11.05 48.49
CA THR A 619 87.12 12.29 47.80
C THR A 619 88.28 12.84 46.96
N ARG A 620 89.03 11.95 46.30
CA ARG A 620 90.20 12.36 45.48
C ARG A 620 89.75 13.35 44.39
N VAL A 621 90.59 14.34 44.06
CA VAL A 621 90.22 15.28 42.97
C VAL A 621 90.77 14.71 41.65
N ILE A 622 92.06 14.40 41.60
CA ILE A 622 92.68 13.88 40.35
C ILE A 622 92.16 14.73 39.17
N GLY A 623 92.15 16.05 39.33
CA GLY A 623 91.68 16.94 38.26
C GLY A 623 92.74 17.95 37.89
N ALA A 624 92.73 19.13 38.52
CA ALA A 624 93.78 20.14 38.28
C ALA A 624 93.89 21.08 39.48
N THR A 625 94.47 22.26 39.28
CA THR A 625 94.71 23.21 40.41
C THR A 625 93.47 23.29 41.33
N PHE A 626 93.68 23.18 42.64
CA PHE A 626 92.61 23.27 43.62
C PHE A 626 92.78 24.59 44.39
N GLU A 627 91.82 25.50 44.23
CA GLU A 627 91.90 26.84 44.78
C GLU A 627 90.83 27.03 45.85
N VAL A 628 91.25 27.43 47.05
CA VAL A 628 90.35 27.81 48.13
C VAL A 628 90.78 29.18 48.63
N LYS A 629 89.82 30.10 48.74
CA LYS A 629 90.09 31.48 49.08
C LYS A 629 89.81 31.80 50.55
N THR A 630 89.63 30.79 51.37
CA THR A 630 89.27 30.94 52.78
C THR A 630 90.11 29.97 53.61
N PRO A 631 90.25 30.22 54.90
CA PRO A 631 91.06 29.32 55.74
C PRO A 631 90.52 27.90 55.75
N ILE A 632 91.44 26.94 55.79
CA ILE A 632 91.12 25.51 55.85
C ILE A 632 91.34 25.04 57.29
N PHE A 633 90.39 24.26 57.80
CA PHE A 633 90.35 23.94 59.23
C PHE A 633 90.33 22.44 59.45
N LYS A 634 90.71 22.05 60.67
CA LYS A 634 90.55 20.70 61.20
C LYS A 634 91.30 19.65 60.38
N VAL A 635 92.42 20.03 59.79
CA VAL A 635 93.26 19.07 59.07
C VAL A 635 94.10 18.31 60.10
N ALA A 636 93.97 16.99 60.11
CA ALA A 636 94.63 16.19 61.14
C ALA A 636 96.14 16.20 60.99
N THR A 637 96.64 15.96 59.77
CA THR A 637 98.06 15.94 59.49
C THR A 637 98.41 17.06 58.53
N ILE A 638 99.59 17.65 58.72
CA ILE A 638 100.05 18.71 57.82
C ILE A 638 100.14 18.16 56.40
N PRO A 639 99.65 18.90 55.36
CA PRO A 639 99.63 18.37 53.99
C PRO A 639 100.92 17.63 53.62
N VAL A 640 100.79 16.36 53.22
CA VAL A 640 101.98 15.54 52.84
C VAL A 640 101.62 14.72 51.59
N PRO A 641 102.39 14.82 50.48
CA PRO A 641 102.13 14.00 49.29
C PRO A 641 102.33 12.52 49.61
N GLY A 642 101.48 11.66 49.04
CA GLY A 642 101.55 10.21 49.31
C GLY A 642 100.59 9.79 50.41
N VAL B 2 -46.37 -43.48 -12.25
CA VAL B 2 -45.60 -43.47 -13.50
C VAL B 2 -44.75 -42.21 -13.58
N ARG B 3 -44.25 -41.92 -14.79
CA ARG B 3 -43.40 -40.74 -14.94
C ARG B 3 -44.21 -39.45 -14.86
N PRO B 4 -45.29 -39.25 -15.65
CA PRO B 4 -46.11 -38.05 -15.45
C PRO B 4 -47.09 -38.23 -14.29
N SER B 5 -47.96 -37.26 -14.08
CA SER B 5 -48.88 -37.29 -12.95
C SER B 5 -50.31 -37.04 -13.43
N PHE B 6 -51.26 -37.69 -12.77
CA PHE B 6 -52.67 -37.44 -13.06
C PHE B 6 -53.16 -36.18 -12.35
N SER B 7 -53.06 -36.15 -11.03
CA SER B 7 -53.40 -34.98 -10.24
C SER B 7 -52.27 -34.70 -9.26
N SER B 8 -51.93 -33.43 -9.11
CA SER B 8 -50.83 -33.02 -8.25
C SER B 8 -51.32 -31.98 -7.25
N ILE B 9 -50.85 -32.10 -6.01
CA ILE B 9 -51.28 -31.24 -4.92
C ILE B 9 -50.05 -30.69 -4.20
N VAL B 10 -50.23 -29.57 -3.52
CA VAL B 10 -49.19 -28.97 -2.69
C VAL B 10 -49.70 -28.97 -1.25
N GLU B 11 -48.94 -29.60 -0.36
CA GLU B 11 -49.30 -29.66 1.06
C GLU B 11 -48.38 -28.73 1.83
N VAL B 12 -48.96 -27.74 2.49
CA VAL B 12 -48.22 -26.72 3.22
C VAL B 12 -48.73 -26.69 4.66
N LYS B 13 -47.81 -26.65 5.61
CA LYS B 13 -48.13 -26.54 7.02
C LYS B 13 -47.45 -25.30 7.57
N ILE B 14 -48.23 -24.43 8.20
CA ILE B 14 -47.75 -23.16 8.73
C ILE B 14 -47.86 -23.19 10.24
N GLY B 15 -46.75 -22.92 10.93
CA GLY B 15 -46.75 -22.91 12.37
C GLY B 15 -46.91 -24.27 13.01
N GLY B 16 -46.64 -25.34 12.27
CA GLY B 16 -46.79 -26.69 12.79
C GLY B 16 -48.18 -27.28 12.64
N ALA B 17 -49.18 -26.46 12.34
CA ALA B 17 -50.55 -26.93 12.14
C ALA B 17 -50.87 -26.97 10.65
N LYS B 18 -51.73 -27.92 10.29
CA LYS B 18 -52.13 -28.05 8.89
C LYS B 18 -52.89 -26.81 8.44
N LEU B 19 -52.78 -26.51 7.14
CA LEU B 19 -53.45 -25.34 6.58
C LEU B 19 -54.96 -25.48 6.78
N PRO B 20 -55.64 -24.46 7.30
CA PRO B 20 -57.07 -24.60 7.58
C PRO B 20 -57.87 -24.88 6.32
N ASP B 21 -58.98 -25.59 6.49
CA ASP B 21 -59.81 -25.97 5.36
C ASP B 21 -60.39 -24.75 4.64
N THR B 22 -60.78 -23.72 5.41
CA THR B 22 -61.31 -22.50 4.81
C THR B 22 -60.27 -21.70 4.05
N ILE B 23 -58.99 -22.03 4.20
CA ILE B 23 -57.93 -21.31 3.51
C ILE B 23 -57.30 -22.11 2.38
N ALA B 24 -57.41 -23.45 2.40
CA ALA B 24 -56.78 -24.25 1.36
C ALA B 24 -57.21 -23.89 -0.06
N PRO B 25 -58.50 -23.68 -0.37
CA PRO B 25 -58.84 -23.27 -1.74
C PRO B 25 -58.23 -21.93 -2.13
N MET B 26 -57.95 -21.06 -1.17
CA MET B 26 -57.41 -19.73 -1.49
C MET B 26 -56.02 -19.78 -2.08
N LEU B 27 -55.26 -20.85 -1.84
CA LEU B 27 -53.92 -20.97 -2.40
C LEU B 27 -53.99 -21.05 -3.91
N THR B 28 -53.15 -20.28 -4.58
CA THR B 28 -53.12 -20.24 -6.04
C THR B 28 -51.76 -20.64 -6.61
N ASP B 29 -50.67 -20.06 -6.10
CA ASP B 29 -49.35 -20.31 -6.66
C ASP B 29 -48.43 -20.94 -5.61
N GLY B 30 -47.77 -22.02 -6.00
CA GLY B 30 -46.78 -22.65 -5.16
C GLY B 30 -45.42 -22.73 -5.84
N TRP B 31 -44.45 -21.97 -5.35
CA TRP B 31 -43.14 -21.86 -5.99
C TRP B 31 -42.07 -22.21 -4.97
N VAL B 32 -41.23 -23.19 -5.31
CA VAL B 32 -40.10 -23.56 -4.46
C VAL B 32 -38.85 -23.57 -5.34
N ASP B 33 -37.79 -22.90 -4.87
CA ASP B 33 -36.51 -22.86 -5.58
C ASP B 33 -35.43 -23.36 -4.64
N GLN B 34 -34.82 -24.49 -4.97
CA GLN B 34 -33.77 -25.10 -4.17
C GLN B 34 -32.48 -25.13 -4.97
N GLY B 35 -31.35 -24.92 -4.29
CA GLY B 35 -30.08 -24.94 -4.97
C GLY B 35 -28.95 -25.21 -4.01
N VAL B 36 -27.75 -25.38 -4.58
CA VAL B 36 -26.54 -25.62 -3.78
C VAL B 36 -25.67 -24.39 -3.64
N ASN B 37 -26.10 -23.24 -4.18
CA ASN B 37 -25.34 -22.01 -4.07
C ASN B 37 -26.02 -20.95 -3.22
N VAL B 38 -27.36 -20.97 -3.15
CA VAL B 38 -28.12 -19.99 -2.38
C VAL B 38 -29.17 -20.73 -1.56
N PRO B 39 -29.63 -20.12 -0.47
CA PRO B 39 -30.70 -20.75 0.32
C PRO B 39 -31.97 -20.92 -0.49
N ALA B 40 -32.72 -21.97 -0.17
CA ALA B 40 -33.97 -22.25 -0.86
C ALA B 40 -35.03 -21.21 -0.52
N ALA B 41 -36.05 -21.13 -1.36
CA ALA B 41 -37.07 -20.10 -1.22
C ALA B 41 -38.45 -20.62 -1.55
N PHE B 42 -39.43 -20.20 -0.76
CA PHE B 42 -40.86 -20.34 -1.05
C PHE B 42 -41.38 -19.00 -1.54
N ARG B 43 -42.26 -19.03 -2.52
CA ARG B 43 -42.97 -17.85 -3.00
C ARG B 43 -44.47 -18.12 -3.02
N LEU B 44 -45.00 -18.62 -1.89
CA LEU B 44 -46.39 -19.05 -1.87
C LEU B 44 -47.31 -17.85 -2.09
N THR B 45 -48.39 -18.06 -2.83
CA THR B 45 -49.30 -16.97 -3.19
C THR B 45 -50.73 -17.44 -3.06
N PHE B 46 -51.45 -16.85 -2.10
CA PHE B 46 -52.87 -17.10 -1.90
C PHE B 46 -53.68 -16.00 -2.57
N ARG B 47 -54.94 -16.28 -2.84
CA ARG B 47 -55.86 -15.30 -3.39
C ARG B 47 -56.72 -14.75 -2.24
N ASP B 48 -56.57 -13.47 -1.96
CA ASP B 48 -57.25 -12.81 -0.84
C ASP B 48 -57.93 -11.56 -1.38
N PRO B 49 -59.11 -11.70 -2.00
CA PRO B 49 -59.77 -10.53 -2.60
C PRO B 49 -60.10 -9.43 -1.61
N TYR B 50 -60.47 -9.77 -0.38
CA TYR B 50 -60.87 -8.78 0.61
C TYR B 50 -59.76 -8.45 1.61
N HIS B 51 -58.55 -8.97 1.39
CA HIS B 51 -57.37 -8.61 2.19
C HIS B 51 -57.57 -8.91 3.68
N ARG B 52 -57.84 -10.19 3.96
CA ARG B 52 -58.10 -10.62 5.33
C ARG B 52 -57.39 -11.90 5.73
N LEU B 53 -56.56 -12.48 4.85
CA LEU B 53 -55.90 -13.74 5.18
C LEU B 53 -54.91 -13.56 6.33
N LEU B 54 -54.01 -12.57 6.21
CA LEU B 54 -52.97 -12.39 7.20
C LEU B 54 -53.52 -12.06 8.58
N GLY B 55 -54.74 -11.56 8.65
CA GLY B 55 -55.36 -11.29 9.95
C GLY B 55 -55.97 -12.49 10.62
N ASP B 56 -55.99 -13.65 9.96
CA ASP B 56 -56.57 -14.86 10.51
C ASP B 56 -55.56 -15.95 10.79
N LEU B 57 -54.61 -16.18 9.87
CA LEU B 57 -53.55 -17.13 10.12
C LEU B 57 -52.60 -16.66 11.21
N ASN B 58 -52.60 -15.37 11.53
CA ASN B 58 -51.68 -14.78 12.49
C ASN B 58 -50.23 -15.11 12.13
N VAL B 59 -49.92 -15.02 10.85
CA VAL B 59 -48.59 -15.35 10.36
C VAL B 59 -47.63 -14.22 10.71
N GLN B 60 -46.51 -14.57 11.31
CA GLN B 60 -45.46 -13.62 11.68
C GLN B 60 -44.14 -14.20 11.23
N PHE B 61 -43.36 -13.42 10.48
CA PHE B 61 -42.12 -13.95 9.92
C PHE B 61 -41.21 -14.43 11.04
N GLY B 62 -40.69 -15.64 10.88
CA GLY B 62 -40.06 -16.37 11.96
C GLY B 62 -40.82 -17.61 12.39
N THR B 63 -41.90 -17.95 11.70
CA THR B 63 -42.69 -19.14 12.00
C THR B 63 -42.28 -20.28 11.09
N LYS B 64 -42.23 -21.49 11.65
CA LYS B 64 -41.84 -22.66 10.88
C LYS B 64 -42.90 -23.02 9.86
N VAL B 65 -42.47 -23.33 8.65
CA VAL B 65 -43.36 -23.76 7.58
C VAL B 65 -42.75 -24.95 6.86
N VAL B 66 -43.58 -25.97 6.60
CA VAL B 66 -43.15 -27.19 5.95
C VAL B 66 -43.91 -27.30 4.63
N ILE B 67 -43.19 -27.53 3.54
CA ILE B 67 -43.81 -27.60 2.23
C ILE B 67 -43.45 -28.91 1.56
N THR B 68 -44.44 -29.53 0.89
CA THR B 68 -44.33 -30.82 0.24
C THR B 68 -45.13 -30.83 -1.06
N PRO B 69 -44.60 -31.44 -2.12
CA PRO B 69 -45.44 -31.74 -3.29
C PRO B 69 -45.97 -33.16 -3.22
N ILE B 70 -47.09 -33.42 -3.90
CA ILE B 70 -47.67 -34.76 -3.97
C ILE B 70 -48.09 -34.98 -5.42
N ALA B 71 -47.33 -35.81 -6.14
CA ALA B 71 -47.67 -36.22 -7.50
C ALA B 71 -47.97 -37.71 -7.46
N ASP B 72 -49.23 -38.07 -7.70
CA ASP B 72 -49.73 -39.44 -7.55
C ASP B 72 -49.48 -39.84 -6.10
N GLY B 73 -48.94 -41.02 -5.82
CA GLY B 73 -48.74 -41.45 -4.45
C GLY B 73 -47.29 -41.43 -4.00
N GLN B 74 -46.55 -40.41 -4.42
CA GLN B 74 -45.14 -40.27 -4.08
C GLN B 74 -44.94 -38.99 -3.28
N GLY B 75 -44.22 -39.09 -2.16
CA GLY B 75 -43.89 -37.93 -1.34
C GLY B 75 -44.90 -37.58 -0.28
N LYS B 76 -45.81 -38.50 0.07
CA LYS B 76 -46.82 -38.19 1.09
C LYS B 76 -46.19 -37.90 2.44
N ASN B 77 -45.19 -38.70 2.84
CA ASN B 77 -44.50 -38.50 4.11
C ASN B 77 -43.08 -37.98 3.92
N ASN B 78 -42.71 -37.48 2.74
CA ASN B 78 -41.33 -36.92 2.61
C ASN B 78 -41.38 -35.42 2.34
N PRO B 79 -41.14 -34.56 3.34
CA PRO B 79 -41.29 -33.13 3.13
C PRO B 79 -40.17 -32.65 2.19
N LEU B 80 -40.36 -31.50 1.56
CA LEU B 80 -39.37 -31.03 0.55
C LEU B 80 -38.51 -29.93 1.16
N LEU B 81 -39.09 -29.07 1.99
CA LEU B 81 -38.32 -27.91 2.51
C LEU B 81 -38.94 -27.37 3.79
N THR B 82 -38.31 -27.60 4.94
CA THR B 82 -38.80 -27.00 6.21
C THR B 82 -38.06 -25.67 6.38
N GLY B 83 -38.77 -24.54 6.35
CA GLY B 83 -38.07 -23.23 6.40
C GLY B 83 -38.75 -22.22 7.29
N GLU B 84 -38.48 -20.93 7.07
CA GLU B 84 -39.04 -19.87 7.89
C GLU B 84 -39.59 -18.76 7.00
N VAL B 85 -40.79 -18.29 7.33
CA VAL B 85 -41.36 -17.14 6.64
C VAL B 85 -40.49 -15.92 6.90
N THR B 86 -40.15 -15.19 5.85
CA THR B 86 -39.25 -14.05 5.96
C THR B 86 -39.91 -12.73 5.61
N GLY B 87 -40.54 -12.63 4.45
CA GLY B 87 -41.15 -11.38 4.04
C GLY B 87 -42.55 -11.60 3.49
N LEU B 88 -43.44 -10.69 3.84
CA LEU B 88 -44.80 -10.67 3.33
C LEU B 88 -44.89 -9.78 2.09
N GLU B 89 -45.96 -9.97 1.33
CA GLU B 89 -46.08 -9.32 0.03
C GLU B 89 -47.50 -9.38 -0.50
N THR B 90 -48.04 -8.25 -0.95
CA THR B 90 -49.37 -8.18 -1.53
C THR B 90 -49.29 -7.75 -2.98
N ASP B 91 -50.41 -7.86 -3.69
CA ASP B 91 -50.45 -7.54 -5.11
C ASP B 91 -51.88 -7.24 -5.54
N TYR B 92 -52.04 -6.15 -6.28
CA TYR B 92 -53.25 -5.88 -7.07
C TYR B 92 -52.77 -5.75 -8.50
N ASP B 93 -52.65 -6.87 -9.19
CA ASP B 93 -52.04 -6.93 -10.51
C ASP B 93 -53.06 -6.83 -11.63
N GLY B 94 -54.33 -6.63 -11.31
CA GLY B 94 -55.39 -6.62 -12.29
C GLY B 94 -56.00 -7.98 -12.57
N THR B 95 -55.42 -9.05 -12.03
CA THR B 95 -55.96 -10.40 -12.16
C THR B 95 -56.26 -11.02 -10.81
N GLY B 96 -56.45 -10.20 -9.78
CA GLY B 96 -56.74 -10.68 -8.45
C GLY B 96 -55.88 -10.01 -7.40
N SER B 97 -56.45 -9.86 -6.20
CA SER B 97 -55.73 -9.27 -5.07
C SER B 97 -55.03 -10.40 -4.31
N PHE B 98 -53.82 -10.74 -4.73
CA PHE B 98 -53.09 -11.86 -4.16
C PHE B 98 -52.24 -11.42 -2.98
N THR B 99 -52.11 -12.32 -2.01
CA THR B 99 -51.21 -12.14 -0.88
C THR B 99 -50.09 -13.17 -0.97
N VAL B 100 -48.85 -12.71 -0.96
CA VAL B 100 -47.68 -13.55 -1.17
C VAL B 100 -46.90 -13.66 0.12
N ILE B 101 -46.57 -14.90 0.49
CA ILE B 101 -45.72 -15.16 1.69
C ILE B 101 -44.40 -15.78 1.21
N ARG B 102 -43.30 -15.06 1.35
CA ARG B 102 -41.98 -15.49 0.93
C ARG B 102 -41.29 -16.15 2.12
N GLY B 103 -40.65 -17.29 1.86
CA GLY B 103 -39.93 -17.98 2.91
C GLY B 103 -38.54 -18.39 2.50
N TYR B 104 -37.62 -18.48 3.45
CA TYR B 104 -36.27 -18.90 3.16
C TYR B 104 -35.91 -20.13 4.01
N ASP B 105 -34.98 -20.92 3.47
CA ASP B 105 -34.52 -22.11 4.16
C ASP B 105 -33.81 -21.74 5.45
N TYR B 106 -33.65 -22.72 6.33
CA TYR B 106 -33.02 -22.48 7.64
C TYR B 106 -31.63 -21.91 7.51
N GLY B 107 -30.94 -22.14 6.38
CA GLY B 107 -29.62 -21.60 6.18
C GLY B 107 -29.58 -20.10 5.93
N HIS B 108 -30.73 -19.44 5.83
CA HIS B 108 -30.74 -18.01 5.57
C HIS B 108 -30.10 -17.24 6.73
N ARG B 109 -30.21 -17.77 7.95
CA ARG B 109 -29.59 -17.13 9.10
C ARG B 109 -28.10 -16.93 8.89
N LEU B 110 -27.44 -17.88 8.22
CA LEU B 110 -26.02 -17.73 7.92
C LEU B 110 -25.78 -16.50 7.06
N MET B 111 -26.62 -16.28 6.04
CA MET B 111 -26.51 -15.08 5.23
C MET B 111 -27.07 -13.85 5.95
N ARG B 112 -27.74 -14.04 7.08
CA ARG B 112 -28.31 -12.93 7.84
C ARG B 112 -27.30 -12.27 8.77
N GLN B 113 -26.29 -13.01 9.20
CA GLN B 113 -25.29 -12.51 10.14
C GLN B 113 -24.03 -12.11 9.40
N ARG B 114 -23.52 -10.91 9.71
CA ARG B 114 -22.24 -10.44 9.23
C ARG B 114 -21.26 -10.43 10.39
N ARG B 115 -20.14 -11.13 10.24
CA ARG B 115 -19.25 -11.42 11.35
C ARG B 115 -17.82 -11.01 11.02
N VAL B 116 -17.09 -10.69 12.09
CA VAL B 116 -15.64 -10.54 12.11
C VAL B 116 -15.09 -11.47 13.18
N ALA B 117 -14.11 -12.29 12.82
CA ALA B 117 -13.52 -13.21 13.78
C ALA B 117 -12.26 -13.82 13.16
N ALA B 118 -11.50 -14.50 13.99
CA ALA B 118 -10.32 -15.26 13.58
C ALA B 118 -10.37 -16.64 14.21
N TYR B 119 -10.15 -17.68 13.40
CA TYR B 119 -10.21 -19.06 13.85
C TYR B 119 -8.80 -19.63 13.86
N ARG B 120 -8.48 -20.35 14.93
CA ARG B 120 -7.10 -20.70 15.26
C ARG B 120 -6.94 -22.21 15.31
N ASN B 121 -6.11 -22.75 14.42
CA ASN B 121 -5.73 -24.16 14.39
C ASN B 121 -6.97 -25.06 14.39
N GLN B 122 -7.78 -24.89 13.34
CA GLN B 122 -9.00 -25.67 13.20
C GLN B 122 -9.20 -26.03 11.74
N LYS B 123 -9.71 -27.24 11.50
CA LYS B 123 -10.00 -27.68 10.15
C LYS B 123 -11.22 -26.95 9.60
N ALA B 124 -11.37 -26.98 8.28
CA ALA B 124 -12.50 -26.32 7.64
C ALA B 124 -13.82 -26.94 8.08
N SER B 125 -13.85 -28.26 8.22
CA SER B 125 -15.05 -28.93 8.73
C SER B 125 -15.36 -28.47 10.15
N ASP B 126 -14.33 -28.29 10.99
CA ASP B 126 -14.55 -27.76 12.32
C ASP B 126 -15.10 -26.34 12.27
N ILE B 127 -14.60 -25.54 11.34
CA ILE B 127 -15.11 -24.18 11.17
C ILE B 127 -16.59 -24.21 10.81
N ALA B 128 -16.96 -25.08 9.87
CA ALA B 128 -18.36 -25.20 9.48
C ALA B 128 -19.22 -25.66 10.65
N ARG B 129 -18.73 -26.63 11.41
CA ARG B 129 -19.50 -27.11 12.56
C ARG B 129 -19.72 -25.99 13.58
N LYS B 130 -18.67 -25.24 13.89
CA LYS B 130 -18.81 -24.17 14.87
C LYS B 130 -19.76 -23.08 14.37
N LEU B 131 -19.61 -22.69 13.10
CA LEU B 131 -20.48 -21.65 12.55
C LEU B 131 -21.93 -22.08 12.54
N VAL B 132 -22.21 -23.32 12.14
CA VAL B 132 -23.58 -23.80 12.09
C VAL B 132 -24.16 -23.92 13.50
N GLN B 133 -23.37 -24.44 14.45
CA GLN B 133 -23.88 -24.61 15.81
C GLN B 133 -24.18 -23.27 16.46
N MET B 134 -23.33 -22.27 16.23
CA MET B 134 -23.54 -20.97 16.86
C MET B 134 -24.81 -20.29 16.34
N ASP B 135 -25.17 -20.57 15.09
CA ASP B 135 -26.31 -19.91 14.45
C ASP B 135 -27.61 -20.70 14.60
N GLY B 136 -27.68 -21.62 15.56
CA GLY B 136 -28.92 -22.32 15.86
C GLY B 136 -29.47 -23.15 14.72
N VAL B 137 -28.61 -23.95 14.08
CA VAL B 137 -29.01 -24.84 12.99
C VAL B 137 -28.52 -26.24 13.34
N SER B 138 -29.42 -27.21 13.25
CA SER B 138 -29.03 -28.59 13.53
C SER B 138 -28.02 -29.08 12.51
N VAL B 139 -27.08 -29.89 12.97
CA VAL B 139 -25.97 -30.36 12.15
C VAL B 139 -26.28 -31.75 11.63
N GLY B 140 -26.16 -31.94 10.32
CA GLY B 140 -26.36 -33.24 9.70
C GLY B 140 -25.06 -34.00 9.60
N ARG B 141 -24.62 -34.29 8.38
CA ARG B 141 -23.35 -34.97 8.14
C ARG B 141 -22.34 -33.97 7.60
N ILE B 142 -21.16 -33.92 8.23
CA ILE B 142 -20.08 -33.05 7.82
C ILE B 142 -18.88 -33.91 7.44
N GLN B 143 -18.34 -33.67 6.25
CA GLN B 143 -17.21 -34.45 5.75
C GLN B 143 -15.91 -33.77 6.13
N PRO B 144 -15.00 -34.43 6.83
CA PRO B 144 -13.70 -33.82 7.13
C PRO B 144 -12.96 -33.43 5.86
N THR B 145 -12.29 -32.28 5.91
CA THR B 145 -11.62 -31.73 4.74
C THR B 145 -10.22 -32.30 4.61
N LYS B 146 -9.52 -31.88 3.55
CA LYS B 146 -8.22 -32.46 3.23
C LYS B 146 -7.16 -32.06 4.26
N GLY B 147 -7.07 -30.77 4.58
CA GLY B 147 -6.02 -30.31 5.45
C GLY B 147 -6.46 -29.14 6.31
N THR B 148 -5.66 -28.89 7.34
CA THR B 148 -5.93 -27.82 8.29
C THR B 148 -5.32 -26.50 7.82
N TYR B 149 -5.77 -25.41 8.43
CA TYR B 149 -5.25 -24.08 8.16
C TYR B 149 -4.67 -23.51 9.44
N ALA B 150 -3.77 -22.54 9.30
CA ALA B 150 -3.20 -21.92 10.50
C ALA B 150 -4.19 -20.93 11.10
N PHE B 151 -4.48 -19.84 10.41
CA PHE B 151 -5.55 -18.92 10.75
C PHE B 151 -6.44 -18.72 9.53
N ILE B 152 -7.72 -18.49 9.78
CA ILE B 152 -8.67 -18.10 8.75
C ILE B 152 -9.46 -16.92 9.30
N ALA B 153 -9.15 -15.72 8.83
CA ALA B 153 -9.84 -14.52 9.30
C ALA B 153 -11.20 -14.39 8.63
N GLN B 154 -12.15 -13.81 9.35
CA GLN B 154 -13.46 -13.51 8.80
C GLN B 154 -13.54 -12.02 8.53
N PRO B 155 -13.18 -11.58 7.32
CA PRO B 155 -12.99 -10.15 7.04
C PRO B 155 -14.31 -9.41 6.84
N ASN B 156 -15.11 -9.35 7.90
CA ASN B 156 -16.38 -8.63 7.92
C ASN B 156 -17.31 -9.12 6.81
N VAL B 157 -17.67 -10.41 6.90
CA VAL B 157 -18.41 -11.05 5.83
C VAL B 157 -19.58 -11.81 6.40
N THR B 158 -20.56 -12.10 5.54
CA THR B 158 -21.67 -12.94 5.93
C THR B 158 -21.19 -14.38 6.12
N ASP B 159 -21.78 -15.07 7.09
CA ASP B 159 -21.35 -16.43 7.38
C ASP B 159 -21.57 -17.35 6.19
N TRP B 160 -22.70 -17.20 5.49
CA TRP B 160 -22.99 -18.08 4.37
C TRP B 160 -21.96 -17.92 3.25
N ASP B 161 -21.57 -16.68 2.94
CA ASP B 161 -20.58 -16.46 1.89
C ASP B 161 -19.24 -17.06 2.28
N PHE B 162 -18.84 -16.90 3.54
CA PHE B 162 -17.58 -17.47 4.01
C PHE B 162 -17.59 -18.98 3.92
N LEU B 163 -18.68 -19.61 4.34
CA LEU B 163 -18.77 -21.07 4.26
C LEU B 163 -18.82 -21.55 2.83
N ALA B 164 -19.49 -20.79 1.94
CA ALA B 164 -19.49 -21.15 0.53
C ALA B 164 -18.10 -21.03 -0.08
N ARG B 165 -17.33 -20.02 0.34
CA ARG B 165 -15.95 -19.91 -0.13
C ARG B 165 -15.13 -21.11 0.33
N LEU B 166 -15.31 -21.54 1.58
CA LEU B 166 -14.61 -22.73 2.06
C LEU B 166 -15.02 -23.96 1.25
N ALA B 167 -16.32 -24.11 0.98
CA ALA B 167 -16.81 -25.26 0.24
C ALA B 167 -16.24 -25.27 -1.19
N ASP B 168 -16.19 -24.09 -1.82
CA ASP B 168 -15.60 -24.02 -3.15
C ASP B 168 -14.11 -24.35 -3.12
N GLU B 169 -13.42 -23.91 -2.06
CA GLU B 169 -12.00 -24.21 -1.94
C GLU B 169 -11.76 -25.70 -1.77
N ASN B 170 -12.62 -26.39 -1.01
CA ASN B 170 -12.42 -27.78 -0.69
C ASN B 170 -13.20 -28.74 -1.60
N LYS B 171 -13.74 -28.24 -2.72
CA LYS B 171 -14.57 -29.03 -3.62
C LYS B 171 -15.73 -29.66 -2.87
N MET B 172 -16.51 -28.80 -2.21
CA MET B 172 -17.56 -29.22 -1.30
C MET B 172 -18.82 -28.42 -1.62
N ILE B 173 -19.98 -28.95 -1.23
CA ILE B 173 -21.23 -28.23 -1.44
C ILE B 173 -21.99 -28.18 -0.12
N MET B 174 -22.77 -27.10 0.02
CA MET B 174 -23.53 -26.80 1.22
C MET B 174 -25.02 -27.11 1.08
N TYR B 175 -25.36 -28.21 0.42
CA TYR B 175 -26.75 -28.60 0.26
C TYR B 175 -27.43 -28.75 1.62
N LEU B 176 -28.64 -28.19 1.75
CA LEU B 176 -29.45 -28.38 2.94
C LEU B 176 -30.59 -29.33 2.63
N ASP B 177 -30.71 -30.38 3.44
CA ASP B 177 -31.67 -31.45 3.17
C ASP B 177 -33.09 -30.99 3.45
N SER B 178 -34.03 -31.92 3.28
CA SER B 178 -35.45 -31.62 3.46
C SER B 178 -35.76 -31.22 4.90
N LYS B 179 -35.21 -31.94 5.87
CA LYS B 179 -35.52 -31.66 7.27
C LYS B 179 -34.92 -30.36 7.76
N GLY B 180 -34.05 -29.72 6.98
CA GLY B 180 -33.40 -28.51 7.42
C GLY B 180 -32.10 -28.72 8.16
N LYS B 181 -31.51 -29.90 8.04
CA LYS B 181 -30.25 -30.22 8.71
C LYS B 181 -29.10 -29.87 7.79
N PHE B 182 -28.23 -28.97 8.26
CA PHE B 182 -27.07 -28.56 7.48
C PHE B 182 -26.16 -29.74 7.21
N ARG B 183 -25.68 -29.85 5.97
CA ARG B 183 -24.66 -30.84 5.65
C ARG B 183 -23.66 -30.23 4.68
N PHE B 184 -22.43 -30.73 4.77
CA PHE B 184 -21.27 -30.21 4.05
C PHE B 184 -20.68 -31.40 3.31
N VAL B 185 -21.10 -31.62 2.06
CA VAL B 185 -20.90 -32.91 1.43
C VAL B 185 -20.16 -32.77 0.11
N THR B 186 -19.41 -33.80 -0.24
CA THR B 186 -18.79 -33.87 -1.55
C THR B 186 -19.86 -34.14 -2.61
N PRO B 187 -19.68 -33.65 -3.83
CA PRO B 187 -20.64 -33.94 -4.89
C PRO B 187 -20.73 -35.43 -5.16
N LYS B 188 -21.96 -35.90 -5.40
CA LYS B 188 -22.16 -37.30 -5.72
C LYS B 188 -21.66 -37.59 -7.14
N PRO B 189 -20.93 -38.67 -7.34
CA PRO B 189 -20.42 -38.99 -8.67
C PRO B 189 -21.56 -39.21 -9.66
N SER B 190 -21.35 -38.76 -10.90
CA SER B 190 -22.38 -38.87 -11.92
C SER B 190 -22.53 -40.30 -12.41
N ALA B 191 -21.49 -41.11 -12.30
CA ALA B 191 -21.54 -42.48 -12.82
C ALA B 191 -22.59 -43.31 -12.11
N GLY B 192 -22.86 -43.01 -10.84
CA GLY B 192 -23.85 -43.76 -10.09
C GLY B 192 -25.28 -43.39 -10.44
N ALA B 193 -25.63 -43.50 -11.71
CA ALA B 193 -26.93 -43.12 -12.24
C ALA B 193 -27.47 -44.25 -13.10
N PRO B 194 -28.79 -44.28 -13.31
CA PRO B 194 -29.35 -45.29 -14.22
C PRO B 194 -28.77 -45.17 -15.61
N SER B 195 -28.55 -46.32 -16.25
CA SER B 195 -27.99 -46.34 -17.62
C SER B 195 -28.79 -45.37 -18.51
N PRO B 196 -28.16 -44.68 -19.47
CA PRO B 196 -28.89 -43.79 -20.34
C PRO B 196 -29.90 -44.61 -21.14
N ASN B 197 -29.60 -45.88 -21.42
CA ASN B 197 -30.49 -46.68 -22.29
C ASN B 197 -31.32 -47.66 -21.44
N THR B 198 -31.82 -47.19 -20.30
CA THR B 198 -32.72 -48.05 -19.47
C THR B 198 -34.14 -47.95 -20.04
N ASP B 199 -35.12 -48.53 -19.35
CA ASP B 199 -36.53 -48.50 -19.84
C ASP B 199 -36.95 -47.04 -20.03
N GLY B 200 -36.53 -46.15 -19.13
CA GLY B 200 -36.92 -44.72 -19.20
C GLY B 200 -38.10 -44.43 -18.28
N ASP B 201 -39.25 -45.07 -18.53
CA ASP B 201 -40.47 -44.82 -17.72
C ASP B 201 -40.30 -45.41 -16.31
N GLN B 202 -39.70 -46.59 -16.20
CA GLN B 202 -39.61 -47.28 -14.88
C GLN B 202 -38.86 -46.40 -13.87
N SER B 203 -37.71 -45.84 -14.26
CA SER B 203 -36.88 -45.06 -13.29
C SER B 203 -37.31 -43.58 -13.29
N ALA B 204 -37.52 -43.01 -12.10
CA ALA B 204 -37.91 -41.60 -12.02
C ALA B 204 -36.72 -40.65 -12.18
N PHE B 205 -35.55 -41.18 -12.55
CA PHE B 205 -34.35 -40.36 -12.71
C PHE B 205 -33.85 -40.37 -14.16
N VAL B 206 -34.72 -40.72 -15.11
CA VAL B 206 -34.37 -40.79 -16.53
C VAL B 206 -35.28 -39.87 -17.30
N LEU B 207 -34.69 -38.99 -18.12
CA LEU B 207 -35.44 -38.07 -18.95
C LEU B 207 -35.19 -38.41 -20.42
N GLN B 208 -36.27 -38.53 -21.19
CA GLN B 208 -36.20 -38.86 -22.60
C GLN B 208 -36.75 -37.71 -23.42
N ALA B 209 -36.09 -37.42 -24.54
CA ALA B 209 -36.52 -36.34 -25.42
C ALA B 209 -37.88 -36.67 -26.03
N GLY B 210 -38.89 -35.85 -25.72
CA GLY B 210 -40.23 -36.06 -26.20
C GLY B 210 -41.13 -36.84 -25.27
N HIS B 211 -40.57 -37.56 -24.30
CA HIS B 211 -41.38 -38.33 -23.37
C HIS B 211 -41.95 -37.43 -22.26
N ASP B 212 -41.08 -36.79 -21.50
CA ASP B 212 -41.52 -35.93 -20.40
C ASP B 212 -40.70 -34.66 -20.31
N ILE B 213 -40.01 -34.28 -21.39
CA ILE B 213 -39.20 -33.08 -21.43
C ILE B 213 -40.04 -31.99 -22.09
N LEU B 214 -40.68 -31.15 -21.28
CA LEU B 214 -41.46 -30.05 -21.83
C LEU B 214 -40.56 -29.02 -22.49
N ARG B 215 -39.49 -28.61 -21.82
CA ARG B 215 -38.55 -27.64 -22.35
C ARG B 215 -37.13 -28.11 -22.10
N LEU B 216 -36.25 -27.88 -23.07
CA LEU B 216 -34.87 -28.36 -22.98
C LEU B 216 -33.91 -27.27 -23.45
N ARG B 217 -32.79 -27.14 -22.73
CA ARG B 217 -31.72 -26.26 -23.16
C ARG B 217 -30.41 -26.87 -22.68
N ALA B 218 -29.71 -27.57 -23.57
CA ALA B 218 -28.44 -28.21 -23.27
C ALA B 218 -27.35 -27.55 -24.10
N ALA B 219 -26.27 -27.13 -23.43
CA ALA B 219 -25.17 -26.45 -24.10
C ALA B 219 -23.85 -27.10 -23.70
N VAL B 220 -23.05 -27.45 -24.70
CA VAL B 220 -21.70 -27.96 -24.50
C VAL B 220 -20.76 -27.00 -25.19
N THR B 221 -19.84 -26.42 -24.43
CA THR B 221 -18.99 -25.35 -24.94
C THR B 221 -17.55 -25.56 -24.50
N ALA B 222 -16.63 -24.98 -25.27
CA ALA B 222 -15.21 -24.95 -24.95
C ALA B 222 -14.73 -23.51 -24.86
N ALA B 223 -15.50 -22.68 -24.17
CA ALA B 223 -15.20 -21.25 -24.10
C ALA B 223 -13.86 -21.00 -23.41
N ASP B 224 -13.66 -21.61 -22.24
CA ASP B 224 -12.42 -21.40 -21.48
C ASP B 224 -11.94 -22.72 -20.91
N GLN B 225 -11.94 -23.78 -21.72
CA GLN B 225 -11.46 -25.08 -21.30
C GLN B 225 -9.96 -25.16 -21.59
N ILE B 226 -9.17 -25.37 -20.54
CA ILE B 226 -7.72 -25.48 -20.64
C ILE B 226 -7.29 -26.77 -19.97
N GLY B 227 -6.33 -27.47 -20.59
CA GLY B 227 -5.93 -28.76 -20.08
C GLY B 227 -5.30 -28.71 -18.70
N LYS B 228 -4.44 -27.72 -18.47
CA LYS B 228 -3.67 -27.63 -17.23
C LYS B 228 -3.94 -26.30 -16.54
N VAL B 229 -4.03 -26.33 -15.21
CA VAL B 229 -4.23 -25.13 -14.41
C VAL B 229 -3.22 -25.16 -13.26
N GLU B 230 -2.52 -24.06 -13.06
CA GLU B 230 -1.47 -24.00 -12.05
C GLU B 230 -1.80 -22.95 -10.98
N SER B 231 -1.39 -23.25 -9.76
CA SER B 231 -1.51 -22.36 -8.62
C SER B 231 -0.15 -22.18 -7.98
N ARG B 232 0.15 -20.94 -7.58
CA ARG B 232 1.50 -20.56 -7.18
C ARG B 232 1.47 -19.88 -5.82
N GLY B 233 2.52 -20.09 -5.04
CA GLY B 233 2.60 -19.51 -3.72
C GLY B 233 4.02 -19.39 -3.23
N TRP B 234 4.17 -18.74 -2.07
CA TRP B 234 5.46 -18.43 -1.48
C TRP B 234 5.60 -19.17 -0.15
N ASN B 235 6.77 -19.76 0.08
CA ASN B 235 7.10 -20.43 1.33
C ASN B 235 8.20 -19.63 2.02
N VAL B 236 7.92 -19.19 3.26
CA VAL B 236 8.82 -18.31 3.97
C VAL B 236 9.81 -19.05 4.88
N THR B 237 9.47 -20.25 5.32
CA THR B 237 10.39 -21.02 6.15
C THR B 237 11.59 -21.54 5.37
N THR B 238 11.55 -21.44 4.03
CA THR B 238 12.65 -21.89 3.19
C THR B 238 12.99 -20.90 2.08
N LYS B 239 12.20 -19.85 1.90
CA LYS B 239 12.31 -18.96 0.74
C LYS B 239 12.20 -19.76 -0.56
N LYS B 240 11.00 -20.29 -0.79
CA LYS B 240 10.79 -21.14 -1.95
C LYS B 240 9.54 -20.75 -2.72
N LYS B 241 9.61 -20.92 -4.02
CA LYS B 241 8.48 -20.75 -4.91
C LYS B 241 7.78 -22.08 -5.05
N ILE B 242 6.63 -22.23 -4.38
CA ILE B 242 5.87 -23.46 -4.45
C ILE B 242 4.85 -23.34 -5.58
N THR B 243 4.69 -24.42 -6.34
CA THR B 243 3.80 -24.41 -7.49
C THR B 243 3.11 -25.76 -7.58
N GLU B 244 1.90 -25.75 -8.16
CA GLU B 244 1.14 -26.98 -8.36
C GLU B 244 0.41 -26.89 -9.67
N ILE B 245 0.70 -27.81 -10.58
CA ILE B 245 0.01 -27.94 -11.86
C ILE B 245 -0.95 -29.10 -11.76
N ALA B 246 -2.21 -28.87 -12.09
CA ALA B 246 -3.24 -29.89 -12.01
C ALA B 246 -3.96 -30.01 -13.34
N PRO B 247 -4.42 -31.22 -13.67
CA PRO B 247 -5.11 -31.41 -14.94
C PRO B 247 -6.57 -31.03 -14.85
N ALA B 248 -7.11 -30.62 -15.99
CA ALA B 248 -8.52 -30.30 -16.14
C ALA B 248 -9.13 -31.09 -17.30
N THR B 249 -8.71 -32.35 -17.43
CA THR B 249 -9.17 -33.23 -18.49
C THR B 249 -10.26 -34.18 -18.04
N THR B 250 -10.77 -34.03 -16.82
CA THR B 250 -11.82 -34.90 -16.33
C THR B 250 -12.64 -34.13 -15.30
N ASP B 251 -13.85 -34.63 -15.04
CA ASP B 251 -14.77 -33.97 -14.13
C ASP B 251 -15.79 -34.97 -13.61
N PRO B 252 -15.91 -35.10 -12.29
CA PRO B 252 -16.82 -36.12 -11.74
C PRO B 252 -18.29 -35.86 -12.04
N GLY B 253 -18.70 -34.59 -12.16
CA GLY B 253 -20.10 -34.26 -12.23
C GLY B 253 -20.76 -34.52 -13.58
N ILE B 254 -19.98 -34.57 -14.65
CA ILE B 254 -20.52 -34.66 -16.01
C ILE B 254 -19.90 -35.85 -16.73
N SER B 255 -20.74 -36.60 -17.44
CA SER B 255 -20.29 -37.73 -18.26
C SER B 255 -21.17 -37.76 -19.50
N ILE B 256 -20.69 -37.16 -20.59
CA ILE B 256 -21.50 -36.95 -21.79
C ILE B 256 -20.80 -37.48 -23.04
N LYS B 257 -19.97 -38.50 -22.88
CA LYS B 257 -19.18 -39.13 -23.93
C LYS B 257 -18.08 -38.22 -24.46
N TRP B 258 -18.01 -36.97 -24.01
CA TRP B 258 -16.98 -36.03 -24.40
C TRP B 258 -16.38 -35.43 -23.13
N THR B 259 -15.06 -35.38 -23.07
CA THR B 259 -14.38 -34.85 -21.90
C THR B 259 -13.69 -33.54 -22.24
N PRO B 260 -13.47 -32.66 -21.25
CA PRO B 260 -12.77 -31.39 -21.53
C PRO B 260 -11.37 -31.60 -22.08
N GLY B 261 -10.77 -32.77 -21.91
CA GLY B 261 -9.50 -33.05 -22.56
C GLY B 261 -9.61 -32.98 -24.07
N THR B 262 -10.73 -33.46 -24.63
CA THR B 262 -10.95 -33.32 -26.05
C THR B 262 -11.13 -31.87 -26.47
N ALA B 263 -11.60 -31.01 -25.56
CA ALA B 263 -11.69 -29.58 -25.88
C ALA B 263 -10.32 -28.93 -25.85
N ALA B 264 -9.50 -29.28 -24.86
CA ALA B 264 -8.18 -28.69 -24.75
C ALA B 264 -7.26 -29.13 -25.87
N GLY B 265 -7.29 -30.41 -26.22
CA GLY B 265 -6.39 -30.92 -27.24
C GLY B 265 -6.66 -30.34 -28.61
N LYS B 266 -7.94 -30.18 -28.97
CA LYS B 266 -8.31 -29.70 -30.29
C LYS B 266 -8.03 -28.22 -30.49
N PHE B 267 -7.41 -27.55 -29.53
CA PHE B 267 -6.99 -26.16 -29.66
C PHE B 267 -5.57 -26.02 -29.17
N LYS B 268 -5.08 -24.78 -29.13
CA LYS B 268 -3.71 -24.54 -28.70
C LYS B 268 -3.55 -24.86 -27.22
N PRO B 269 -2.43 -25.43 -26.80
CA PRO B 269 -2.25 -25.80 -25.39
C PRO B 269 -1.93 -24.61 -24.49
N GLY B 270 -2.96 -23.91 -24.02
CA GLY B 270 -2.78 -22.77 -23.14
C GLY B 270 -2.61 -23.19 -21.69
N LYS B 271 -2.69 -22.20 -20.80
CA LYS B 271 -2.57 -22.43 -19.36
C LYS B 271 -3.27 -21.30 -18.63
N LEU B 272 -3.59 -21.57 -17.36
CA LEU B 272 -4.28 -20.60 -16.51
C LEU B 272 -3.53 -20.45 -15.19
N VAL B 273 -3.53 -19.23 -14.66
CA VAL B 273 -2.80 -18.89 -13.45
C VAL B 273 -3.73 -18.14 -12.50
N GLU B 274 -3.61 -18.42 -11.21
CA GLU B 274 -4.33 -17.71 -10.16
C GLU B 274 -3.37 -16.82 -9.39
N THR B 275 -3.68 -15.53 -9.30
CA THR B 275 -2.82 -14.55 -8.65
C THR B 275 -3.64 -13.62 -7.77
N ALA B 276 -4.54 -14.20 -6.96
CA ALA B 276 -5.42 -13.40 -6.11
C ALA B 276 -5.51 -13.89 -4.68
N ASN B 277 -4.98 -15.07 -4.34
CA ASN B 277 -5.09 -15.62 -3.00
C ASN B 277 -3.71 -15.99 -2.48
N PRO B 278 -3.31 -15.48 -1.32
CA PRO B 278 -2.04 -15.90 -0.73
C PRO B 278 -2.09 -17.37 -0.29
N TYR B 279 -0.94 -18.03 -0.37
CA TYR B 279 -0.81 -19.42 0.02
C TYR B 279 0.54 -19.63 0.69
N ASP B 280 0.60 -20.62 1.58
CA ASP B 280 1.82 -20.81 2.36
C ASP B 280 2.38 -22.23 2.28
N LYS B 281 1.52 -23.25 2.27
CA LYS B 281 1.98 -24.62 2.36
C LYS B 281 1.61 -25.40 1.10
N GLN B 282 2.27 -26.54 0.92
CA GLN B 282 2.04 -27.37 -0.26
C GLN B 282 0.61 -27.88 -0.29
N ASP B 283 0.05 -28.25 0.87
CA ASP B 283 -1.30 -28.78 0.92
C ASP B 283 -2.31 -27.74 0.43
N GLU B 284 -2.15 -26.50 0.90
CA GLU B 284 -3.08 -25.44 0.49
C GLU B 284 -2.99 -25.15 -1.00
N VAL B 285 -1.77 -25.14 -1.55
CA VAL B 285 -1.60 -24.89 -2.96
C VAL B 285 -2.21 -26.02 -3.79
N GLN B 286 -2.01 -27.26 -3.36
CA GLN B 286 -2.62 -28.39 -4.05
C GLN B 286 -4.14 -28.29 -4.02
N ASN B 287 -4.70 -27.93 -2.87
CA ASN B 287 -6.14 -27.79 -2.76
C ASN B 287 -6.66 -26.69 -3.67
N ALA B 288 -5.95 -25.56 -3.73
CA ALA B 288 -6.37 -24.48 -4.61
C ALA B 288 -6.30 -24.89 -6.07
N ALA B 289 -5.26 -25.61 -6.46
CA ALA B 289 -5.15 -26.07 -7.84
C ALA B 289 -6.28 -27.02 -8.19
N LYS B 290 -6.59 -27.97 -7.31
CA LYS B 290 -7.69 -28.89 -7.57
C LYS B 290 -9.03 -28.15 -7.65
N ALA B 291 -9.23 -27.17 -6.75
CA ALA B 291 -10.48 -26.42 -6.77
C ALA B 291 -10.63 -25.63 -8.06
N LEU B 292 -9.54 -24.99 -8.52
CA LEU B 292 -9.63 -24.23 -9.77
C LEU B 292 -9.84 -25.15 -10.97
N ALA B 293 -9.21 -26.33 -10.96
CA ALA B 293 -9.44 -27.27 -12.04
C ALA B 293 -10.90 -27.72 -12.07
N SER B 294 -11.47 -28.02 -10.91
CA SER B 294 -12.88 -28.39 -10.85
C SER B 294 -13.77 -27.24 -11.31
N ASP B 295 -13.44 -26.01 -10.92
CA ASP B 295 -14.21 -24.85 -11.35
C ASP B 295 -14.19 -24.71 -12.86
N VAL B 296 -13.02 -24.88 -13.47
CA VAL B 296 -12.91 -24.76 -14.92
C VAL B 296 -13.69 -25.87 -15.61
N THR B 297 -13.58 -27.11 -15.11
CA THR B 297 -14.27 -28.23 -15.74
C THR B 297 -15.77 -28.24 -15.48
N ALA B 298 -16.25 -27.46 -14.50
CA ALA B 298 -17.67 -27.41 -14.24
C ALA B 298 -18.45 -26.64 -15.30
N SER B 299 -17.78 -25.87 -16.14
CA SER B 299 -18.44 -25.09 -17.17
C SER B 299 -18.54 -25.81 -18.51
N PHE B 300 -18.14 -27.07 -18.57
CA PHE B 300 -18.17 -27.81 -19.83
C PHE B 300 -19.59 -27.99 -20.34
N SER B 301 -20.52 -28.31 -19.45
CA SER B 301 -21.90 -28.58 -19.83
C SER B 301 -22.85 -27.75 -18.98
N GLU B 302 -23.88 -27.19 -19.62
CA GLU B 302 -24.92 -26.43 -18.94
C GLU B 302 -26.27 -26.95 -19.39
N LEU B 303 -27.04 -27.49 -18.46
CA LEU B 303 -28.29 -28.16 -18.77
C LEU B 303 -29.45 -27.50 -18.03
N GLU B 304 -30.56 -27.33 -18.71
CA GLU B 304 -31.78 -26.78 -18.11
C GLU B 304 -32.97 -27.52 -18.71
N VAL B 305 -33.62 -28.36 -17.90
CA VAL B 305 -34.71 -29.22 -18.35
C VAL B 305 -35.94 -28.91 -17.53
N ALA B 306 -36.99 -28.44 -18.19
CA ALA B 306 -38.30 -28.26 -17.58
C ALA B 306 -39.13 -29.49 -17.92
N ALA B 307 -39.41 -30.31 -16.90
CA ALA B 307 -40.09 -31.59 -17.06
C ALA B 307 -41.36 -31.62 -16.22
N ASN B 308 -42.12 -32.70 -16.41
CA ASN B 308 -43.46 -32.87 -15.84
C ASN B 308 -43.48 -32.96 -14.33
N GLY B 309 -42.34 -32.88 -13.66
CA GLY B 309 -42.33 -32.81 -12.21
C GLY B 309 -42.37 -34.15 -11.50
N HIS B 310 -41.65 -34.24 -10.39
CA HIS B 310 -41.62 -35.42 -9.54
C HIS B 310 -41.03 -35.04 -8.20
N PRO B 311 -41.62 -35.47 -7.08
CA PRO B 311 -41.13 -35.02 -5.77
C PRO B 311 -39.79 -35.60 -5.38
N ASP B 312 -39.23 -36.52 -6.16
CA ASP B 312 -37.96 -37.15 -5.84
C ASP B 312 -36.78 -36.49 -6.54
N LEU B 313 -36.98 -35.34 -7.17
CA LEU B 313 -35.91 -34.64 -7.87
C LEU B 313 -35.23 -33.64 -6.93
N ARG B 314 -34.62 -34.18 -5.87
CA ARG B 314 -33.91 -33.36 -4.91
C ARG B 314 -32.57 -32.90 -5.50
N PRO B 315 -32.00 -31.83 -4.97
CA PRO B 315 -30.67 -31.40 -5.43
C PRO B 315 -29.60 -32.40 -5.06
N GLY B 316 -28.55 -32.42 -5.87
CA GLY B 316 -27.42 -33.32 -5.64
C GLY B 316 -27.74 -34.79 -5.83
N VAL B 317 -28.52 -35.12 -6.86
CA VAL B 317 -28.78 -36.51 -7.19
C VAL B 317 -28.46 -36.73 -8.66
N PRO B 318 -28.03 -37.92 -9.06
CA PRO B 318 -27.73 -38.16 -10.47
C PRO B 318 -28.99 -38.32 -11.30
N VAL B 319 -28.95 -37.81 -12.53
CA VAL B 319 -30.05 -37.89 -13.47
C VAL B 319 -29.49 -38.28 -14.83
N ALA B 320 -30.12 -39.25 -15.49
CA ALA B 320 -29.66 -39.75 -16.78
C ALA B 320 -30.44 -39.06 -17.89
N LEU B 321 -29.72 -38.42 -18.81
CA LEU B 321 -30.30 -37.80 -19.98
C LEU B 321 -29.98 -38.68 -21.18
N SER B 322 -31.02 -39.12 -21.89
CA SER B 322 -30.90 -40.04 -23.00
C SER B 322 -31.44 -39.41 -24.27
N ASP B 323 -31.23 -40.13 -25.39
CA ASP B 323 -31.73 -39.86 -26.74
C ASP B 323 -31.82 -38.37 -27.07
N VAL B 324 -30.73 -37.63 -26.85
CA VAL B 324 -30.67 -36.24 -27.24
C VAL B 324 -29.77 -36.01 -28.46
N GLY B 325 -28.68 -36.75 -28.59
CA GLY B 325 -27.81 -36.57 -29.75
C GLY B 325 -26.49 -37.29 -29.56
N THR B 326 -25.46 -36.76 -30.21
CA THR B 326 -24.12 -37.33 -30.10
C THR B 326 -23.43 -36.93 -28.80
N PRO B 327 -23.32 -35.64 -28.47
CA PRO B 327 -22.56 -35.26 -27.26
C PRO B 327 -23.38 -35.01 -26.01
N PHE B 328 -24.70 -35.22 -26.04
CA PHE B 328 -25.56 -34.84 -24.93
C PHE B 328 -26.13 -36.02 -24.16
N GLU B 329 -25.87 -37.25 -24.58
CA GLU B 329 -26.29 -38.40 -23.80
C GLU B 329 -25.47 -38.50 -22.51
N GLY B 330 -25.90 -39.40 -21.62
CA GLY B 330 -25.12 -39.75 -20.45
C GLY B 330 -25.84 -39.34 -19.17
N LYS B 331 -25.06 -38.85 -18.21
CA LYS B 331 -25.56 -38.57 -16.87
C LYS B 331 -25.08 -37.21 -16.40
N TYR B 332 -25.84 -36.63 -15.48
CA TYR B 332 -25.50 -35.34 -14.88
C TYR B 332 -25.79 -35.41 -13.38
N THR B 333 -25.22 -34.48 -12.65
CA THR B 333 -25.53 -34.28 -11.23
C THR B 333 -26.26 -32.95 -11.10
N VAL B 334 -27.50 -32.99 -10.62
CA VAL B 334 -28.32 -31.79 -10.57
C VAL B 334 -27.74 -30.80 -9.60
N THR B 335 -27.91 -29.51 -9.89
CA THR B 335 -27.42 -28.44 -9.04
C THR B 335 -28.51 -27.53 -8.50
N SER B 336 -29.62 -27.37 -9.22
CA SER B 336 -30.74 -26.61 -8.68
C SER B 336 -32.04 -27.17 -9.22
N VAL B 337 -33.09 -27.08 -8.41
CA VAL B 337 -34.41 -27.60 -8.74
C VAL B 337 -35.44 -26.52 -8.48
N ARG B 338 -36.46 -26.46 -9.33
CA ARG B 338 -37.52 -25.46 -9.22
C ARG B 338 -38.86 -26.17 -9.37
N HIS B 339 -39.61 -26.24 -8.28
CA HIS B 339 -40.95 -26.84 -8.30
C HIS B 339 -41.99 -25.73 -8.43
N HIS B 340 -42.85 -25.86 -9.44
CA HIS B 340 -43.76 -24.79 -9.79
C HIS B 340 -45.19 -25.30 -9.95
N PHE B 341 -46.12 -24.61 -9.31
CA PHE B 341 -47.56 -24.78 -9.49
C PHE B 341 -48.16 -23.39 -9.69
N GLY B 342 -48.95 -23.22 -10.75
CA GLY B 342 -49.48 -21.90 -11.01
C GLY B 342 -50.70 -21.94 -11.90
N ASP B 343 -51.09 -20.76 -12.38
CA ASP B 343 -52.27 -20.63 -13.20
C ASP B 343 -52.07 -21.33 -14.53
N GLY B 344 -52.99 -22.25 -14.86
CA GLY B 344 -52.91 -22.98 -16.11
C GLY B 344 -51.66 -23.81 -16.27
N VAL B 345 -50.97 -24.09 -15.17
CA VAL B 345 -49.71 -24.82 -15.19
C VAL B 345 -49.76 -25.90 -14.13
N ALA B 346 -49.45 -27.13 -14.53
CA ALA B 346 -49.43 -28.25 -13.59
C ALA B 346 -48.10 -28.27 -12.86
N TYR B 347 -47.83 -29.37 -12.16
CA TYR B 347 -46.59 -29.53 -11.41
C TYR B 347 -45.42 -29.58 -12.39
N GLU B 348 -44.57 -28.55 -12.37
CA GLU B 348 -43.41 -28.49 -13.24
C GLU B 348 -42.14 -28.54 -12.42
N SER B 349 -41.12 -29.23 -12.93
CA SER B 349 -39.82 -29.31 -12.28
C SER B 349 -38.77 -28.80 -13.25
N TRP B 350 -38.09 -27.72 -12.87
CA TRP B 350 -36.98 -27.18 -13.64
C TRP B 350 -35.68 -27.64 -13.00
N ILE B 351 -34.98 -28.53 -13.69
CA ILE B 351 -33.66 -29.02 -13.27
C ILE B 351 -32.62 -28.16 -13.97
N THR B 352 -31.63 -27.68 -13.21
CA THR B 352 -30.56 -26.88 -13.78
C THR B 352 -29.23 -27.42 -13.28
N VAL B 353 -28.40 -27.87 -14.21
CA VAL B 353 -27.03 -28.32 -13.94
C VAL B 353 -26.10 -27.27 -14.55
N SER B 354 -25.47 -26.47 -13.68
CA SER B 354 -24.58 -25.41 -14.15
C SER B 354 -23.34 -25.31 -13.27
N GLY B 355 -22.90 -26.43 -12.70
CA GLY B 355 -21.75 -26.38 -11.81
C GLY B 355 -22.04 -25.56 -10.57
N ARG B 356 -20.99 -24.90 -10.07
CA ARG B 356 -21.12 -24.05 -8.91
C ARG B 356 -21.67 -22.66 -9.24
N GLN B 357 -21.80 -22.33 -10.51
CA GLN B 357 -22.30 -21.02 -10.90
C GLN B 357 -23.78 -20.88 -10.57
N TRP B 358 -24.20 -19.65 -10.32
CA TRP B 358 -25.61 -19.33 -10.11
C TRP B 358 -26.24 -18.86 -11.42
N ARG B 359 -26.28 -19.76 -12.40
CA ARG B 359 -26.88 -19.40 -13.72
C ARG B 359 -28.40 -19.49 -13.61
N SER B 360 -28.91 -19.85 -12.44
CA SER B 360 -30.39 -20.01 -12.25
C SER B 360 -31.10 -18.66 -12.41
N LEU B 361 -30.50 -17.56 -11.95
CA LEU B 361 -31.26 -16.29 -11.97
C LEU B 361 -30.78 -15.37 -13.07
N TYR B 362 -31.62 -15.09 -14.04
CA TYR B 362 -31.27 -14.29 -15.25
C TYR B 362 -29.95 -14.80 -15.83
N GLY B 363 -29.04 -13.90 -16.19
CA GLY B 363 -27.71 -14.35 -16.64
C GLY B 363 -26.69 -13.72 -15.73
N LEU B 364 -27.16 -12.83 -14.85
CA LEU B 364 -26.25 -12.10 -13.92
C LEU B 364 -26.86 -12.08 -12.52
N ALA B 365 -27.73 -13.04 -12.23
CA ALA B 365 -28.35 -13.06 -10.90
C ALA B 365 -28.83 -11.65 -10.56
N SER B 366 -28.70 -11.20 -9.31
CA SER B 366 -29.08 -9.82 -8.95
C SER B 366 -27.92 -8.91 -9.29
N GLY B 367 -26.68 -9.42 -9.19
CA GLY B 367 -25.49 -8.59 -9.46
C GLY B 367 -24.32 -9.43 -9.94
N GLY B 368 -24.41 -9.95 -11.17
CA GLY B 368 -23.32 -10.77 -11.74
C GLY B 368 -22.15 -9.91 -12.18
N GLY B 369 -20.94 -10.49 -12.21
CA GLY B 369 -19.73 -9.72 -12.59
C GLY B 369 -19.21 -8.90 -11.42
N GLY B 370 -20.09 -8.11 -10.79
CA GLY B 370 -19.69 -7.29 -9.64
C GLY B 370 -19.59 -8.12 -8.37
N SER B 371 -20.72 -8.56 -7.81
CA SER B 371 -20.73 -9.34 -6.55
C SER B 371 -19.51 -8.95 -5.72
N ASP B 372 -19.35 -7.66 -5.46
CA ASP B 372 -18.22 -7.19 -4.62
C ASP B 372 -18.82 -6.49 -3.40
N PRO B 373 -19.06 -7.18 -2.28
CA PRO B 373 -19.68 -6.54 -1.15
C PRO B 373 -18.95 -5.22 -0.99
N ALA B 374 -19.67 -4.11 -0.86
CA ALA B 374 -18.99 -2.82 -0.59
C ALA B 374 -18.11 -2.98 0.66
N SER B 375 -18.53 -3.86 1.59
CA SER B 375 -17.71 -4.15 2.80
C SER B 375 -17.03 -5.49 2.58
N ALA B 376 -16.07 -5.54 1.65
CA ALA B 376 -15.47 -6.81 1.29
C ALA B 376 -14.08 -6.96 1.92
N THR B 377 -13.35 -7.98 1.48
CA THR B 377 -12.03 -8.30 2.02
C THR B 377 -10.89 -7.66 1.24
N ARG B 378 -11.17 -7.00 0.12
CA ARG B 378 -10.13 -6.39 -0.70
C ARG B 378 -9.76 -5.04 -0.09
N LEU B 379 -8.95 -5.09 0.96
CA LEU B 379 -8.50 -3.87 1.61
C LEU B 379 -7.50 -3.15 0.71
N PRO B 380 -7.77 -1.92 0.29
CA PRO B 380 -6.81 -1.19 -0.55
C PRO B 380 -5.83 -0.37 0.29
N SER B 381 -4.59 -0.32 -0.18
CA SER B 381 -3.51 0.47 0.43
C SER B 381 -3.27 -0.06 1.83
N VAL B 382 -3.21 0.79 2.86
CA VAL B 382 -2.74 0.41 4.17
C VAL B 382 -3.78 0.81 5.21
N ALA B 383 -3.43 0.58 6.49
CA ALA B 383 -4.26 0.98 7.62
C ALA B 383 -3.36 1.13 8.83
N ASN B 384 -3.96 1.44 9.97
CA ASN B 384 -3.24 1.56 11.23
C ASN B 384 -3.61 0.40 12.14
N ALA B 385 -2.67 -0.01 13.00
CA ALA B 385 -2.92 -1.13 13.88
C ALA B 385 -2.16 -0.93 15.18
N ILE B 386 -2.57 -1.68 16.20
CA ILE B 386 -1.99 -1.62 17.53
C ILE B 386 -1.35 -2.96 17.85
N VAL B 387 -0.08 -2.93 18.26
CA VAL B 387 0.62 -4.15 18.64
C VAL B 387 -0.04 -4.76 19.87
N THR B 388 -0.11 -6.08 19.91
CA THR B 388 -0.68 -6.80 21.04
C THR B 388 0.25 -7.84 21.64
N ASP B 389 1.25 -8.29 20.89
CA ASP B 389 2.18 -9.30 21.37
C ASP B 389 3.47 -9.19 20.57
N VAL B 390 4.60 -9.29 21.26
CA VAL B 390 5.91 -9.09 20.64
C VAL B 390 6.75 -10.36 20.68
N GLN B 391 6.22 -11.45 21.22
CA GLN B 391 6.98 -12.69 21.29
C GLN B 391 7.17 -13.29 19.90
N ASP B 392 8.19 -14.15 19.79
CA ASP B 392 8.51 -14.77 18.51
C ASP B 392 9.18 -16.10 18.74
N PRO B 393 8.63 -17.19 18.21
CA PRO B 393 9.32 -18.49 18.31
C PRO B 393 10.55 -18.58 17.43
N LEU B 394 10.76 -17.56 16.58
CA LEU B 394 11.91 -17.53 15.68
C LEU B 394 12.81 -16.32 15.90
N LYS B 395 12.37 -15.33 16.67
CA LYS B 395 13.19 -14.16 17.02
C LYS B 395 13.65 -13.40 15.77
N GLN B 396 12.77 -13.28 14.79
CA GLN B 396 13.05 -12.52 13.58
C GLN B 396 12.43 -11.14 13.58
N GLY B 397 11.95 -10.66 14.74
CA GLY B 397 11.36 -9.35 14.83
C GLY B 397 9.90 -9.26 14.46
N ARG B 398 9.22 -10.38 14.26
CA ARG B 398 7.81 -10.36 13.94
C ARG B 398 7.00 -9.85 15.15
N VAL B 399 5.70 -9.67 14.94
CA VAL B 399 4.84 -9.06 15.94
C VAL B 399 3.40 -9.37 15.59
N LYS B 400 2.54 -9.50 16.63
CA LYS B 400 1.09 -9.72 16.37
C LYS B 400 0.38 -8.36 16.41
N LEU B 401 -0.57 -8.13 15.51
CA LEU B 401 -1.22 -6.79 15.42
C LEU B 401 -2.73 -6.91 15.66
N GLN B 402 -3.27 -6.15 16.62
CA GLN B 402 -4.74 -6.11 16.81
C GLN B 402 -5.27 -4.86 16.10
N PHE B 403 -6.33 -5.01 15.30
CA PHE B 403 -6.85 -3.85 14.54
C PHE B 403 -7.90 -3.13 15.39
N PRO B 404 -7.78 -1.79 15.56
CA PRO B 404 -8.74 -1.03 16.37
C PRO B 404 -10.01 -0.60 15.65
N TRP B 405 -10.08 -0.77 14.33
CA TRP B 405 -11.27 -0.40 13.57
C TRP B 405 -12.02 -1.61 13.04
N LEU B 406 -11.59 -2.82 13.39
CA LEU B 406 -12.18 -4.04 12.86
C LEU B 406 -12.88 -4.87 13.93
N ASP B 407 -12.17 -5.25 14.98
CA ASP B 407 -12.76 -6.07 16.03
C ASP B 407 -11.96 -5.89 17.31
N ASP B 408 -12.61 -6.13 18.45
CA ASP B 408 -11.96 -6.04 19.75
C ASP B 408 -11.38 -7.36 20.22
N THR B 409 -11.52 -8.42 19.44
CA THR B 409 -10.98 -9.72 19.83
C THR B 409 -10.13 -10.35 18.73
N TYR B 410 -9.76 -9.61 17.70
CA TYR B 410 -8.97 -10.11 16.59
C TYR B 410 -7.55 -9.58 16.75
N VAL B 411 -6.57 -10.48 16.82
CA VAL B 411 -5.18 -10.09 17.02
C VAL B 411 -4.24 -10.69 15.97
N SER B 412 -4.77 -11.39 14.98
CA SER B 412 -3.99 -11.82 13.81
C SER B 412 -2.80 -12.71 14.17
N ASP B 413 -1.98 -13.04 13.16
CA ASP B 413 -0.80 -13.87 13.35
C ASP B 413 0.44 -12.98 13.32
N TRP B 414 1.61 -13.60 13.38
CA TRP B 414 2.86 -12.86 13.26
C TRP B 414 2.96 -12.22 11.88
N ALA B 415 3.41 -10.97 11.85
CA ALA B 415 3.63 -10.25 10.60
C ALA B 415 5.12 -9.98 10.45
N ARG B 416 5.68 -10.36 9.32
CA ARG B 416 7.10 -10.15 9.05
C ARG B 416 7.33 -8.66 8.82
N SER B 417 7.64 -7.94 9.89
CA SER B 417 7.83 -6.50 9.79
C SER B 417 9.01 -6.19 8.89
N VAL B 418 8.84 -5.22 7.99
CA VAL B 418 9.91 -4.86 7.08
C VAL B 418 10.83 -3.85 7.76
N GLN B 419 12.12 -4.18 7.81
CA GLN B 419 13.12 -3.24 8.28
C GLN B 419 14.40 -3.51 7.53
N MET B 420 15.36 -2.58 7.69
CA MET B 420 16.48 -2.43 6.77
C MET B 420 17.49 -3.57 6.99
N GLY B 421 17.05 -4.78 6.66
CA GLY B 421 17.86 -5.97 6.73
C GLY B 421 18.27 -6.43 5.34
N GLY B 422 18.64 -7.70 5.25
CA GLY B 422 19.09 -8.24 3.98
C GLY B 422 19.25 -9.74 4.05
N VAL B 423 19.91 -10.28 3.02
CA VAL B 423 20.08 -11.73 2.91
C VAL B 423 21.04 -12.24 3.99
N ALA B 424 22.08 -11.48 4.30
CA ALA B 424 23.11 -11.92 5.24
C ALA B 424 23.04 -11.20 6.57
N GLY B 425 21.87 -10.71 6.96
CA GLY B 425 21.72 -10.04 8.24
C GLY B 425 21.63 -8.53 8.11
N GLY B 426 20.94 -7.90 9.06
CA GLY B 426 20.78 -6.46 9.06
C GLY B 426 20.22 -5.99 10.39
N GLY B 427 20.18 -4.67 10.55
CA GLY B 427 19.72 -4.10 11.79
C GLY B 427 18.23 -4.32 12.00
N ILE B 428 17.84 -4.36 13.28
CA ILE B 428 16.45 -4.59 13.67
C ILE B 428 16.05 -3.53 14.68
N PHE B 429 14.86 -2.96 14.51
CA PHE B 429 14.22 -2.14 15.54
C PHE B 429 12.95 -2.82 16.00
N PRO B 430 12.99 -3.57 17.11
CA PRO B 430 11.77 -4.19 17.62
C PRO B 430 10.77 -3.15 18.10
N MET B 431 9.49 -3.51 18.04
CA MET B 431 8.41 -2.63 18.41
C MET B 431 7.85 -3.01 19.77
N ASP B 432 7.52 -2.00 20.57
CA ASP B 432 6.97 -2.22 21.90
C ASP B 432 5.51 -2.67 21.80
N VAL B 433 4.97 -3.09 22.95
CA VAL B 433 3.61 -3.62 22.97
C VAL B 433 2.59 -2.53 22.68
N GLY B 434 2.84 -1.31 23.15
CA GLY B 434 1.88 -0.22 23.00
C GLY B 434 2.01 0.60 21.75
N ASP B 435 2.82 0.18 20.79
CA ASP B 435 3.07 0.99 19.60
C ASP B 435 1.84 1.03 18.71
N GLU B 436 1.80 2.05 17.85
CA GLU B 436 0.82 2.18 16.79
C GLU B 436 1.57 2.15 15.47
N VAL B 437 1.32 1.13 14.66
CA VAL B 437 2.13 0.89 13.48
C VAL B 437 1.27 0.96 12.22
N LEU B 438 1.90 1.37 11.13
CA LEU B 438 1.26 1.46 9.83
C LEU B 438 1.41 0.10 9.14
N VAL B 439 0.28 -0.57 8.88
CA VAL B 439 0.27 -1.95 8.42
C VAL B 439 -0.32 -2.00 7.02
N ALA B 440 0.42 -2.60 6.09
CA ALA B 440 -0.04 -2.88 4.75
C ALA B 440 -0.70 -4.26 4.72
N PHE B 441 -0.98 -4.74 3.52
CA PHE B 441 -1.64 -6.03 3.36
C PHE B 441 -1.12 -6.72 2.10
N ASP B 442 -1.17 -8.04 2.10
CA ASP B 442 -0.69 -8.83 0.98
C ASP B 442 -1.82 -9.00 -0.03
N ARG B 443 -1.68 -8.38 -1.20
CA ARG B 443 -2.67 -8.44 -2.28
C ARG B 443 -4.03 -7.94 -1.83
N GLY B 444 -4.09 -7.21 -0.71
CA GLY B 444 -5.33 -6.79 -0.13
C GLY B 444 -5.94 -7.78 0.84
N ALA B 445 -5.46 -9.02 0.86
CA ALA B 445 -6.02 -10.02 1.76
C ALA B 445 -5.70 -9.67 3.22
N LEU B 446 -6.68 -9.89 4.08
CA LEU B 446 -6.52 -9.60 5.50
C LEU B 446 -5.69 -10.63 6.24
N ASP B 447 -5.56 -11.84 5.69
CA ASP B 447 -4.90 -12.93 6.42
C ASP B 447 -3.40 -12.71 6.56
N HIS B 448 -2.80 -11.82 5.77
CA HIS B 448 -1.35 -11.64 5.75
C HIS B 448 -1.00 -10.16 5.88
N PRO B 449 -1.10 -9.61 7.09
CA PRO B 449 -0.66 -8.23 7.31
C PRO B 449 0.85 -8.13 7.32
N PHE B 450 1.33 -6.93 7.00
CA PHE B 450 2.76 -6.62 7.02
C PHE B 450 2.96 -5.30 7.74
N VAL B 451 3.93 -5.26 8.64
CA VAL B 451 4.23 -4.05 9.42
C VAL B 451 5.30 -3.25 8.70
N ILE B 452 5.04 -1.96 8.49
CA ILE B 452 6.01 -1.08 7.84
C ILE B 452 6.83 -0.31 8.87
N GLY B 453 6.17 0.30 9.84
CA GLY B 453 6.89 1.02 10.87
C GLY B 453 5.93 1.71 11.82
N GLY B 454 6.49 2.15 12.95
CA GLY B 454 5.68 2.81 13.95
C GLY B 454 5.24 4.20 13.51
N LEU B 455 4.12 4.63 14.06
CA LEU B 455 3.53 5.92 13.73
C LEU B 455 3.74 6.89 14.91
N TYR B 456 3.20 8.10 14.77
CA TYR B 456 3.26 9.10 15.83
C TYR B 456 1.88 9.70 16.03
N ASN B 457 1.53 9.95 17.28
CA ASN B 457 0.19 10.41 17.61
C ASN B 457 0.26 11.27 18.86
N GLY B 458 -0.89 11.54 19.46
CA GLY B 458 -0.96 12.34 20.68
C GLY B 458 -0.28 11.68 21.86
N ARG B 459 0.60 12.43 22.52
CA ARG B 459 1.41 11.92 23.63
C ARG B 459 2.12 10.63 23.20
N ASP B 460 2.92 10.73 22.15
CA ASP B 460 3.61 9.59 21.59
C ASP B 460 5.03 9.92 21.14
N VAL B 461 5.50 11.14 21.35
CA VAL B 461 6.84 11.52 20.91
C VAL B 461 7.62 12.17 22.06
N PRO B 462 7.96 11.42 23.13
CA PRO B 462 8.81 11.96 24.21
C PRO B 462 10.31 11.85 23.92
N THR B 463 10.70 12.19 22.69
CA THR B 463 12.12 12.18 22.35
C THR B 463 12.86 13.28 23.10
N LYS B 464 12.22 14.44 23.27
CA LYS B 464 12.74 15.53 24.10
C LYS B 464 14.15 15.92 23.67
N SER B 465 14.31 16.19 22.37
CA SER B 465 15.61 16.56 21.83
C SER B 465 15.97 17.98 22.25
N ASP B 466 17.24 18.33 22.08
CA ASP B 466 17.75 19.62 22.53
C ASP B 466 17.40 20.72 21.54
N VAL B 467 17.72 20.53 20.26
CA VAL B 467 17.50 21.55 19.25
C VAL B 467 16.18 21.28 18.54
N PRO B 468 15.48 22.32 18.07
CA PRO B 468 14.19 22.10 17.42
C PRO B 468 14.35 21.41 16.06
N LEU B 469 13.25 20.81 15.62
CA LEU B 469 13.25 20.05 14.37
C LEU B 469 13.35 20.93 13.13
N HIS B 470 13.15 22.23 13.26
CA HIS B 470 13.19 23.13 12.11
C HIS B 470 13.39 24.55 12.60
N ASP B 471 14.32 25.27 11.99
CA ASP B 471 14.63 26.64 12.38
C ASP B 471 15.09 27.43 11.17
N GLY B 472 14.90 28.74 11.22
CA GLY B 472 15.28 29.65 10.17
C GLY B 472 14.07 30.23 9.46
N LEU B 473 14.37 31.06 8.46
CA LEU B 473 13.32 31.64 7.62
C LEU B 473 13.00 30.72 6.45
N LYS B 474 14.01 30.39 5.64
CA LYS B 474 13.85 29.32 4.66
C LYS B 474 13.59 27.99 5.36
N LYS B 475 14.21 27.80 6.53
CA LYS B 475 13.92 26.74 7.48
C LYS B 475 13.81 25.36 6.81
N LYS B 476 14.94 24.93 6.25
CA LYS B 476 15.09 23.56 5.82
C LYS B 476 15.19 22.65 7.04
N ALA B 477 15.33 21.34 6.79
CA ALA B 477 15.55 20.40 7.88
C ALA B 477 16.89 20.70 8.55
N VAL B 478 16.89 20.69 9.89
CA VAL B 478 18.06 21.11 10.64
C VAL B 478 18.67 19.94 11.41
N ARG B 479 17.83 18.99 11.81
CA ARG B 479 18.27 17.85 12.61
C ARG B 479 17.69 16.57 12.03
N HIS B 480 18.51 15.52 11.98
CA HIS B 480 18.11 14.19 11.53
C HIS B 480 18.47 13.22 12.66
N THR B 481 17.51 12.98 13.55
CA THR B 481 17.74 12.19 14.74
C THR B 481 17.50 10.71 14.49
N LEU B 482 18.42 9.87 14.97
CA LEU B 482 18.21 8.44 15.12
C LEU B 482 18.41 8.09 16.59
N SER B 483 17.39 7.51 17.21
CA SER B 483 17.41 7.35 18.66
C SER B 483 16.76 6.03 19.04
N ASP B 484 16.84 5.73 20.34
CA ASP B 484 16.22 4.57 20.94
C ASP B 484 15.09 5.04 21.84
N ARG B 485 14.13 4.13 22.08
CA ARG B 485 12.93 4.46 22.83
C ARG B 485 13.21 5.22 24.12
N GLN B 486 14.39 5.08 24.69
CA GLN B 486 14.66 5.73 25.96
C GLN B 486 15.57 6.94 25.84
N GLY B 487 16.39 7.03 24.80
CA GLY B 487 17.22 8.21 24.64
C GLY B 487 18.60 8.03 24.06
N ASN B 488 19.18 6.83 24.15
CA ASN B 488 20.46 6.58 23.51
C ASN B 488 20.34 6.86 22.02
N ARG B 489 21.09 7.84 21.52
CA ARG B 489 20.79 8.42 20.22
C ARG B 489 22.04 8.82 19.47
N VAL B 490 21.90 8.89 18.14
CA VAL B 490 22.88 9.48 17.24
C VAL B 490 22.18 10.57 16.46
N ASP B 491 22.72 11.78 16.50
CA ASP B 491 22.12 12.95 15.86
C ASP B 491 23.04 13.44 14.75
N LEU B 492 22.45 13.78 13.61
CA LEU B 492 23.17 14.32 12.45
C LEU B 492 22.56 15.69 12.19
N LEU B 493 23.07 16.71 12.85
CA LEU B 493 22.41 18.01 12.89
C LEU B 493 23.21 19.05 12.11
N SER B 494 22.49 19.98 11.47
CA SER B 494 23.12 20.98 10.61
C SER B 494 22.30 22.26 10.66
N GLN B 495 22.88 23.33 11.18
CA GLN B 495 22.17 24.58 11.41
C GLN B 495 22.98 25.75 10.87
N ARG B 496 22.28 26.86 10.62
CA ARG B 496 22.90 28.11 10.21
C ARG B 496 22.47 29.31 11.04
N THR B 497 21.42 29.19 11.86
CA THR B 497 20.94 30.28 12.68
C THR B 497 20.87 29.83 14.14
N GLY B 498 20.35 30.71 14.99
CA GLY B 498 20.20 30.39 16.39
C GLY B 498 21.52 30.09 17.06
N GLY B 499 21.57 29.00 17.81
CA GLY B 499 22.78 28.58 18.49
C GLY B 499 23.91 28.17 17.57
N ARG B 500 23.61 27.93 16.30
CA ARG B 500 24.62 27.58 15.29
C ARG B 500 25.38 26.31 15.71
N LYS B 501 24.64 25.21 15.74
CA LYS B 501 25.18 23.90 16.03
C LYS B 501 25.23 23.09 14.73
N GLN B 502 26.38 22.51 14.43
CA GLN B 502 26.55 21.69 13.23
C GLN B 502 27.36 20.45 13.59
N GLY B 503 27.18 19.40 12.79
CA GLY B 503 27.96 18.20 12.93
C GLY B 503 27.20 16.97 13.36
N VAL B 504 27.90 16.11 14.11
CA VAL B 504 27.37 14.83 14.57
C VAL B 504 27.44 14.79 16.09
N ARG B 505 26.50 14.08 16.70
CA ARG B 505 26.42 13.99 18.16
C ARG B 505 25.97 12.59 18.54
N ILE B 506 26.92 11.75 18.97
CA ILE B 506 26.60 10.42 19.47
C ILE B 506 26.42 10.57 20.98
N ALA B 507 25.17 10.63 21.43
CA ALA B 507 24.88 10.97 22.80
C ALA B 507 24.53 9.72 23.59
N SER B 508 24.13 9.91 24.85
CA SER B 508 23.66 8.82 25.69
C SER B 508 22.27 9.15 26.23
N GLY B 509 21.70 8.25 27.02
CA GLY B 509 20.35 8.48 27.51
C GLY B 509 20.24 9.71 28.40
N ASN B 510 21.19 9.88 29.30
CA ASN B 510 21.18 10.98 30.25
C ASN B 510 22.16 12.10 29.90
N ASP B 511 22.69 12.09 28.68
CA ASP B 511 23.60 13.10 28.15
C ASP B 511 24.91 13.22 28.92
N LYS B 512 25.16 12.30 29.87
CA LYS B 512 26.45 12.31 30.54
C LYS B 512 27.58 11.97 29.59
N LEU B 513 27.34 10.99 28.71
CA LEU B 513 28.33 10.54 27.73
C LEU B 513 27.98 11.13 26.37
N THR B 514 28.97 11.70 25.69
CA THR B 514 28.72 12.38 24.43
C THR B 514 29.99 12.40 23.59
N ILE B 515 29.83 12.11 22.30
CA ILE B 515 30.88 12.31 21.31
C ILE B 515 30.37 13.37 20.33
N ASN B 516 30.95 14.56 20.39
CA ASN B 516 30.57 15.67 19.54
C ASN B 516 31.59 15.82 18.42
N LEU B 517 31.13 15.70 17.18
CA LEU B 517 31.90 16.06 15.99
C LEU B 517 31.34 17.41 15.58
N ASP B 518 31.91 18.48 16.13
CA ASP B 518 31.37 19.82 15.95
C ASP B 518 32.10 20.54 14.82
N ARG B 519 31.34 20.97 13.81
CA ARG B 519 31.91 21.58 12.62
C ARG B 519 31.91 23.10 12.65
N THR B 520 31.11 23.74 13.43
CA THR B 520 31.12 25.22 13.53
C THR B 520 32.46 25.66 14.12
N LYS B 521 33.18 24.75 14.79
CA LYS B 521 34.45 25.12 15.46
C LYS B 521 35.50 24.00 15.28
N THR B 522 35.42 23.22 14.20
CA THR B 522 36.40 22.14 13.94
C THR B 522 36.90 21.55 15.26
N GLU B 523 36.06 20.78 15.95
CA GLU B 523 36.40 20.22 17.24
C GLU B 523 35.80 18.83 17.40
N ILE B 524 36.50 18.00 18.17
CA ILE B 524 36.00 16.70 18.60
C ILE B 524 35.96 16.73 20.12
N THR B 525 34.78 16.58 20.69
CA THR B 525 34.57 16.66 22.13
C THR B 525 34.11 15.30 22.63
N VAL B 526 35.03 14.54 23.22
CA VAL B 526 34.69 13.26 23.85
C VAL B 526 34.42 13.58 25.31
N ASP B 527 33.19 14.00 25.59
CA ASP B 527 32.79 14.40 26.92
C ASP B 527 32.15 13.23 27.65
N SER B 528 32.43 13.11 28.94
CA SER B 528 31.90 11.99 29.72
C SER B 528 31.95 12.35 31.19
N LYS B 529 30.80 12.27 31.86
CA LYS B 529 30.76 12.45 33.30
C LYS B 529 31.08 11.12 33.98
N GLY B 530 32.21 10.54 33.62
CA GLY B 530 32.59 9.26 34.17
C GLY B 530 33.97 8.84 33.71
N SER B 531 34.27 7.56 33.91
CA SER B 531 35.57 7.02 33.55
C SER B 531 35.77 7.01 32.04
N VAL B 532 37.04 7.04 31.63
CA VAL B 532 37.42 6.96 30.23
C VAL B 532 38.50 5.90 30.10
N SER B 533 38.44 5.11 29.02
CA SER B 533 39.41 4.05 28.81
C SER B 533 39.69 3.94 27.32
N ILE B 534 40.90 4.31 26.91
CA ILE B 534 41.37 4.14 25.54
C ILE B 534 42.48 3.10 25.57
N THR B 535 42.31 2.02 24.80
CA THR B 535 43.22 0.89 24.86
C THR B 535 43.59 0.43 23.46
N GLY B 536 44.73 -0.23 23.37
CA GLY B 536 45.20 -0.82 22.13
C GLY B 536 45.85 -2.17 22.39
N SER B 537 46.25 -2.83 21.30
CA SER B 537 46.85 -4.15 21.38
C SER B 537 48.31 -4.14 20.91
N ARG B 538 48.57 -3.68 19.69
CA ARG B 538 49.92 -3.72 19.14
C ARG B 538 50.60 -2.37 19.11
N SER B 539 49.84 -1.28 19.10
CA SER B 539 50.40 0.05 19.22
C SER B 539 49.38 0.95 19.87
N VAL B 540 49.86 2.06 20.43
CA VAL B 540 49.03 2.97 21.20
C VAL B 540 48.83 4.22 20.35
N SER B 541 47.84 5.03 20.74
CA SER B 541 47.52 6.27 20.05
C SER B 541 48.76 7.11 19.80
N VAL B 542 49.05 7.35 18.53
CA VAL B 542 50.18 8.22 18.15
C VAL B 542 49.60 9.62 18.09
N ASP B 543 49.57 10.27 19.25
CA ASP B 543 49.00 11.60 19.35
C ASP B 543 49.86 12.62 18.60
N ALA B 544 49.21 13.59 17.97
CA ALA B 544 49.92 14.57 17.16
C ALA B 544 49.07 15.83 17.05
N GLY B 545 49.71 16.91 16.60
CA GLY B 545 49.07 18.20 16.47
C GLY B 545 50.05 19.33 16.72
N THR B 546 49.57 20.46 17.26
CA THR B 546 50.45 21.59 17.54
C THR B 546 50.32 22.12 18.97
N ASP B 547 49.50 21.52 19.83
CA ASP B 547 49.45 21.93 21.23
C ASP B 547 48.91 20.76 22.05
N LEU B 548 49.82 20.04 22.70
CA LEU B 548 49.45 18.97 23.61
C LEU B 548 49.29 19.52 25.03
N SER B 549 48.27 19.00 25.73
CA SER B 549 48.02 19.41 27.11
C SER B 549 47.42 18.23 27.86
N LEU B 550 48.09 17.77 28.90
CA LEU B 550 47.63 16.66 29.73
C LEU B 550 47.55 17.18 31.16
N SER B 551 46.41 17.74 31.52
CA SER B 551 46.22 18.38 32.83
C SER B 551 45.05 17.69 33.54
N ALA B 552 45.39 16.70 34.36
CA ALA B 552 44.42 15.96 35.14
C ALA B 552 44.73 16.14 36.63
N ARG B 553 43.70 16.49 37.40
CA ARG B 553 43.89 16.81 38.80
C ARG B 553 44.13 15.55 39.63
N ARG B 554 44.78 15.74 40.77
CA ARG B 554 44.81 14.79 41.89
C ARG B 554 45.66 13.55 41.63
N SER B 555 46.13 13.35 40.40
CA SER B 555 46.96 12.19 40.09
C SER B 555 47.45 12.28 38.65
N LEU B 556 48.62 11.69 38.41
CA LEU B 556 49.12 11.49 37.05
C LEU B 556 50.21 10.44 37.12
N THR B 557 49.99 9.30 36.47
CA THR B 557 50.92 8.18 36.52
C THR B 557 51.30 7.79 35.11
N ILE B 558 52.61 7.70 34.85
CA ILE B 558 53.15 7.26 33.56
C ILE B 558 53.99 6.02 33.80
N LYS B 559 53.67 4.94 33.10
CA LYS B 559 54.38 3.68 33.24
C LYS B 559 54.83 3.21 31.86
N SER B 560 55.98 2.54 31.83
CA SER B 560 56.56 2.07 30.57
C SER B 560 56.72 0.57 30.50
N GLY B 561 57.25 -0.06 31.56
CA GLY B 561 57.59 -1.46 31.46
C GLY B 561 58.70 -1.74 30.47
N GLY B 562 59.44 -0.70 30.07
CA GLY B 562 60.48 -0.80 29.09
C GLY B 562 61.13 0.54 28.86
N PRO B 563 61.89 0.68 27.79
CA PRO B 563 62.54 1.96 27.50
C PRO B 563 61.55 3.11 27.45
N LEU B 564 61.92 4.24 28.06
CA LEU B 564 61.14 5.45 28.05
C LEU B 564 62.02 6.59 27.54
N SER B 565 61.46 7.44 26.69
CA SER B 565 62.23 8.51 26.08
C SER B 565 61.42 9.80 26.10
N ILE B 566 62.07 10.89 26.50
CA ILE B 566 61.51 12.23 26.38
C ILE B 566 62.47 13.02 25.51
N GLN B 567 62.22 13.04 24.21
CA GLN B 567 63.15 13.67 23.27
C GLN B 567 63.21 15.17 23.49
N GLY B 568 62.07 15.81 23.72
CA GLY B 568 62.04 17.24 23.94
C GLY B 568 62.39 18.04 22.71
N GLY B 569 63.58 18.64 22.71
CA GLY B 569 64.02 19.48 21.61
C GLY B 569 64.14 20.95 21.95
N SER B 570 63.57 21.38 23.07
CA SER B 570 63.64 22.77 23.49
C SER B 570 63.60 22.81 25.02
N THR B 571 63.28 23.97 25.58
CA THR B 571 63.27 24.14 27.02
C THR B 571 62.31 23.15 27.68
N ILE B 572 62.77 22.54 28.76
CA ILE B 572 61.97 21.60 29.55
C ILE B 572 61.91 22.15 30.97
N ASN B 573 60.85 22.90 31.28
CA ASN B 573 60.65 23.43 32.61
C ASN B 573 59.95 22.38 33.46
N MET B 574 60.64 21.88 34.48
CA MET B 574 60.11 20.83 35.35
C MET B 574 60.00 21.42 36.76
N ARG B 575 58.86 22.05 37.02
CA ARG B 575 58.61 22.68 38.31
C ARG B 575 58.09 21.64 39.32
N SER B 576 57.78 22.12 40.52
CA SER B 576 57.24 21.27 41.57
C SER B 576 56.64 22.10 42.70
N GLY B 577 55.40 21.79 43.09
CA GLY B 577 54.81 22.47 44.23
C GLY B 577 55.55 22.15 45.53
N GLY B 578 55.95 20.90 45.69
CA GLY B 578 56.74 20.50 46.85
C GLY B 578 57.35 19.12 46.68
N LEU B 579 58.66 19.02 46.91
CA LEU B 579 59.41 17.76 46.85
C LEU B 579 59.51 17.22 45.43
N VAL B 580 60.65 16.60 45.12
CA VAL B 580 60.88 15.93 43.84
C VAL B 580 61.96 14.89 44.07
N GLY B 581 61.94 13.83 43.27
CA GLY B 581 62.92 12.78 43.45
C GLY B 581 63.15 11.90 42.25
N VAL B 582 64.36 11.38 42.12
CA VAL B 582 64.71 10.40 41.10
C VAL B 582 65.29 9.18 41.81
N ASN B 583 64.69 8.01 41.55
CA ASN B 583 65.08 6.82 42.26
C ASN B 583 66.45 6.31 41.79
N ALA B 584 67.11 5.54 42.65
CA ALA B 584 68.40 4.96 42.36
C ALA B 584 68.25 3.75 41.43
N GLY B 585 67.75 4.02 40.23
CA GLY B 585 67.53 2.96 39.27
C GLY B 585 68.81 2.27 38.83
N GLY B 586 69.82 3.07 38.50
CA GLY B 586 71.07 2.52 38.03
C GLY B 586 72.12 3.57 37.73
N ALA B 587 72.79 3.45 36.58
CA ALA B 587 73.88 4.34 36.20
C ALA B 587 73.30 5.68 35.75
N LEU B 588 72.82 6.45 36.71
CA LEU B 588 72.29 7.78 36.44
C LEU B 588 73.43 8.73 36.05
N ASN B 589 73.19 9.53 35.01
CA ASN B 589 74.19 10.46 34.54
C ASN B 589 73.49 11.74 34.06
N LEU B 590 74.26 12.82 34.01
CA LEU B 590 73.77 14.09 33.49
C LEU B 590 74.67 14.62 32.40
N GLY B 591 74.42 15.85 31.95
CA GLY B 591 75.25 16.48 30.95
C GLY B 591 74.75 17.88 30.68
N ALA B 592 75.63 18.69 30.10
CA ALA B 592 75.27 20.08 29.84
C ALA B 592 76.17 20.63 28.76
N GLY B 593 75.57 21.22 27.72
CA GLY B 593 76.33 21.97 26.74
C GLY B 593 76.68 23.37 27.16
N GLY B 594 76.17 23.81 28.32
CA GLY B 594 76.47 25.11 28.85
C GLY B 594 76.90 25.05 30.30
N ALA B 595 76.21 25.79 31.17
CA ALA B 595 76.55 25.83 32.58
C ALA B 595 75.91 24.64 33.31
N ALA B 596 76.10 24.58 34.62
CA ALA B 596 75.51 23.52 35.44
C ALA B 596 75.42 24.03 36.87
N THR B 597 74.21 24.10 37.41
CA THR B 597 73.96 24.68 38.73
C THR B 597 73.09 23.76 39.56
N LEU B 598 73.47 23.55 40.81
CA LEU B 598 72.70 22.76 41.77
C LEU B 598 72.57 23.58 43.05
N SER B 599 71.56 24.43 43.12
CA SER B 599 71.33 25.29 44.27
C SER B 599 70.21 24.74 45.15
N ALA B 600 70.15 25.24 46.38
CA ALA B 600 69.10 24.86 47.31
C ALA B 600 69.00 25.93 48.39
N GLY B 601 67.87 25.90 49.10
CA GLY B 601 67.62 26.87 50.15
C GLY B 601 67.91 26.33 51.54
N ALA B 602 68.19 25.04 51.65
CA ALA B 602 68.46 24.40 52.94
C ALA B 602 69.61 23.43 52.76
N ALA B 603 69.82 22.57 53.77
CA ALA B 603 71.01 21.73 53.88
C ALA B 603 71.28 20.89 52.64
N THR B 604 72.39 21.15 51.97
CA THR B 604 72.80 20.41 50.79
C THR B 604 73.81 19.33 51.18
N THR B 605 73.96 18.36 50.28
CA THR B 605 74.92 17.29 50.50
C THR B 605 75.24 16.62 49.16
N ILE B 606 76.40 15.96 49.12
CA ILE B 606 76.79 15.14 47.98
C ILE B 606 77.15 13.77 48.56
N SER B 607 76.18 12.87 48.60
CA SER B 607 76.35 11.59 49.27
C SER B 607 77.04 10.59 48.33
N GLY B 608 77.04 9.32 48.72
CA GLY B 608 77.70 8.28 47.95
C GLY B 608 78.85 7.64 48.69
N THR B 609 78.67 6.39 49.09
CA THR B 609 79.69 5.67 49.84
C THR B 609 80.74 5.11 48.89
N VAL B 610 81.29 5.96 48.03
CA VAL B 610 82.15 5.57 46.93
C VAL B 610 83.24 6.62 46.76
N ASN B 611 84.11 6.38 45.77
CA ASN B 611 85.21 7.29 45.45
C ASN B 611 84.63 8.52 44.75
N VAL B 612 84.26 9.52 45.53
CA VAL B 612 83.80 10.78 44.98
C VAL B 612 84.97 11.46 44.25
N GLN B 613 84.63 12.35 43.31
CA GLN B 613 85.67 13.01 42.53
C GLN B 613 85.15 14.31 41.95
N ILE B 614 86.08 15.23 41.69
CA ILE B 614 85.83 16.47 40.97
C ILE B 614 86.91 16.61 39.90
N ASN B 615 86.51 16.90 38.66
CA ASN B 615 87.51 16.92 37.55
C ASN B 615 87.35 18.19 36.71
N SER B 616 88.48 18.81 36.34
CA SER B 616 88.44 20.08 35.56
C SER B 616 89.85 20.66 35.37
N VAL B 617 89.99 21.58 34.42
CA VAL B 617 91.30 22.27 34.23
C VAL B 617 91.44 23.31 35.36
N MET B 618 90.31 23.78 35.89
CA MET B 618 90.32 24.73 37.03
C MET B 618 89.33 24.26 38.09
N THR B 619 89.80 24.05 39.33
CA THR B 619 88.88 23.65 40.42
C THR B 619 88.91 24.76 41.49
N ARG B 620 88.17 25.84 41.25
CA ARG B 620 88.15 26.98 42.21
C ARG B 620 87.00 26.79 43.19
N VAL B 621 87.22 26.02 44.26
CA VAL B 621 86.16 25.85 45.30
C VAL B 621 86.14 27.12 46.14
N ILE B 622 85.19 28.03 45.88
CA ILE B 622 85.15 29.33 46.60
C ILE B 622 83.95 29.33 47.56
N GLY B 623 84.18 29.67 48.83
CA GLY B 623 83.10 29.72 49.82
C GLY B 623 83.43 30.70 50.93
N ALA B 624 82.85 30.52 52.12
CA ALA B 624 83.20 31.38 53.27
C ALA B 624 84.21 30.64 54.15
N THR B 625 84.41 29.35 53.89
CA THR B 625 85.40 28.53 54.66
C THR B 625 85.58 27.19 53.97
N PHE B 626 86.48 26.36 54.47
CA PHE B 626 86.57 25.01 53.92
C PHE B 626 87.02 24.08 55.04
N GLU B 627 86.13 23.20 55.48
CA GLU B 627 86.38 22.32 56.63
C GLU B 627 86.48 20.88 56.17
N VAL B 628 87.54 20.20 56.60
CA VAL B 628 87.72 18.75 56.30
C VAL B 628 87.87 18.03 57.64
N LYS B 629 87.24 16.86 57.79
CA LYS B 629 87.28 16.16 59.11
C LYS B 629 88.33 15.05 59.07
N THR B 630 89.16 15.02 58.02
CA THR B 630 90.18 13.94 57.88
C THR B 630 91.48 14.52 57.30
N PRO B 631 92.64 13.86 57.48
CA PRO B 631 93.91 14.38 57.00
C PRO B 631 93.93 14.55 55.47
N ILE B 632 94.62 15.56 54.96
CA ILE B 632 94.75 15.75 53.48
C ILE B 632 96.01 15.00 53.01
N PHE B 633 96.02 14.51 51.76
CA PHE B 633 97.17 13.68 51.31
C PHE B 633 97.55 13.97 49.85
N LYS B 634 98.76 13.60 49.45
CA LYS B 634 99.20 13.71 48.04
C LYS B 634 99.25 15.17 47.55
N VAL B 635 99.28 16.14 48.48
CA VAL B 635 99.43 17.56 48.04
C VAL B 635 100.72 17.67 47.22
N ALA B 636 100.63 18.20 45.99
CA ALA B 636 101.83 18.33 45.14
C ALA B 636 102.83 19.28 45.80
N THR B 637 102.34 20.41 46.32
CA THR B 637 103.22 21.38 47.03
C THR B 637 102.58 21.76 48.36
N ILE B 638 103.35 22.40 49.25
CA ILE B 638 102.78 22.87 50.52
C ILE B 638 101.83 24.03 50.24
N PRO B 639 100.70 24.15 50.93
CA PRO B 639 99.79 25.27 50.66
C PRO B 639 100.48 26.61 50.79
N VAL B 640 100.17 27.52 49.88
CA VAL B 640 100.77 28.84 49.82
C VAL B 640 99.65 29.87 49.65
N PRO B 641 99.67 30.98 50.41
CA PRO B 641 98.69 32.04 50.17
C PRO B 641 98.94 32.70 48.82
N GLY B 642 97.85 33.20 48.23
CA GLY B 642 97.92 33.85 46.94
C GLY B 642 98.33 32.91 45.82
N VAL C 2 -31.18 -4.62 -57.01
CA VAL C 2 -31.62 -3.32 -56.50
C VAL C 2 -31.29 -3.19 -55.02
N ARG C 3 -31.86 -2.18 -54.37
CA ARG C 3 -31.55 -1.95 -52.96
C ARG C 3 -32.16 -3.03 -52.07
N PRO C 4 -33.48 -3.34 -52.15
CA PRO C 4 -33.98 -4.51 -51.42
C PRO C 4 -33.74 -5.79 -52.20
N SER C 5 -34.25 -6.91 -51.71
CA SER C 5 -34.01 -8.20 -52.34
C SER C 5 -35.31 -8.96 -52.52
N PHE C 6 -35.38 -9.73 -53.61
CA PHE C 6 -36.51 -10.63 -53.82
C PHE C 6 -36.38 -11.90 -52.99
N SER C 7 -35.31 -12.65 -53.21
CA SER C 7 -35.02 -13.86 -52.45
C SER C 7 -33.60 -13.81 -51.94
N SER C 8 -33.40 -14.26 -50.70
CA SER C 8 -32.10 -14.24 -50.06
C SER C 8 -31.76 -15.62 -49.52
N ILE C 9 -30.50 -16.01 -49.66
CA ILE C 9 -30.03 -17.33 -49.28
C ILE C 9 -28.84 -17.19 -48.35
N VAL C 10 -28.59 -18.23 -47.56
CA VAL C 10 -27.40 -18.33 -46.72
C VAL C 10 -26.63 -19.56 -47.18
N GLU C 11 -25.37 -19.37 -47.56
CA GLU C 11 -24.51 -20.47 -47.96
C GLU C 11 -23.49 -20.70 -46.87
N VAL C 12 -23.51 -21.91 -46.30
CA VAL C 12 -22.65 -22.29 -45.19
C VAL C 12 -21.81 -23.49 -45.61
N LYS C 13 -20.50 -23.39 -45.40
CA LYS C 13 -19.59 -24.49 -45.68
C LYS C 13 -18.94 -24.93 -44.38
N ILE C 14 -19.02 -26.22 -44.09
CA ILE C 14 -18.52 -26.80 -42.84
C ILE C 14 -17.37 -27.73 -43.18
N GLY C 15 -16.22 -27.52 -42.54
CA GLY C 15 -15.07 -28.35 -42.78
C GLY C 15 -14.49 -28.26 -44.17
N GLY C 16 -14.77 -27.17 -44.89
CA GLY C 16 -14.27 -27.00 -46.23
C GLY C 16 -15.16 -27.58 -47.32
N ALA C 17 -16.12 -28.41 -46.96
CA ALA C 17 -17.05 -29.01 -47.91
C ALA C 17 -18.40 -28.32 -47.83
N LYS C 18 -19.06 -28.22 -48.98
CA LYS C 18 -20.38 -27.59 -49.02
C LYS C 18 -21.38 -28.41 -48.21
N LEU C 19 -22.39 -27.73 -47.70
CA LEU C 19 -23.41 -28.40 -46.90
C LEU C 19 -24.09 -29.47 -47.73
N PRO C 20 -24.30 -30.67 -47.19
CA PRO C 20 -24.94 -31.73 -47.98
C PRO C 20 -26.35 -31.36 -48.38
N ASP C 21 -26.77 -31.90 -49.53
CA ASP C 21 -28.11 -31.59 -50.04
C ASP C 21 -29.19 -32.11 -49.13
N THR C 22 -28.93 -33.19 -48.39
CA THR C 22 -29.91 -33.72 -47.46
C THR C 22 -29.96 -32.95 -46.15
N ILE C 23 -29.05 -32.01 -45.93
CA ILE C 23 -29.04 -31.21 -44.71
C ILE C 23 -29.40 -29.74 -44.96
N ALA C 24 -29.24 -29.25 -46.20
CA ALA C 24 -29.54 -27.85 -46.48
C ALA C 24 -30.97 -27.44 -46.12
N PRO C 25 -32.02 -28.21 -46.45
CA PRO C 25 -33.37 -27.81 -46.01
C PRO C 25 -33.55 -27.80 -44.51
N MET C 26 -32.72 -28.53 -43.76
CA MET C 26 -32.90 -28.60 -42.31
C MET C 26 -32.52 -27.30 -41.63
N LEU C 27 -31.73 -26.47 -42.29
CA LEU C 27 -31.33 -25.19 -41.70
C LEU C 27 -32.54 -24.28 -41.56
N THR C 28 -32.62 -23.52 -40.46
CA THR C 28 -33.73 -22.56 -40.27
C THR C 28 -33.17 -21.17 -39.98
N ASP C 29 -32.52 -20.98 -38.83
CA ASP C 29 -32.01 -19.65 -38.43
C ASP C 29 -30.59 -19.43 -38.96
N GLY C 30 -30.26 -18.19 -39.33
CA GLY C 30 -28.90 -17.86 -39.81
C GLY C 30 -28.41 -16.56 -39.20
N TRP C 31 -27.88 -16.62 -37.97
CA TRP C 31 -27.43 -15.40 -37.26
C TRP C 31 -25.92 -15.15 -37.39
N VAL C 32 -25.51 -13.92 -37.63
CA VAL C 32 -24.06 -13.58 -37.63
C VAL C 32 -23.96 -12.20 -37.00
N ASP C 33 -23.22 -12.06 -35.90
CA ASP C 33 -23.13 -10.80 -35.15
C ASP C 33 -21.68 -10.34 -35.15
N GLN C 34 -21.36 -9.37 -36.00
CA GLN C 34 -20.00 -8.90 -36.20
C GLN C 34 -19.83 -7.54 -35.56
N GLY C 35 -18.71 -7.34 -34.87
CA GLY C 35 -18.40 -6.09 -34.21
C GLY C 35 -16.92 -5.77 -34.25
N VAL C 36 -16.60 -4.58 -33.76
CA VAL C 36 -15.21 -4.11 -33.70
C VAL C 36 -14.68 -4.12 -32.29
N ASN C 37 -15.49 -4.47 -31.30
CA ASN C 37 -15.04 -4.55 -29.91
C ASN C 37 -14.89 -5.97 -29.39
N VAL C 38 -15.71 -6.90 -29.87
CA VAL C 38 -15.65 -8.29 -29.43
C VAL C 38 -15.68 -9.18 -30.67
N PRO C 39 -15.18 -10.41 -30.55
CA PRO C 39 -15.24 -11.33 -31.69
C PRO C 39 -16.68 -11.58 -32.14
N ALA C 40 -16.85 -11.74 -33.44
CA ALA C 40 -18.18 -11.97 -34.01
C ALA C 40 -18.68 -13.36 -33.66
N ALA C 41 -19.98 -13.56 -33.83
CA ALA C 41 -20.64 -14.79 -33.41
C ALA C 41 -21.42 -15.42 -34.54
N PHE C 42 -21.24 -16.73 -34.70
CA PHE C 42 -22.03 -17.60 -35.56
C PHE C 42 -23.08 -18.30 -34.71
N ARG C 43 -24.33 -18.29 -35.18
CA ARG C 43 -25.38 -19.12 -34.58
C ARG C 43 -26.19 -19.72 -35.72
N LEU C 44 -25.90 -20.97 -36.08
CA LEU C 44 -26.62 -21.66 -37.14
C LEU C 44 -27.52 -22.70 -36.49
N THR C 45 -28.82 -22.54 -36.65
CA THR C 45 -29.82 -23.37 -35.99
C THR C 45 -30.52 -24.21 -37.04
N PHE C 46 -30.28 -25.52 -37.01
CA PHE C 46 -30.96 -26.48 -37.87
C PHE C 46 -32.13 -27.11 -37.13
N ARG C 47 -33.08 -27.64 -37.89
CA ARG C 47 -34.22 -28.35 -37.33
C ARG C 47 -33.95 -29.84 -37.43
N ASP C 48 -33.81 -30.50 -36.28
CA ASP C 48 -33.46 -31.92 -36.19
C ASP C 48 -34.48 -32.59 -35.27
N PRO C 49 -35.67 -32.92 -35.80
CA PRO C 49 -36.70 -33.51 -34.94
C PRO C 49 -36.30 -34.83 -34.30
N TYR C 50 -35.52 -35.66 -35.00
CA TYR C 50 -35.15 -36.98 -34.49
C TYR C 50 -33.75 -37.01 -33.91
N HIS C 51 -33.08 -35.87 -33.80
CA HIS C 51 -31.80 -35.74 -33.09
C HIS C 51 -30.73 -36.64 -33.71
N ARG C 52 -30.44 -36.41 -34.98
CA ARG C 52 -29.48 -37.21 -35.71
C ARG C 52 -28.50 -36.40 -36.55
N LEU C 53 -28.59 -35.07 -36.54
CA LEU C 53 -27.72 -34.27 -37.40
C LEU C 53 -26.26 -34.38 -36.99
N LEU C 54 -25.98 -34.16 -35.70
CA LEU C 54 -24.59 -34.11 -35.24
C LEU C 54 -23.88 -35.45 -35.42
N GLY C 55 -24.61 -36.54 -35.53
CA GLY C 55 -24.00 -37.84 -35.77
C GLY C 55 -23.69 -38.14 -37.22
N ASP C 56 -24.08 -37.26 -38.14
CA ASP C 56 -23.86 -37.47 -39.56
C ASP C 56 -22.85 -36.50 -40.16
N LEU C 57 -22.95 -35.21 -39.81
CA LEU C 57 -21.96 -34.25 -40.26
C LEU C 57 -20.59 -34.49 -39.63
N ASN C 58 -20.53 -35.28 -38.55
CA ASN C 58 -19.30 -35.48 -37.80
C ASN C 58 -18.70 -34.14 -37.38
N VAL C 59 -19.56 -33.21 -36.99
CA VAL C 59 -19.12 -31.88 -36.61
C VAL C 59 -18.63 -31.90 -35.17
N GLN C 60 -17.33 -31.64 -34.99
CA GLN C 60 -16.73 -31.51 -33.68
C GLN C 60 -16.04 -30.16 -33.61
N PHE C 61 -16.29 -29.42 -32.54
CA PHE C 61 -15.79 -28.06 -32.43
C PHE C 61 -14.28 -28.02 -32.59
N GLY C 62 -13.81 -27.12 -33.43
CA GLY C 62 -12.44 -27.10 -33.88
C GLY C 62 -12.35 -27.27 -35.38
N THR C 63 -13.47 -27.05 -36.06
CA THR C 63 -13.56 -27.19 -37.50
C THR C 63 -13.87 -25.84 -38.16
N LYS C 64 -13.29 -25.62 -39.33
CA LYS C 64 -13.48 -24.37 -40.06
C LYS C 64 -14.88 -24.31 -40.67
N VAL C 65 -15.54 -23.16 -40.49
CA VAL C 65 -16.86 -22.95 -41.05
C VAL C 65 -16.92 -21.54 -41.66
N VAL C 66 -17.52 -21.46 -42.85
CA VAL C 66 -17.62 -20.21 -43.59
C VAL C 66 -19.09 -19.92 -43.85
N ILE C 67 -19.51 -18.69 -43.57
CA ILE C 67 -20.88 -18.24 -43.81
C ILE C 67 -20.86 -17.07 -44.78
N THR C 68 -21.71 -17.16 -45.81
CA THR C 68 -21.87 -16.14 -46.83
C THR C 68 -23.35 -15.83 -47.02
N PRO C 69 -23.73 -14.57 -47.15
CA PRO C 69 -25.10 -14.24 -47.54
C PRO C 69 -25.21 -14.02 -49.04
N ILE C 70 -26.40 -14.25 -49.60
CA ILE C 70 -26.64 -13.97 -51.01
C ILE C 70 -27.98 -13.27 -51.14
N ALA C 71 -27.94 -11.95 -51.39
CA ALA C 71 -29.13 -11.16 -51.66
C ALA C 71 -29.07 -10.73 -53.11
N ASP C 72 -30.00 -11.25 -53.92
CA ASP C 72 -30.00 -11.05 -55.37
C ASP C 72 -28.67 -11.59 -55.91
N GLY C 73 -28.00 -10.86 -56.80
CA GLY C 73 -26.77 -11.34 -57.38
C GLY C 73 -25.52 -10.83 -56.71
N GLN C 74 -25.65 -10.34 -55.48
CA GLN C 74 -24.54 -9.80 -54.71
C GLN C 74 -24.17 -10.77 -53.59
N GLY C 75 -22.89 -11.07 -53.47
CA GLY C 75 -22.40 -11.91 -52.40
C GLY C 75 -22.02 -13.33 -52.77
N LYS C 76 -22.06 -13.69 -54.05
CA LYS C 76 -21.61 -15.02 -54.46
C LYS C 76 -20.13 -15.20 -54.15
N ASN C 77 -19.32 -14.20 -54.48
CA ASN C 77 -17.95 -14.12 -54.00
C ASN C 77 -17.96 -13.40 -52.65
N ASN C 78 -16.77 -13.05 -52.15
CA ASN C 78 -16.63 -12.27 -50.92
C ASN C 78 -17.35 -12.97 -49.77
N PRO C 79 -16.82 -14.09 -49.27
CA PRO C 79 -17.47 -14.75 -48.13
C PRO C 79 -17.55 -13.82 -46.93
N LEU C 80 -18.68 -13.85 -46.22
CA LEU C 80 -18.89 -12.92 -45.09
C LEU C 80 -17.91 -13.22 -43.96
N LEU C 81 -17.96 -14.42 -43.39
CA LEU C 81 -17.09 -14.66 -42.20
C LEU C 81 -16.61 -16.12 -42.11
N THR C 82 -15.30 -16.31 -41.94
CA THR C 82 -14.74 -17.64 -41.73
C THR C 82 -14.27 -17.76 -40.29
N GLY C 83 -14.74 -18.79 -39.61
CA GLY C 83 -14.46 -18.94 -38.20
C GLY C 83 -14.41 -20.38 -37.76
N GLU C 84 -14.44 -20.57 -36.44
CA GLU C 84 -14.28 -21.87 -35.82
C GLU C 84 -15.50 -22.21 -34.99
N VAL C 85 -16.00 -23.43 -35.14
CA VAL C 85 -17.11 -23.90 -34.31
C VAL C 85 -16.62 -24.08 -32.88
N THR C 86 -17.34 -23.51 -31.92
CA THR C 86 -16.92 -23.52 -30.53
C THR C 86 -17.85 -24.33 -29.65
N GLY C 87 -19.15 -24.05 -29.67
CA GLY C 87 -20.09 -24.73 -28.80
C GLY C 87 -21.28 -25.27 -29.57
N LEU C 88 -21.96 -26.22 -28.93
CA LEU C 88 -23.14 -26.85 -29.50
C LEU C 88 -24.30 -26.73 -28.52
N GLU C 89 -25.51 -26.59 -29.08
CA GLU C 89 -26.72 -26.43 -28.27
C GLU C 89 -27.87 -27.17 -28.94
N THR C 90 -28.73 -27.77 -28.11
CA THR C 90 -29.97 -28.38 -28.56
C THR C 90 -31.12 -27.82 -27.73
N ASP C 91 -32.18 -27.38 -28.41
CA ASP C 91 -33.31 -26.72 -27.76
C ASP C 91 -34.59 -27.44 -28.14
N TYR C 92 -35.29 -27.97 -27.13
CA TYR C 92 -36.65 -28.45 -27.31
C TYR C 92 -37.58 -27.38 -26.75
N ASP C 93 -37.74 -26.30 -27.53
CA ASP C 93 -38.49 -25.15 -27.08
C ASP C 93 -40.00 -25.33 -27.22
N GLY C 94 -40.45 -26.44 -27.79
CA GLY C 94 -41.85 -26.66 -28.05
C GLY C 94 -42.31 -26.30 -29.44
N THR C 95 -41.48 -25.57 -30.19
CA THR C 95 -41.78 -25.24 -31.59
C THR C 95 -40.79 -25.91 -32.53
N GLY C 96 -40.17 -27.01 -32.11
CA GLY C 96 -39.21 -27.71 -32.92
C GLY C 96 -37.93 -28.03 -32.19
N SER C 97 -37.54 -29.30 -32.18
CA SER C 97 -36.32 -29.75 -31.50
C SER C 97 -35.13 -29.34 -32.35
N PHE C 98 -34.66 -28.12 -32.14
CA PHE C 98 -33.58 -27.56 -32.95
C PHE C 98 -32.21 -27.94 -32.40
N THR C 99 -31.25 -28.04 -33.30
CA THR C 99 -29.85 -28.21 -32.96
C THR C 99 -29.09 -26.97 -33.39
N VAL C 100 -28.39 -26.35 -32.45
CA VAL C 100 -27.70 -25.08 -32.67
C VAL C 100 -26.20 -25.32 -32.66
N ILE C 101 -25.53 -24.86 -33.70
CA ILE C 101 -24.07 -24.83 -33.73
C ILE C 101 -23.63 -23.38 -33.57
N ARG C 102 -22.75 -23.14 -32.61
CA ARG C 102 -22.26 -21.82 -32.28
C ARG C 102 -20.79 -21.71 -32.70
N GLY C 103 -20.42 -20.56 -33.24
CA GLY C 103 -19.08 -20.35 -33.74
C GLY C 103 -18.55 -18.99 -33.35
N TYR C 104 -17.23 -18.89 -33.34
CA TYR C 104 -16.54 -17.65 -33.06
C TYR C 104 -15.58 -17.35 -34.21
N ASP C 105 -14.99 -16.16 -34.17
CA ASP C 105 -14.13 -15.72 -35.24
C ASP C 105 -12.81 -16.49 -35.25
N TYR C 106 -12.20 -16.55 -36.43
CA TYR C 106 -10.88 -17.15 -36.56
C TYR C 106 -9.87 -16.20 -35.95
N GLY C 107 -9.67 -16.32 -34.64
CA GLY C 107 -8.93 -15.34 -33.88
C GLY C 107 -9.52 -15.12 -32.49
N HIS C 108 -10.59 -15.86 -32.19
CA HIS C 108 -11.14 -15.84 -30.84
C HIS C 108 -10.15 -16.38 -29.81
N ARG C 109 -9.15 -17.12 -30.27
CA ARG C 109 -8.17 -17.72 -29.35
C ARG C 109 -7.48 -16.66 -28.50
N LEU C 110 -7.40 -15.43 -29.00
CA LEU C 110 -6.80 -14.35 -28.20
C LEU C 110 -7.56 -14.16 -26.89
N MET C 111 -8.89 -14.18 -26.95
CA MET C 111 -9.68 -14.12 -25.72
C MET C 111 -9.58 -15.42 -24.94
N ARG C 112 -9.30 -16.53 -25.61
CA ARG C 112 -9.20 -17.83 -24.94
C ARG C 112 -7.96 -17.92 -24.06
N GLN C 113 -6.86 -17.29 -24.48
CA GLN C 113 -5.60 -17.39 -23.77
C GLN C 113 -5.49 -16.27 -22.74
N ARG C 114 -5.18 -16.64 -21.50
CA ARG C 114 -4.85 -15.68 -20.44
C ARG C 114 -3.34 -15.76 -20.21
N ARG C 115 -2.66 -14.63 -20.35
CA ARG C 115 -1.21 -14.61 -20.42
C ARG C 115 -0.64 -13.63 -19.41
N VAL C 116 0.59 -13.93 -19.00
CA VAL C 116 1.46 -13.03 -18.26
C VAL C 116 2.78 -12.95 -19.03
N ALA C 117 3.33 -11.74 -19.14
CA ALA C 117 4.58 -11.53 -19.87
C ALA C 117 5.01 -10.08 -19.68
N ALA C 118 6.19 -9.76 -20.21
CA ALA C 118 6.71 -8.40 -20.23
C ALA C 118 7.42 -8.16 -21.55
N TYR C 119 7.14 -7.01 -22.16
CA TYR C 119 7.72 -6.65 -23.45
C TYR C 119 8.57 -5.41 -23.28
N ARG C 120 9.79 -5.44 -23.81
CA ARG C 120 10.76 -4.38 -23.63
C ARG C 120 11.12 -3.76 -24.97
N ASN C 121 11.00 -2.43 -25.06
CA ASN C 121 11.45 -1.64 -26.20
C ASN C 121 10.85 -2.16 -27.51
N GLN C 122 9.51 -2.19 -27.55
CA GLN C 122 8.79 -2.59 -28.74
C GLN C 122 7.59 -1.68 -28.95
N LYS C 123 7.33 -1.34 -30.21
CA LYS C 123 6.17 -0.52 -30.54
C LYS C 123 4.89 -1.33 -30.35
N ALA C 124 3.78 -0.61 -30.23
CA ALA C 124 2.48 -1.27 -30.05
C ALA C 124 2.14 -2.14 -31.24
N SER C 125 2.46 -1.69 -32.46
CA SER C 125 2.25 -2.51 -33.64
C SER C 125 3.11 -3.78 -33.58
N ASP C 126 4.34 -3.65 -33.08
CA ASP C 126 5.18 -4.83 -32.90
C ASP C 126 4.58 -5.79 -31.90
N ILE C 127 4.02 -5.27 -30.81
CA ILE C 127 3.34 -6.11 -29.82
C ILE C 127 2.20 -6.86 -30.47
N ALA C 128 1.37 -6.14 -31.24
CA ALA C 128 0.24 -6.78 -31.91
C ALA C 128 0.72 -7.87 -32.86
N ARG C 129 1.75 -7.58 -33.65
CA ARG C 129 2.25 -8.57 -34.59
C ARG C 129 2.74 -9.82 -33.87
N LYS C 130 3.51 -9.63 -32.78
CA LYS C 130 4.04 -10.78 -32.06
C LYS C 130 2.93 -11.61 -31.45
N LEU C 131 2.05 -10.97 -30.68
CA LEU C 131 1.02 -11.77 -29.99
C LEU C 131 0.20 -12.51 -31.05
N VAL C 132 -0.28 -11.82 -32.07
CA VAL C 132 -1.17 -12.52 -33.05
C VAL C 132 -0.43 -13.74 -33.58
N GLN C 133 0.65 -13.55 -34.29
CA GLN C 133 1.29 -14.75 -34.89
C GLN C 133 1.41 -15.83 -33.80
N MET C 134 1.97 -15.49 -32.65
CA MET C 134 2.20 -16.53 -31.61
C MET C 134 0.92 -17.35 -31.45
N ASP C 135 -0.22 -16.78 -31.80
CA ASP C 135 -1.48 -17.47 -31.59
C ASP C 135 -2.05 -18.08 -32.85
N GLY C 136 -1.23 -18.23 -33.89
CA GLY C 136 -1.65 -18.92 -35.11
C GLY C 136 -2.78 -18.24 -35.86
N VAL C 137 -2.69 -16.92 -36.05
CA VAL C 137 -3.66 -16.16 -36.83
C VAL C 137 -2.89 -15.36 -37.86
N SER C 138 -3.28 -15.48 -39.14
CA SER C 138 -2.60 -14.78 -40.20
C SER C 138 -2.72 -13.26 -40.03
N VAL C 139 -1.66 -12.55 -40.38
CA VAL C 139 -1.57 -11.11 -40.20
C VAL C 139 -1.99 -10.42 -41.49
N GLY C 140 -2.90 -9.45 -41.36
CA GLY C 140 -3.33 -8.67 -42.50
C GLY C 140 -2.51 -7.39 -42.62
N ARG C 141 -3.14 -6.25 -42.42
CA ARG C 141 -2.45 -4.97 -42.44
C ARG C 141 -2.38 -4.40 -41.02
N ILE C 142 -1.18 -4.02 -40.59
CA ILE C 142 -0.94 -3.46 -39.27
C ILE C 142 -0.40 -2.05 -39.44
N GLN C 143 -1.05 -1.09 -38.79
CA GLN C 143 -0.66 0.31 -38.90
C GLN C 143 0.28 0.67 -37.76
N PRO C 144 1.49 1.12 -38.04
CA PRO C 144 2.41 1.51 -36.97
C PRO C 144 1.82 2.62 -36.10
N THR C 145 2.06 2.53 -34.80
CA THR C 145 1.49 3.47 -33.86
C THR C 145 2.36 4.73 -33.76
N LYS C 146 1.88 5.70 -32.96
CA LYS C 146 2.53 7.01 -32.90
C LYS C 146 3.89 6.93 -32.21
N GLY C 147 3.96 6.27 -31.06
CA GLY C 147 5.16 6.26 -30.26
C GLY C 147 5.44 4.90 -29.67
N THR C 148 6.72 4.69 -29.33
CA THR C 148 7.16 3.45 -28.74
C THR C 148 6.91 3.43 -27.23
N TYR C 149 6.98 2.24 -26.66
CA TYR C 149 6.81 2.05 -25.23
C TYR C 149 8.12 1.51 -24.64
N ALA C 150 8.51 2.05 -23.49
CA ALA C 150 9.76 1.62 -22.87
C ALA C 150 9.65 0.19 -22.34
N PHE C 151 8.58 -0.13 -21.63
CA PHE C 151 8.42 -1.44 -21.02
C PHE C 151 6.94 -1.66 -20.71
N ILE C 152 6.36 -2.70 -21.32
CA ILE C 152 4.97 -3.04 -21.13
C ILE C 152 4.90 -4.38 -20.40
N ALA C 153 4.03 -4.45 -19.40
CA ALA C 153 3.82 -5.67 -18.63
C ALA C 153 2.40 -6.16 -18.86
N GLN C 154 2.25 -7.44 -19.16
CA GLN C 154 0.95 -8.06 -19.33
C GLN C 154 0.47 -8.59 -17.98
N PRO C 155 -0.43 -7.88 -17.31
CA PRO C 155 -0.74 -8.17 -15.90
C PRO C 155 -1.78 -9.28 -15.74
N ASN C 156 -1.43 -10.48 -16.21
CA ASN C 156 -2.29 -11.66 -16.07
C ASN C 156 -3.68 -11.40 -16.67
N VAL C 157 -3.69 -11.17 -17.99
CA VAL C 157 -4.93 -10.78 -18.65
C VAL C 157 -5.10 -11.61 -19.91
N THR C 158 -6.34 -11.64 -20.43
CA THR C 158 -6.57 -12.35 -21.71
C THR C 158 -5.90 -11.57 -22.84
N ASP C 159 -5.31 -12.27 -23.81
CA ASP C 159 -4.58 -11.61 -24.92
C ASP C 159 -5.53 -10.58 -25.58
N TRP C 160 -6.74 -11.01 -25.96
CA TRP C 160 -7.70 -10.11 -26.64
C TRP C 160 -7.87 -8.80 -25.86
N ASP C 161 -8.07 -8.89 -24.54
CA ASP C 161 -8.35 -7.70 -23.74
C ASP C 161 -7.16 -6.75 -23.71
N PHE C 162 -5.96 -7.29 -23.54
CA PHE C 162 -4.75 -6.46 -23.57
C PHE C 162 -4.60 -5.75 -24.91
N LEU C 163 -4.76 -6.51 -26.00
CA LEU C 163 -4.65 -5.91 -27.36
C LEU C 163 -5.78 -4.89 -27.54
N ALA C 164 -6.98 -5.21 -27.05
CA ALA C 164 -8.14 -4.29 -27.21
C ALA C 164 -7.83 -2.96 -26.50
N ARG C 165 -7.33 -3.02 -25.27
CA ARG C 165 -7.07 -1.78 -24.59
C ARG C 165 -6.01 -1.03 -25.32
N LEU C 166 -4.98 -1.75 -25.76
CA LEU C 166 -3.86 -1.09 -26.48
C LEU C 166 -4.42 -0.29 -27.65
N ALA C 167 -5.29 -0.92 -28.45
CA ALA C 167 -5.91 -0.23 -29.61
C ALA C 167 -6.70 0.98 -29.11
N ASP C 168 -7.42 0.82 -27.98
CA ASP C 168 -8.22 1.94 -27.42
C ASP C 168 -7.31 3.11 -27.08
N GLU C 169 -6.18 2.85 -26.41
CA GLU C 169 -5.26 3.93 -25.99
C GLU C 169 -4.66 4.58 -27.24
N ASN C 170 -4.42 3.80 -28.30
CA ASN C 170 -3.79 4.36 -29.48
C ASN C 170 -4.80 4.92 -30.49
N LYS C 171 -6.09 4.91 -30.18
CA LYS C 171 -7.14 5.36 -31.10
C LYS C 171 -7.12 4.56 -32.39
N MET C 172 -7.23 3.24 -32.24
CA MET C 172 -7.25 2.29 -33.35
C MET C 172 -8.58 1.55 -33.36
N ILE C 173 -8.65 0.55 -34.23
CA ILE C 173 -9.80 -0.35 -34.37
C ILE C 173 -9.26 -1.75 -34.55
N MET C 174 -9.83 -2.70 -33.82
CA MET C 174 -9.39 -4.09 -33.79
C MET C 174 -10.24 -4.88 -34.79
N TYR C 175 -9.85 -4.79 -36.06
CA TYR C 175 -10.68 -5.31 -37.13
C TYR C 175 -10.32 -6.77 -37.41
N LEU C 176 -11.33 -7.57 -37.68
CA LEU C 176 -11.14 -8.97 -38.09
C LEU C 176 -11.99 -9.18 -39.34
N ASP C 177 -11.31 -9.20 -40.49
CA ASP C 177 -12.00 -9.11 -41.78
C ASP C 177 -12.62 -10.45 -42.15
N SER C 178 -13.07 -10.54 -43.41
CA SER C 178 -13.86 -11.69 -43.85
C SER C 178 -13.04 -12.97 -43.85
N LYS C 179 -11.86 -12.93 -44.47
CA LYS C 179 -11.05 -14.13 -44.66
C LYS C 179 -10.26 -14.53 -43.41
N GLY C 180 -10.62 -13.99 -42.25
CA GLY C 180 -9.91 -14.32 -41.03
C GLY C 180 -8.53 -13.74 -40.91
N LYS C 181 -8.31 -12.54 -41.43
CA LYS C 181 -7.03 -11.86 -41.34
C LYS C 181 -7.12 -10.77 -40.27
N PHE C 182 -6.19 -10.80 -39.33
CA PHE C 182 -6.13 -9.79 -38.28
C PHE C 182 -5.82 -8.42 -38.89
N ARG C 183 -6.42 -7.37 -38.31
CA ARG C 183 -6.21 -6.02 -38.80
C ARG C 183 -6.21 -5.06 -37.63
N PHE C 184 -5.20 -4.17 -37.60
CA PHE C 184 -5.12 -3.11 -36.56
C PHE C 184 -5.22 -1.81 -37.36
N VAL C 185 -6.43 -1.40 -37.75
CA VAL C 185 -6.54 -0.25 -38.69
C VAL C 185 -7.22 0.98 -38.09
N THR C 186 -6.72 2.18 -38.42
CA THR C 186 -7.33 3.44 -38.02
C THR C 186 -8.79 3.47 -38.50
N PRO C 187 -9.67 4.17 -37.79
CA PRO C 187 -11.04 4.30 -38.27
C PRO C 187 -11.10 5.02 -39.62
N LYS C 188 -11.98 4.53 -40.49
CA LYS C 188 -12.10 5.25 -41.75
C LYS C 188 -12.87 6.56 -41.55
N PRO C 189 -12.46 7.63 -42.21
CA PRO C 189 -13.18 8.90 -42.09
C PRO C 189 -14.62 8.76 -42.57
N SER C 190 -15.55 9.44 -41.90
CA SER C 190 -16.99 9.30 -42.26
C SER C 190 -17.31 10.03 -43.57
N ALA C 191 -16.46 10.96 -43.99
CA ALA C 191 -16.74 11.77 -45.20
C ALA C 191 -16.80 10.90 -46.45
N GLY C 192 -16.18 9.71 -46.42
CA GLY C 192 -16.11 8.85 -47.61
C GLY C 192 -17.49 8.48 -48.16
N ALA C 193 -18.48 8.27 -47.29
CA ALA C 193 -19.81 7.81 -47.74
C ALA C 193 -20.44 8.80 -48.74
N PRO C 194 -21.22 8.33 -49.73
CA PRO C 194 -21.93 9.23 -50.67
C PRO C 194 -22.75 10.27 -49.93
N SER C 195 -22.93 11.43 -50.55
CA SER C 195 -23.75 12.51 -49.94
C SER C 195 -25.17 11.99 -49.70
N PRO C 196 -25.83 12.34 -48.58
CA PRO C 196 -27.22 11.92 -48.35
C PRO C 196 -28.14 12.52 -49.41
N ASN C 197 -27.71 13.60 -50.07
CA ASN C 197 -28.56 14.27 -51.11
C ASN C 197 -28.63 13.41 -52.38
N THR C 198 -28.12 12.17 -52.32
CA THR C 198 -28.16 11.29 -53.47
C THR C 198 -29.57 10.71 -53.64
N ASP C 199 -29.76 9.98 -54.74
CA ASP C 199 -31.07 9.41 -55.03
C ASP C 199 -31.48 8.38 -53.99
N GLY C 200 -30.52 7.72 -53.35
CA GLY C 200 -30.81 6.71 -52.36
C GLY C 200 -31.13 5.35 -52.91
N ASP C 201 -31.11 5.18 -54.23
CA ASP C 201 -31.37 3.89 -54.85
C ASP C 201 -30.24 3.45 -55.78
N GLN C 202 -29.24 4.30 -56.01
CA GLN C 202 -28.14 3.99 -56.91
C GLN C 202 -26.96 3.36 -56.21
N SER C 203 -27.07 3.08 -54.91
CA SER C 203 -25.97 2.48 -54.15
C SER C 203 -26.56 1.68 -53.00
N ALA C 204 -25.69 1.01 -52.25
CA ALA C 204 -26.10 0.21 -51.11
C ALA C 204 -25.59 0.77 -49.79
N PHE C 205 -25.05 1.99 -49.79
CA PHE C 205 -24.54 2.62 -48.58
C PHE C 205 -25.37 3.83 -48.16
N VAL C 206 -26.59 3.96 -48.68
CA VAL C 206 -27.47 5.08 -48.38
C VAL C 206 -28.77 4.53 -47.81
N LEU C 207 -29.17 5.07 -46.66
CA LEU C 207 -30.42 4.68 -46.00
C LEU C 207 -31.37 5.87 -46.00
N GLN C 208 -32.59 5.64 -46.49
CA GLN C 208 -33.61 6.66 -46.56
C GLN C 208 -34.77 6.31 -45.65
N ALA C 209 -35.25 7.28 -44.89
CA ALA C 209 -36.35 7.05 -43.97
C ALA C 209 -37.62 6.68 -44.74
N GLY C 210 -38.10 5.47 -44.51
CA GLY C 210 -39.28 4.96 -45.17
C GLY C 210 -39.00 4.11 -46.39
N HIS C 211 -37.81 4.20 -46.96
CA HIS C 211 -37.47 3.41 -48.14
C HIS C 211 -37.09 1.98 -47.75
N ASP C 212 -36.03 1.84 -46.94
CA ASP C 212 -35.57 0.52 -46.52
C ASP C 212 -35.16 0.50 -45.06
N ILE C 213 -35.75 1.35 -44.24
CA ILE C 213 -35.44 1.41 -42.81
C ILE C 213 -36.64 0.79 -42.09
N LEU C 214 -36.54 -0.51 -41.81
CA LEU C 214 -37.63 -1.19 -41.10
C LEU C 214 -37.74 -0.69 -39.66
N ARG C 215 -36.62 -0.53 -38.97
CA ARG C 215 -36.61 -0.01 -37.61
C ARG C 215 -35.47 0.98 -37.46
N LEU C 216 -35.71 2.05 -36.69
CA LEU C 216 -34.73 3.10 -36.53
C LEU C 216 -34.70 3.60 -35.09
N ARG C 217 -33.49 3.82 -34.58
CA ARG C 217 -33.30 4.40 -33.25
C ARG C 217 -32.03 5.23 -33.31
N ALA C 218 -32.18 6.55 -33.46
CA ALA C 218 -31.06 7.46 -33.52
C ALA C 218 -31.15 8.42 -32.33
N ALA C 219 -30.03 8.60 -31.64
CA ALA C 219 -29.98 9.44 -30.45
C ALA C 219 -28.77 10.36 -30.53
N VAL C 220 -29.02 11.65 -30.32
CA VAL C 220 -27.97 12.66 -30.21
C VAL C 220 -28.10 13.28 -28.83
N THR C 221 -27.04 13.19 -28.03
CA THR C 221 -27.09 13.59 -26.63
C THR C 221 -25.86 14.40 -26.27
N ALA C 222 -26.00 15.20 -25.22
CA ALA C 222 -24.92 15.96 -24.61
C ALA C 222 -24.76 15.58 -23.15
N ALA C 223 -24.77 14.28 -22.87
CA ALA C 223 -24.74 13.80 -21.49
C ALA C 223 -23.43 14.19 -20.81
N ASP C 224 -22.29 13.90 -21.44
CA ASP C 224 -20.99 14.19 -20.86
C ASP C 224 -20.05 14.77 -21.91
N GLN C 225 -20.54 15.69 -22.72
CA GLN C 225 -19.72 16.34 -23.73
C GLN C 225 -19.04 17.55 -23.12
N ILE C 226 -17.71 17.49 -23.03
CA ILE C 226 -16.90 18.57 -22.48
C ILE C 226 -15.86 18.96 -23.52
N GLY C 227 -15.67 20.27 -23.71
CA GLY C 227 -14.80 20.74 -24.77
C GLY C 227 -13.35 20.35 -24.59
N LYS C 228 -12.85 20.39 -23.35
CA LYS C 228 -11.44 20.17 -23.08
C LYS C 228 -11.27 18.94 -22.19
N VAL C 229 -10.29 18.11 -22.50
CA VAL C 229 -9.96 16.92 -21.72
C VAL C 229 -8.46 16.92 -21.48
N GLU C 230 -8.04 16.74 -20.24
CA GLU C 230 -6.63 16.80 -19.89
C GLU C 230 -6.17 15.49 -19.28
N SER C 231 -4.94 15.11 -19.63
CA SER C 231 -4.28 13.94 -19.07
C SER C 231 -2.92 14.38 -18.52
N ARG C 232 -2.55 13.84 -17.35
CA ARG C 232 -1.39 14.32 -16.64
C ARG C 232 -0.50 13.17 -16.21
N GLY C 233 0.79 13.48 -16.04
CA GLY C 233 1.77 12.48 -15.66
C GLY C 233 2.96 13.12 -14.96
N TRP C 234 3.84 12.24 -14.49
CA TRP C 234 5.01 12.64 -13.70
C TRP C 234 6.27 12.25 -14.46
N ASN C 235 7.21 13.18 -14.56
CA ASN C 235 8.50 12.94 -15.20
C ASN C 235 9.57 12.91 -14.12
N VAL C 236 10.28 11.79 -14.01
CA VAL C 236 11.24 11.59 -12.93
C VAL C 236 12.65 12.02 -13.30
N THR C 237 13.00 12.06 -14.58
CA THR C 237 14.32 12.52 -14.98
C THR C 237 14.50 14.02 -14.80
N THR C 238 13.41 14.75 -14.56
CA THR C 238 13.48 16.19 -14.33
C THR C 238 12.62 16.62 -13.14
N LYS C 239 11.82 15.73 -12.56
CA LYS C 239 10.86 16.07 -11.53
C LYS C 239 9.89 17.13 -12.03
N LYS C 240 9.11 16.76 -13.05
CA LYS C 240 8.22 17.69 -13.70
C LYS C 240 6.80 17.13 -13.76
N LYS C 241 5.83 18.03 -13.57
CA LYS C 241 4.42 17.72 -13.75
C LYS C 241 4.08 17.95 -15.21
N ILE C 242 4.01 16.88 -15.99
CA ILE C 242 3.69 16.99 -17.41
C ILE C 242 2.18 16.90 -17.57
N THR C 243 1.64 17.68 -18.50
CA THR C 243 0.20 17.74 -18.71
C THR C 243 -0.08 17.97 -20.18
N GLU C 244 -1.27 17.51 -20.61
CA GLU C 244 -1.71 17.69 -21.98
C GLU C 244 -3.21 17.96 -22.00
N ILE C 245 -3.60 19.09 -22.56
CA ILE C 245 -5.00 19.47 -22.74
C ILE C 245 -5.33 19.32 -24.21
N ALA C 246 -6.40 18.57 -24.50
CA ALA C 246 -6.79 18.29 -25.87
C ALA C 246 -8.25 18.68 -26.07
N PRO C 247 -8.62 19.11 -27.27
CA PRO C 247 -10.00 19.49 -27.54
C PRO C 247 -10.87 18.29 -27.86
N ALA C 248 -12.14 18.40 -27.51
CA ALA C 248 -13.15 17.41 -27.84
C ALA C 248 -14.31 18.07 -28.60
N THR C 249 -13.96 19.00 -29.49
CA THR C 249 -14.95 19.73 -30.27
C THR C 249 -15.17 19.14 -31.67
N THR C 250 -14.36 18.16 -32.07
CA THR C 250 -14.52 17.52 -33.37
C THR C 250 -14.36 16.02 -33.20
N ASP C 251 -14.94 15.28 -34.14
CA ASP C 251 -14.91 13.84 -34.12
C ASP C 251 -14.91 13.31 -35.55
N PRO C 252 -14.03 12.36 -35.89
CA PRO C 252 -13.92 11.93 -37.28
C PRO C 252 -15.00 10.95 -37.69
N GLY C 253 -15.51 10.17 -36.74
CA GLY C 253 -16.45 9.12 -37.07
C GLY C 253 -17.87 9.57 -37.36
N ILE C 254 -18.24 10.78 -36.93
CA ILE C 254 -19.61 11.26 -37.02
C ILE C 254 -19.62 12.62 -37.70
N SER C 255 -20.60 12.84 -38.56
CA SER C 255 -20.79 14.14 -39.23
C SER C 255 -22.28 14.33 -39.43
N ILE C 256 -22.92 15.07 -38.51
CA ILE C 256 -24.37 15.17 -38.47
C ILE C 256 -24.83 16.62 -38.43
N LYS C 257 -24.04 17.52 -39.02
CA LYS C 257 -24.27 18.96 -39.07
C LYS C 257 -24.14 19.61 -37.70
N TRP C 258 -23.95 18.84 -36.63
CA TRP C 258 -23.77 19.35 -35.29
C TRP C 258 -22.54 18.72 -34.67
N THR C 259 -21.71 19.53 -34.04
CA THR C 259 -20.47 19.03 -33.46
C THR C 259 -20.51 19.14 -31.94
N PRO C 260 -19.75 18.29 -31.23
CA PRO C 260 -19.72 18.38 -29.76
C PRO C 260 -19.20 19.72 -29.25
N GLY C 261 -18.50 20.49 -30.08
CA GLY C 261 -18.12 21.83 -29.67
C GLY C 261 -19.31 22.69 -29.30
N THR C 262 -20.41 22.54 -30.06
CA THR C 262 -21.65 23.23 -29.70
C THR C 262 -22.18 22.75 -28.36
N ALA C 263 -22.11 21.44 -28.11
CA ALA C 263 -22.57 20.90 -26.84
C ALA C 263 -21.77 21.48 -25.68
N ALA C 264 -20.46 21.59 -25.84
CA ALA C 264 -19.63 22.20 -24.81
C ALA C 264 -19.95 23.68 -24.63
N GLY C 265 -20.13 24.40 -25.74
CA GLY C 265 -20.37 25.84 -25.65
C GLY C 265 -21.70 26.19 -25.03
N LYS C 266 -22.76 25.44 -25.38
CA LYS C 266 -24.10 25.77 -24.92
C LYS C 266 -24.30 25.54 -23.43
N PHE C 267 -23.37 24.87 -22.76
CA PHE C 267 -23.41 24.69 -21.32
C PHE C 267 -22.16 25.29 -20.69
N LYS C 268 -22.05 25.14 -19.38
CA LYS C 268 -20.92 25.71 -18.66
C LYS C 268 -19.62 25.03 -19.09
N PRO C 269 -18.52 25.78 -19.19
CA PRO C 269 -17.23 25.21 -19.65
C PRO C 269 -16.49 24.42 -18.58
N GLY C 270 -16.83 23.15 -18.45
CA GLY C 270 -16.17 22.26 -17.52
C GLY C 270 -14.89 21.66 -18.09
N LYS C 271 -14.40 20.64 -17.38
CA LYS C 271 -13.19 19.95 -17.80
C LYS C 271 -13.20 18.55 -17.17
N LEU C 272 -12.43 17.65 -17.78
CA LEU C 272 -12.36 16.26 -17.34
C LEU C 272 -10.90 15.89 -17.08
N VAL C 273 -10.68 15.07 -16.05
CA VAL C 273 -9.34 14.67 -15.63
C VAL C 273 -9.29 13.15 -15.54
N GLU C 274 -8.16 12.58 -15.95
CA GLU C 274 -7.92 11.15 -15.87
C GLU C 274 -6.83 10.89 -14.84
N THR C 275 -7.15 10.07 -13.83
CA THR C 275 -6.24 9.79 -12.72
C THR C 275 -6.23 8.29 -12.42
N ALA C 276 -6.07 7.48 -13.46
CA ALA C 276 -6.12 6.03 -13.29
C ALA C 276 -4.94 5.28 -13.89
N ASN C 277 -4.06 5.93 -14.66
CA ASN C 277 -2.95 5.24 -15.27
C ASN C 277 -1.67 6.05 -15.13
N PRO C 278 -0.56 5.40 -14.83
CA PRO C 278 0.73 6.11 -14.79
C PRO C 278 1.20 6.50 -16.18
N TYR C 279 1.97 7.58 -16.24
CA TYR C 279 2.53 8.07 -17.49
C TYR C 279 3.91 8.64 -17.22
N ASP C 280 4.78 8.58 -18.22
CA ASP C 280 6.16 8.99 -18.01
C ASP C 280 6.67 10.01 -19.02
N LYS C 281 6.29 9.89 -20.29
CA LYS C 281 6.83 10.74 -21.33
C LYS C 281 5.74 11.57 -21.98
N GLN C 282 6.17 12.61 -22.71
CA GLN C 282 5.21 13.50 -23.36
C GLN C 282 4.39 12.76 -24.41
N ASP C 283 5.01 11.80 -25.11
CA ASP C 283 4.29 11.05 -26.14
C ASP C 283 3.13 10.26 -25.54
N GLU C 284 3.39 9.57 -24.42
CA GLU C 284 2.34 8.77 -23.79
C GLU C 284 1.20 9.65 -23.30
N VAL C 285 1.53 10.80 -22.71
CA VAL C 285 0.48 11.69 -22.20
C VAL C 285 -0.34 12.27 -23.34
N GLN C 286 0.32 12.67 -24.43
CA GLN C 286 -0.41 13.17 -25.59
C GLN C 286 -1.34 12.09 -26.16
N ASN C 287 -0.84 10.85 -26.25
CA ASN C 287 -1.66 9.76 -26.75
C ASN C 287 -2.86 9.52 -25.85
N ALA C 288 -2.65 9.55 -24.53
CA ALA C 288 -3.75 9.33 -23.61
C ALA C 288 -4.79 10.45 -23.70
N ALA C 289 -4.34 11.69 -23.83
CA ALA C 289 -5.27 12.81 -23.97
C ALA C 289 -6.09 12.68 -25.24
N LYS C 290 -5.44 12.34 -26.36
CA LYS C 290 -6.17 12.15 -27.61
C LYS C 290 -7.15 11.00 -27.50
N ALA C 291 -6.75 9.90 -26.86
CA ALA C 291 -7.64 8.76 -26.69
C ALA C 291 -8.86 9.11 -25.86
N LEU C 292 -8.66 9.85 -24.76
CA LEU C 292 -9.79 10.25 -23.93
C LEU C 292 -10.71 11.22 -24.67
N ALA C 293 -10.13 12.12 -25.48
CA ALA C 293 -10.96 13.00 -26.28
C ALA C 293 -11.81 12.22 -27.28
N SER C 294 -11.20 11.22 -27.94
CA SER C 294 -11.96 10.38 -28.85
C SER C 294 -13.05 9.60 -28.12
N ASP C 295 -12.74 9.09 -26.92
CA ASP C 295 -13.74 8.37 -26.14
C ASP C 295 -14.92 9.27 -25.79
N VAL C 296 -14.63 10.51 -25.37
CA VAL C 296 -15.71 11.43 -25.03
C VAL C 296 -16.54 11.77 -26.25
N THR C 297 -15.89 12.04 -27.39
CA THR C 297 -16.62 12.42 -28.59
C THR C 297 -17.31 11.26 -29.28
N ALA C 298 -16.99 10.02 -28.92
CA ALA C 298 -17.65 8.87 -29.52
C ALA C 298 -19.07 8.66 -29.01
N SER C 299 -19.45 9.30 -27.91
CA SER C 299 -20.78 9.16 -27.34
C SER C 299 -21.76 10.22 -27.83
N PHE C 300 -21.34 11.07 -28.77
CA PHE C 300 -22.22 12.14 -29.24
C PHE C 300 -23.45 11.59 -29.94
N SER C 301 -23.27 10.55 -30.77
CA SER C 301 -24.35 9.98 -31.55
C SER C 301 -24.38 8.47 -31.38
N GLU C 302 -25.58 7.93 -31.22
CA GLU C 302 -25.78 6.49 -31.10
C GLU C 302 -26.90 6.09 -32.06
N LEU C 303 -26.57 5.26 -33.04
CA LEU C 303 -27.49 4.92 -34.10
C LEU C 303 -27.71 3.42 -34.16
N GLU C 304 -28.93 3.01 -34.50
CA GLU C 304 -29.27 1.59 -34.62
C GLU C 304 -30.40 1.46 -35.62
N VAL C 305 -30.09 0.97 -36.82
CA VAL C 305 -31.08 0.82 -37.89
C VAL C 305 -31.16 -0.65 -38.28
N ALA C 306 -32.37 -1.20 -38.22
CA ALA C 306 -32.64 -2.53 -38.75
C ALA C 306 -33.24 -2.35 -40.14
N ALA C 307 -32.51 -2.81 -41.16
CA ALA C 307 -32.83 -2.55 -42.55
C ALA C 307 -32.90 -3.86 -43.33
N ASN C 308 -33.48 -3.77 -44.54
CA ASN C 308 -33.55 -4.91 -45.44
C ASN C 308 -32.16 -5.41 -45.79
N GLY C 309 -31.16 -4.54 -45.78
CA GLY C 309 -29.78 -4.95 -45.81
C GLY C 309 -29.22 -5.20 -47.19
N HIS C 310 -27.93 -5.53 -47.19
CA HIS C 310 -27.13 -5.81 -48.37
C HIS C 310 -25.86 -6.52 -47.89
N PRO C 311 -25.35 -7.51 -48.62
CA PRO C 311 -24.20 -8.28 -48.12
C PRO C 311 -22.89 -7.50 -48.14
N ASP C 312 -22.95 -6.20 -48.44
CA ASP C 312 -21.79 -5.34 -48.47
C ASP C 312 -21.71 -4.42 -47.25
N LEU C 313 -22.49 -4.69 -46.21
CA LEU C 313 -22.49 -3.87 -45.01
C LEU C 313 -21.53 -4.44 -43.97
N ARG C 314 -20.25 -4.49 -44.35
CA ARG C 314 -19.21 -4.95 -43.46
C ARG C 314 -18.92 -3.90 -42.40
N PRO C 315 -18.33 -4.29 -41.27
CA PRO C 315 -17.95 -3.31 -40.26
C PRO C 315 -16.85 -2.38 -40.76
N GLY C 316 -16.83 -1.18 -40.17
CA GLY C 316 -15.82 -0.19 -40.52
C GLY C 316 -15.93 0.37 -41.93
N VAL C 317 -17.17 0.61 -42.38
CA VAL C 317 -17.40 1.21 -43.72
C VAL C 317 -18.31 2.44 -43.54
N PRO C 318 -18.19 3.49 -44.37
CA PRO C 318 -18.99 4.71 -44.22
C PRO C 318 -20.42 4.51 -44.76
N VAL C 319 -21.43 4.94 -43.99
CA VAL C 319 -22.83 4.79 -44.40
C VAL C 319 -23.51 6.14 -44.24
N ALA C 320 -24.25 6.56 -45.27
CA ALA C 320 -24.92 7.86 -45.26
C ALA C 320 -26.37 7.69 -44.82
N LEU C 321 -26.77 8.49 -43.83
CA LEU C 321 -28.14 8.56 -43.37
C LEU C 321 -28.74 9.88 -43.84
N SER C 322 -29.84 9.80 -44.58
CA SER C 322 -30.48 10.97 -45.17
C SER C 322 -31.90 11.11 -44.64
N ASP C 323 -32.53 12.22 -45.03
CA ASP C 323 -33.93 12.59 -44.78
C ASP C 323 -34.50 12.07 -43.46
N VAL C 324 -33.82 12.38 -42.36
CA VAL C 324 -34.29 12.04 -41.03
C VAL C 324 -34.72 13.27 -40.24
N GLY C 325 -34.01 14.39 -40.41
CA GLY C 325 -34.40 15.59 -39.69
C GLY C 325 -33.31 16.65 -39.74
N THR C 326 -33.30 17.50 -38.71
CA THR C 326 -32.30 18.56 -38.62
C THR C 326 -30.95 18.05 -38.14
N PRO C 327 -30.85 17.38 -36.99
CA PRO C 327 -29.53 16.99 -36.47
C PRO C 327 -29.07 15.58 -36.81
N PHE C 328 -29.82 14.83 -37.63
CA PHE C 328 -29.52 13.44 -37.86
C PHE C 328 -29.10 13.11 -39.29
N GLU C 329 -29.04 14.10 -40.19
CA GLU C 329 -28.54 13.85 -41.52
C GLU C 329 -27.05 13.58 -41.49
N GLY C 330 -26.50 13.18 -42.63
CA GLY C 330 -25.06 13.15 -42.83
C GLY C 330 -24.54 11.72 -42.96
N LYS C 331 -23.38 11.48 -42.35
CA LYS C 331 -22.67 10.22 -42.52
C LYS C 331 -22.28 9.65 -41.17
N TYR C 332 -22.11 8.33 -41.12
CA TYR C 332 -21.67 7.62 -39.94
C TYR C 332 -20.66 6.55 -40.35
N THR C 333 -19.93 6.03 -39.37
CA THR C 333 -19.05 4.90 -39.56
C THR C 333 -19.61 3.72 -38.77
N VAL C 334 -19.91 2.63 -39.46
CA VAL C 334 -20.56 1.49 -38.81
C VAL C 334 -19.59 0.84 -37.82
N THR C 335 -20.15 0.27 -36.75
CA THR C 335 -19.33 -0.35 -35.72
C THR C 335 -19.73 -1.79 -35.50
N SER C 336 -21.02 -2.10 -35.65
CA SER C 336 -21.46 -3.48 -35.51
C SER C 336 -22.59 -3.76 -36.49
N VAL C 337 -22.60 -4.99 -37.02
CA VAL C 337 -23.58 -5.41 -38.00
C VAL C 337 -24.11 -6.79 -37.62
N ARG C 338 -25.42 -6.94 -37.58
CA ARG C 338 -26.08 -8.21 -37.26
C ARG C 338 -26.81 -8.69 -38.51
N HIS C 339 -26.34 -9.77 -39.10
CA HIS C 339 -27.02 -10.41 -40.22
C HIS C 339 -27.92 -11.52 -39.67
N HIS C 340 -29.21 -11.44 -39.98
CA HIS C 340 -30.22 -12.28 -39.35
C HIS C 340 -31.09 -12.95 -40.40
N PHE C 341 -31.25 -14.26 -40.26
CA PHE C 341 -32.22 -15.07 -40.99
C PHE C 341 -33.00 -15.89 -39.99
N GLY C 342 -34.32 -15.87 -40.08
CA GLY C 342 -35.11 -16.60 -39.12
C GLY C 342 -36.53 -16.80 -39.59
N ASP C 343 -37.36 -17.24 -38.65
CA ASP C 343 -38.77 -17.52 -38.95
C ASP C 343 -39.50 -16.21 -39.23
N GLY C 344 -40.19 -16.17 -40.37
CA GLY C 344 -40.98 -15.00 -40.72
C GLY C 344 -40.17 -13.75 -40.95
N VAL C 345 -38.86 -13.86 -41.10
CA VAL C 345 -37.99 -12.71 -41.32
C VAL C 345 -37.06 -13.03 -42.48
N ALA C 346 -36.97 -12.11 -43.44
CA ALA C 346 -36.04 -12.25 -44.56
C ALA C 346 -34.65 -11.82 -44.09
N TYR C 347 -33.73 -11.63 -45.05
CA TYR C 347 -32.39 -11.19 -44.72
C TYR C 347 -32.45 -9.83 -44.05
N GLU C 348 -32.08 -9.77 -42.77
CA GLU C 348 -32.16 -8.55 -41.98
C GLU C 348 -30.76 -8.10 -41.58
N SER C 349 -30.53 -6.78 -41.59
CA SER C 349 -29.24 -6.23 -41.20
C SER C 349 -29.45 -5.17 -40.13
N TRP C 350 -28.90 -5.40 -38.95
CA TRP C 350 -28.91 -4.43 -37.86
C TRP C 350 -27.57 -3.72 -37.84
N ILE C 351 -27.55 -2.46 -38.28
CA ILE C 351 -26.36 -1.62 -38.24
C ILE C 351 -26.41 -0.77 -36.99
N THR C 352 -25.39 -0.93 -36.14
CA THR C 352 -25.34 -0.18 -34.85
C THR C 352 -24.04 0.61 -34.73
N VAL C 353 -24.12 1.95 -34.71
CA VAL C 353 -22.98 2.84 -34.53
C VAL C 353 -23.02 3.33 -33.09
N SER C 354 -22.04 2.92 -32.30
CA SER C 354 -21.98 3.30 -30.89
C SER C 354 -20.56 3.65 -30.47
N GLY C 355 -19.77 4.22 -31.38
CA GLY C 355 -18.38 4.49 -31.06
C GLY C 355 -17.64 3.21 -30.77
N ARG C 356 -16.86 3.21 -29.69
CA ARG C 356 -16.13 2.03 -29.26
C ARG C 356 -16.82 1.30 -28.11
N GLN C 357 -18.02 1.72 -27.73
CA GLN C 357 -18.75 1.05 -26.67
C GLN C 357 -19.45 -0.20 -27.20
N TRP C 358 -19.68 -1.16 -26.32
CA TRP C 358 -20.43 -2.39 -26.73
C TRP C 358 -21.92 -2.16 -26.45
N ARG C 359 -22.51 -1.14 -27.07
CA ARG C 359 -23.96 -0.85 -26.89
C ARG C 359 -24.75 -2.07 -27.37
N SER C 360 -24.27 -2.75 -28.41
CA SER C 360 -24.96 -3.93 -28.96
C SER C 360 -25.08 -5.02 -27.89
N LEU C 361 -26.08 -5.90 -28.00
CA LEU C 361 -26.29 -6.99 -27.01
C LEU C 361 -26.47 -6.38 -25.62
N TYR C 362 -27.20 -5.27 -25.52
CA TYR C 362 -27.41 -4.56 -24.23
C TYR C 362 -26.12 -3.84 -23.80
N GLY C 363 -26.26 -2.62 -23.27
CA GLY C 363 -25.08 -1.86 -22.82
C GLY C 363 -24.33 -2.61 -21.72
N LEU C 364 -25.07 -3.14 -20.73
CA LEU C 364 -24.44 -3.93 -19.64
C LEU C 364 -23.86 -5.23 -20.22
N ALA C 365 -24.53 -5.80 -21.23
CA ALA C 365 -24.07 -7.05 -21.91
C ALA C 365 -23.95 -8.23 -20.94
N SER C 366 -22.77 -8.87 -20.85
CA SER C 366 -22.62 -10.02 -19.93
C SER C 366 -22.03 -9.57 -18.59
N GLY C 367 -22.17 -8.29 -18.25
CA GLY C 367 -21.67 -7.78 -16.98
C GLY C 367 -22.41 -6.52 -16.58
N GLY C 368 -21.65 -5.57 -16.05
CA GLY C 368 -22.20 -4.29 -15.66
C GLY C 368 -21.82 -3.18 -16.62
N GLY C 369 -21.86 -3.47 -17.91
CA GLY C 369 -21.40 -2.54 -18.93
C GLY C 369 -19.93 -2.63 -19.24
N GLY C 370 -19.18 -3.45 -18.51
CA GLY C 370 -17.76 -3.62 -18.75
C GLY C 370 -17.18 -4.72 -17.87
N SER C 371 -16.19 -5.44 -18.39
CA SER C 371 -15.61 -6.55 -17.64
C SER C 371 -14.86 -6.03 -16.41
N ASP C 372 -15.06 -6.73 -15.29
CA ASP C 372 -14.36 -6.43 -14.04
C ASP C 372 -13.78 -7.74 -13.50
N PRO C 373 -12.71 -8.25 -14.11
CA PRO C 373 -12.19 -9.55 -13.71
C PRO C 373 -11.65 -9.56 -12.30
N ALA C 374 -11.75 -10.71 -11.64
CA ALA C 374 -11.19 -10.90 -10.32
C ALA C 374 -9.69 -11.15 -10.33
N SER C 375 -9.12 -11.37 -11.50
CA SER C 375 -7.68 -11.56 -11.66
C SER C 375 -7.09 -10.44 -12.52
N ALA C 376 -7.53 -9.21 -12.29
CA ALA C 376 -7.19 -8.08 -13.13
C ALA C 376 -5.88 -7.44 -12.66
N THR C 377 -5.58 -6.26 -13.18
CA THR C 377 -4.36 -5.53 -12.87
C THR C 377 -4.52 -4.60 -11.67
N ARG C 378 -5.72 -4.51 -11.09
CA ARG C 378 -5.97 -3.61 -9.97
C ARG C 378 -5.48 -4.29 -8.68
N LEU C 379 -4.16 -4.33 -8.54
CA LEU C 379 -3.55 -4.94 -7.36
C LEU C 379 -3.65 -4.00 -6.18
N PRO C 380 -4.32 -4.39 -5.10
CA PRO C 380 -4.38 -3.53 -3.91
C PRO C 380 -3.25 -3.80 -2.94
N SER C 381 -2.85 -2.74 -2.24
CA SER C 381 -1.85 -2.77 -1.17
C SER C 381 -0.53 -3.24 -1.78
N VAL C 382 0.19 -4.17 -1.15
CA VAL C 382 1.56 -4.48 -1.51
C VAL C 382 1.69 -5.99 -1.74
N ALA C 383 2.92 -6.41 -2.02
CA ALA C 383 3.25 -7.82 -2.20
C ALA C 383 4.73 -8.01 -1.89
N ASN C 384 5.24 -9.21 -2.13
CA ASN C 384 6.64 -9.54 -1.92
C ASN C 384 7.29 -9.89 -3.25
N ALA C 385 8.58 -9.62 -3.36
CA ALA C 385 9.29 -9.88 -4.61
C ALA C 385 10.75 -10.19 -4.30
N ILE C 386 11.44 -10.73 -5.30
CA ILE C 386 12.84 -11.13 -5.19
C ILE C 386 13.66 -10.25 -6.12
N VAL C 387 14.73 -9.67 -5.59
CA VAL C 387 15.59 -8.81 -6.39
C VAL C 387 16.40 -9.65 -7.37
N THR C 388 16.48 -9.19 -8.62
CA THR C 388 17.20 -9.90 -9.66
C THR C 388 18.35 -9.12 -10.28
N ASP C 389 18.39 -7.81 -10.13
CA ASP C 389 19.45 -7.02 -10.76
C ASP C 389 19.72 -5.78 -9.92
N VAL C 390 20.95 -5.29 -9.98
CA VAL C 390 21.38 -4.14 -9.19
C VAL C 390 22.07 -3.14 -10.11
N GLN C 391 22.30 -3.56 -11.36
CA GLN C 391 23.10 -2.76 -12.28
C GLN C 391 22.36 -1.51 -12.74
N ASP C 392 22.11 -0.59 -11.82
CA ASP C 392 21.41 0.65 -12.17
C ASP C 392 22.36 1.57 -12.92
N PRO C 393 22.00 2.02 -14.12
CA PRO C 393 22.88 2.94 -14.86
C PRO C 393 22.90 4.37 -14.31
N LEU C 394 22.23 4.63 -13.19
CA LEU C 394 22.21 5.97 -12.61
C LEU C 394 22.74 6.03 -11.19
N LYS C 395 23.04 4.89 -10.56
CA LYS C 395 23.64 4.85 -9.23
C LYS C 395 22.78 5.56 -8.19
N GLN C 396 21.46 5.39 -8.30
CA GLN C 396 20.53 5.93 -7.33
C GLN C 396 19.87 4.84 -6.48
N GLY C 397 20.47 3.65 -6.46
CA GLY C 397 19.88 2.54 -5.73
C GLY C 397 18.72 1.87 -6.43
N ARG C 398 18.43 2.24 -7.67
CA ARG C 398 17.33 1.62 -8.39
C ARG C 398 17.62 0.15 -8.65
N VAL C 399 16.61 -0.70 -8.47
CA VAL C 399 16.80 -2.15 -8.43
C VAL C 399 15.67 -2.83 -9.21
N LYS C 400 16.04 -3.80 -10.04
CA LYS C 400 15.07 -4.63 -10.75
C LYS C 400 14.44 -5.64 -9.80
N LEU C 401 13.24 -6.09 -10.14
CA LEU C 401 12.46 -6.99 -9.31
C LEU C 401 12.25 -8.31 -10.04
N GLN C 402 11.68 -9.28 -9.31
CA GLN C 402 11.29 -10.56 -9.91
C GLN C 402 10.18 -11.15 -9.03
N PHE C 403 8.94 -11.01 -9.48
CA PHE C 403 7.81 -11.48 -8.70
C PHE C 403 7.75 -13.01 -8.71
N PRO C 404 7.70 -13.66 -7.55
CA PRO C 404 7.69 -15.13 -7.53
C PRO C 404 6.30 -15.75 -7.57
N TRP C 405 5.24 -14.99 -7.33
CA TRP C 405 3.88 -15.51 -7.38
C TRP C 405 3.18 -15.21 -8.69
N LEU C 406 3.89 -14.66 -9.68
CA LEU C 406 3.31 -14.26 -10.94
C LEU C 406 3.83 -15.10 -12.10
N ASP C 407 5.15 -15.16 -12.29
CA ASP C 407 5.72 -15.92 -13.39
C ASP C 407 7.20 -16.17 -13.10
N ASP C 408 7.77 -17.14 -13.81
CA ASP C 408 9.17 -17.49 -13.68
C ASP C 408 10.06 -16.78 -14.69
N THR C 409 9.51 -15.90 -15.52
CA THR C 409 10.28 -15.21 -16.54
C THR C 409 10.03 -13.71 -16.57
N TYR C 410 9.28 -13.17 -15.61
CA TYR C 410 8.99 -11.74 -15.56
C TYR C 410 9.93 -11.12 -14.53
N VAL C 411 10.70 -10.12 -14.97
CA VAL C 411 11.68 -9.47 -14.11
C VAL C 411 11.50 -7.96 -14.09
N SER C 412 10.42 -7.45 -14.68
CA SER C 412 10.06 -6.04 -14.59
C SER C 412 11.17 -5.11 -15.07
N ASP C 413 11.01 -3.82 -14.82
CA ASP C 413 12.01 -2.82 -15.13
C ASP C 413 12.52 -2.20 -13.82
N TRP C 414 13.38 -1.20 -13.95
CA TRP C 414 13.94 -0.53 -12.78
C TRP C 414 12.83 0.11 -11.95
N ALA C 415 12.92 -0.05 -10.63
CA ALA C 415 11.94 0.49 -9.70
C ALA C 415 12.66 1.33 -8.65
N ARG C 416 12.23 2.58 -8.50
CA ARG C 416 12.80 3.44 -7.49
C ARG C 416 12.47 2.91 -6.09
N SER C 417 13.46 2.92 -5.22
CA SER C 417 13.31 2.41 -3.86
C SER C 417 13.31 3.56 -2.87
N VAL C 418 12.38 3.52 -1.92
CA VAL C 418 12.30 4.56 -0.90
C VAL C 418 13.55 4.52 -0.04
N GLN C 419 14.11 5.70 0.22
CA GLN C 419 15.30 5.83 1.04
C GLN C 419 15.16 7.06 1.92
N MET C 420 15.88 7.07 3.04
CA MET C 420 15.78 8.19 3.97
C MET C 420 16.64 9.36 3.48
N GLY C 421 16.41 9.78 2.25
CA GLY C 421 17.13 10.89 1.67
C GLY C 421 16.22 12.07 1.40
N GLY C 422 16.65 13.00 0.54
CA GLY C 422 15.85 14.17 0.30
C GLY C 422 16.25 14.88 -0.98
N VAL C 423 15.93 16.17 -1.03
CA VAL C 423 16.16 16.95 -2.23
C VAL C 423 17.65 17.22 -2.45
N ALA C 424 18.45 17.20 -1.38
CA ALA C 424 19.85 17.53 -1.47
C ALA C 424 20.76 16.37 -1.08
N GLY C 425 20.32 15.14 -1.26
CA GLY C 425 21.13 13.97 -0.97
C GLY C 425 20.74 13.31 0.34
N GLY C 426 21.05 12.03 0.45
CA GLY C 426 20.73 11.26 1.64
C GLY C 426 21.37 9.90 1.61
N GLY C 427 21.26 9.19 2.74
CA GLY C 427 21.88 7.90 2.85
C GLY C 427 21.19 6.85 1.99
N ILE C 428 21.95 5.82 1.64
CA ILE C 428 21.45 4.72 0.82
C ILE C 428 21.76 3.41 1.53
N PHE C 429 20.81 2.46 1.47
CA PHE C 429 21.02 1.09 1.89
C PHE C 429 20.71 0.18 0.71
N PRO C 430 21.67 -0.04 -0.19
CA PRO C 430 21.40 -0.88 -1.35
C PRO C 430 21.11 -2.33 -0.96
N MET C 431 20.30 -2.98 -1.77
CA MET C 431 19.89 -4.36 -1.54
C MET C 431 20.75 -5.32 -2.35
N ASP C 432 20.93 -6.52 -1.81
CA ASP C 432 21.71 -7.55 -2.49
C ASP C 432 20.90 -8.16 -3.62
N VAL C 433 21.47 -9.17 -4.26
CA VAL C 433 20.88 -9.77 -5.45
C VAL C 433 20.02 -10.97 -5.08
N GLY C 434 19.74 -11.14 -3.79
CA GLY C 434 18.94 -12.27 -3.36
C GLY C 434 17.96 -11.94 -2.24
N ASP C 435 17.72 -10.66 -2.01
CA ASP C 435 16.84 -10.24 -0.94
C ASP C 435 15.38 -10.51 -1.30
N GLU C 436 14.54 -10.47 -0.25
CA GLU C 436 13.08 -10.57 -0.45
C GLU C 436 12.55 -9.22 0.00
N VAL C 437 12.10 -8.39 -0.90
CA VAL C 437 11.72 -7.01 -0.59
C VAL C 437 10.22 -6.84 -0.76
N LEU C 438 9.67 -5.92 0.03
CA LEU C 438 8.26 -5.56 -0.04
C LEU C 438 8.08 -4.57 -1.19
N VAL C 439 7.06 -4.80 -2.01
CA VAL C 439 6.86 -4.01 -3.22
C VAL C 439 5.45 -3.48 -3.23
N ALA C 440 5.32 -2.16 -3.31
CA ALA C 440 4.04 -1.49 -3.50
C ALA C 440 3.84 -1.23 -4.99
N PHE C 441 2.78 -0.51 -5.35
CA PHE C 441 2.50 -0.26 -6.75
C PHE C 441 1.94 1.15 -6.91
N ASP C 442 2.19 1.74 -8.07
CA ASP C 442 1.74 3.10 -8.36
C ASP C 442 0.29 3.05 -8.81
N ARG C 443 -0.62 3.50 -7.94
CA ARG C 443 -2.06 3.49 -8.20
C ARG C 443 -2.58 2.09 -8.53
N GLY C 444 -1.84 1.06 -8.12
CA GLY C 444 -2.23 -0.30 -8.37
C GLY C 444 -1.71 -0.90 -9.66
N ALA C 445 -1.19 -0.08 -10.56
CA ALA C 445 -0.70 -0.59 -11.83
C ALA C 445 0.56 -1.43 -11.62
N LEU C 446 0.65 -2.53 -12.35
CA LEU C 446 1.79 -3.42 -12.25
C LEU C 446 3.03 -2.87 -12.96
N ASP C 447 2.87 -1.92 -13.87
CA ASP C 447 3.98 -1.44 -14.67
C ASP C 447 4.97 -0.61 -13.85
N HIS C 448 4.57 -0.10 -12.68
CA HIS C 448 5.39 0.81 -11.89
C HIS C 448 5.49 0.32 -10.46
N PRO C 449 6.29 -0.70 -10.20
CA PRO C 449 6.51 -1.14 -8.83
C PRO C 449 7.44 -0.21 -8.07
N PHE C 450 7.35 -0.27 -6.75
CA PHE C 450 8.23 0.49 -5.86
C PHE C 450 8.73 -0.45 -4.76
N VAL C 451 9.92 -0.16 -4.25
CA VAL C 451 10.56 -1.00 -3.24
C VAL C 451 10.55 -0.24 -1.91
N ILE C 452 10.05 -0.88 -0.87
CA ILE C 452 9.99 -0.29 0.47
C ILE C 452 11.16 -0.73 1.33
N GLY C 453 11.43 -2.03 1.38
CA GLY C 453 12.55 -2.53 2.14
C GLY C 453 12.56 -4.03 2.17
N GLY C 454 13.70 -4.58 2.60
CA GLY C 454 13.84 -6.02 2.67
C GLY C 454 13.11 -6.60 3.87
N LEU C 455 12.68 -7.85 3.73
CA LEU C 455 11.97 -8.55 4.79
C LEU C 455 12.91 -9.52 5.49
N TYR C 456 12.36 -10.30 6.41
CA TYR C 456 13.10 -11.33 7.13
C TYR C 456 12.30 -12.62 7.09
N ASN C 457 12.94 -13.70 6.64
CA ASN C 457 12.28 -14.99 6.51
C ASN C 457 13.27 -16.09 6.88
N GLY C 458 12.89 -17.33 6.64
CA GLY C 458 13.79 -18.44 6.88
C GLY C 458 15.01 -18.39 5.99
N ARG C 459 16.11 -18.94 6.51
CA ARG C 459 17.41 -18.95 5.84
C ARG C 459 17.94 -17.54 5.62
N ASP C 460 17.32 -16.55 6.27
CA ASP C 460 17.86 -15.20 6.28
C ASP C 460 17.84 -14.58 7.66
N VAL C 461 18.21 -15.34 8.70
CA VAL C 461 18.15 -14.81 10.06
C VAL C 461 19.15 -13.67 10.20
N PRO C 462 18.89 -12.68 11.05
CA PRO C 462 19.86 -11.59 11.22
C PRO C 462 21.12 -12.09 11.90
N THR C 463 22.19 -11.31 11.73
CA THR C 463 23.46 -11.64 12.38
C THR C 463 23.29 -11.63 13.89
N LYS C 464 23.86 -12.63 14.55
CA LYS C 464 23.71 -12.75 15.99
C LYS C 464 24.43 -11.61 16.71
N SER C 465 23.90 -11.24 17.87
CA SER C 465 24.43 -10.14 18.67
C SER C 465 24.65 -10.61 20.09
N ASP C 466 25.31 -9.75 20.88
CA ASP C 466 25.64 -10.09 22.25
C ASP C 466 24.39 -10.25 23.10
N VAL C 467 23.42 -9.36 22.95
CA VAL C 467 22.23 -9.35 23.79
C VAL C 467 21.01 -9.73 22.95
N PRO C 468 20.00 -10.36 23.54
CA PRO C 468 18.82 -10.78 22.75
C PRO C 468 17.95 -9.59 22.39
N LEU C 469 16.92 -9.89 21.59
CA LEU C 469 16.02 -8.85 21.11
C LEU C 469 15.08 -8.34 22.19
N HIS C 470 14.72 -9.17 23.15
CA HIS C 470 13.85 -8.75 24.24
C HIS C 470 14.27 -9.45 25.52
N ASP C 471 14.02 -8.79 26.65
CA ASP C 471 14.36 -9.35 27.95
C ASP C 471 13.58 -8.62 29.03
N GLY C 472 13.38 -9.31 30.15
CA GLY C 472 12.67 -8.75 31.28
C GLY C 472 11.23 -9.24 31.35
N LEU C 473 10.73 -9.26 32.58
CA LEU C 473 9.34 -9.65 32.83
C LEU C 473 8.34 -8.68 32.23
N LYS C 474 8.57 -7.37 32.39
CA LYS C 474 7.76 -6.38 31.71
C LYS C 474 7.93 -6.45 30.19
N LYS C 475 9.02 -7.04 29.73
CA LYS C 475 9.17 -7.51 28.36
C LYS C 475 9.06 -6.36 27.36
N LYS C 476 10.02 -5.45 27.45
CA LYS C 476 10.13 -4.31 26.56
C LYS C 476 11.28 -4.53 25.58
N ALA C 477 11.38 -3.63 24.60
CA ALA C 477 12.50 -3.67 23.66
C ALA C 477 13.79 -3.30 24.40
N VAL C 478 14.85 -4.04 24.11
CA VAL C 478 16.11 -3.87 24.85
C VAL C 478 17.22 -3.39 23.93
N ARG C 479 17.17 -3.78 22.66
CA ARG C 479 18.22 -3.43 21.71
C ARG C 479 17.60 -2.91 20.42
N HIS C 480 18.24 -1.89 19.85
CA HIS C 480 17.79 -1.27 18.60
C HIS C 480 19.01 -1.25 17.67
N THR C 481 19.18 -2.32 16.89
CA THR C 481 20.38 -2.51 16.11
C THR C 481 20.27 -1.86 14.74
N LEU C 482 21.31 -1.14 14.33
CA LEU C 482 21.52 -0.74 12.95
C LEU C 482 22.84 -1.33 12.47
N SER C 483 22.79 -2.07 11.38
CA SER C 483 23.95 -2.87 10.99
C SER C 483 23.99 -3.00 9.47
N ASP C 484 25.18 -3.34 8.98
CA ASP C 484 25.42 -3.70 7.60
C ASP C 484 25.07 -5.18 7.41
N ARG C 485 25.45 -5.75 6.28
CA ARG C 485 25.18 -7.15 5.99
C ARG C 485 26.22 -8.10 6.59
N GLN C 486 27.23 -7.58 7.28
CA GLN C 486 28.30 -8.43 7.80
C GLN C 486 28.54 -8.31 9.29
N GLY C 487 28.36 -7.12 9.89
CA GLY C 487 28.57 -6.93 11.31
C GLY C 487 29.07 -5.54 11.68
N ASN C 488 29.45 -4.73 10.70
CA ASN C 488 29.76 -3.34 10.98
C ASN C 488 28.48 -2.64 11.41
N ARG C 489 28.37 -2.32 12.69
CA ARG C 489 27.06 -1.98 13.26
C ARG C 489 27.17 -0.86 14.28
N VAL C 490 26.04 -0.21 14.50
CA VAL C 490 25.84 0.74 15.59
C VAL C 490 24.64 0.24 16.38
N ASP C 491 24.83 0.03 17.69
CA ASP C 491 23.81 -0.53 18.56
C ASP C 491 23.40 0.50 19.60
N LEU C 492 22.10 0.60 19.85
CA LEU C 492 21.52 1.55 20.79
C LEU C 492 20.71 0.72 21.78
N LEU C 493 21.36 0.25 22.84
CA LEU C 493 20.79 -0.78 23.70
C LEU C 493 20.54 -0.25 25.11
N SER C 494 19.54 -0.81 25.78
CA SER C 494 19.14 -0.36 27.09
C SER C 494 18.50 -1.52 27.85
N GLN C 495 19.09 -1.89 28.99
CA GLN C 495 18.65 -3.05 29.76
C GLN C 495 18.71 -2.75 31.24
N ARG C 496 17.85 -3.45 32.00
CA ARG C 496 17.93 -3.47 33.45
C ARG C 496 18.01 -4.87 34.04
N THR C 497 18.15 -5.91 33.23
CA THR C 497 18.17 -7.29 33.69
C THR C 497 19.42 -7.99 33.15
N GLY C 498 19.83 -9.04 33.83
CA GLY C 498 20.99 -9.80 33.40
C GLY C 498 22.25 -8.96 33.50
N GLY C 499 22.98 -8.86 32.38
CA GLY C 499 24.20 -8.07 32.35
C GLY C 499 23.98 -6.58 32.52
N ARG C 500 22.75 -6.11 32.41
CA ARG C 500 22.41 -4.70 32.60
C ARG C 500 23.20 -3.80 31.65
N LYS C 501 23.42 -4.28 30.43
CA LYS C 501 24.13 -3.49 29.44
C LYS C 501 23.27 -2.32 29.00
N GLN C 502 23.87 -1.12 28.96
CA GLN C 502 23.16 0.08 28.57
C GLN C 502 24.08 0.98 27.77
N GLY C 503 23.48 1.83 26.93
CA GLY C 503 24.23 2.81 26.18
C GLY C 503 24.29 2.60 24.69
N VAL C 504 25.42 2.99 24.11
CA VAL C 504 25.66 2.94 22.67
C VAL C 504 26.90 2.10 22.41
N ARG C 505 26.92 1.42 21.28
CA ARG C 505 28.04 0.54 20.94
C ARG C 505 28.29 0.62 19.44
N ILE C 506 29.33 1.33 19.04
CA ILE C 506 29.76 1.38 17.64
C ILE C 506 30.77 0.27 17.47
N ALA C 507 30.34 -0.85 16.88
CA ALA C 507 31.17 -2.04 16.80
C ALA C 507 31.77 -2.19 15.41
N SER C 508 32.45 -3.31 15.21
CA SER C 508 33.00 -3.70 13.92
C SER C 508 32.57 -5.12 13.60
N GLY C 509 32.90 -5.58 12.39
CA GLY C 509 32.47 -6.91 11.97
C GLY C 509 33.05 -8.02 12.83
N ASN C 510 34.33 -7.91 13.19
CA ASN C 510 35.02 -8.93 13.98
C ASN C 510 35.01 -8.63 15.47
N ASP C 511 34.32 -7.57 15.89
CA ASP C 511 34.28 -7.11 17.28
C ASP C 511 35.65 -6.71 17.82
N LYS C 512 36.68 -6.68 16.97
CA LYS C 512 37.98 -6.19 17.39
C LYS C 512 37.95 -4.71 17.73
N LEU C 513 37.21 -3.91 16.96
CA LEU C 513 37.13 -2.47 17.14
C LEU C 513 35.78 -2.15 17.78
N THR C 514 35.80 -1.34 18.83
CA THR C 514 34.56 -1.04 19.54
C THR C 514 34.66 0.31 20.24
N ILE C 515 33.61 1.11 20.12
CA ILE C 515 33.45 2.32 20.90
C ILE C 515 32.20 2.10 21.76
N ASN C 516 32.40 1.90 23.06
CA ASN C 516 31.32 1.62 24.00
C ASN C 516 31.04 2.87 24.82
N LEU C 517 29.90 3.51 24.56
CA LEU C 517 29.38 4.56 25.43
C LEU C 517 28.53 3.84 26.45
N ASP C 518 29.15 3.39 27.55
CA ASP C 518 28.48 2.53 28.52
C ASP C 518 27.92 3.38 29.65
N ARG C 519 26.60 3.33 29.81
CA ARG C 519 25.92 4.19 30.83
C ARG C 519 25.81 3.41 32.13
N THR C 520 25.87 2.08 32.06
CA THR C 520 25.76 1.23 33.28
C THR C 520 26.90 1.59 34.25
N LYS C 521 27.98 2.17 33.73
CA LYS C 521 29.12 2.60 34.59
C LYS C 521 29.61 3.97 34.10
N THR C 522 28.82 4.65 33.26
CA THR C 522 29.22 5.97 32.71
C THR C 522 30.68 5.89 32.25
N GLU C 523 31.01 4.90 31.40
CA GLU C 523 32.42 4.72 30.99
C GLU C 523 32.54 4.69 29.46
N ILE C 524 33.47 5.47 28.91
CA ILE C 524 33.72 5.42 27.47
C ILE C 524 34.87 4.46 27.25
N THR C 525 34.62 3.38 26.52
CA THR C 525 35.62 2.35 26.27
C THR C 525 35.94 2.34 24.79
N VAL C 526 37.10 2.86 24.42
CA VAL C 526 37.59 2.82 23.05
C VAL C 526 38.52 1.63 22.96
N ASP C 527 37.94 0.46 22.68
CA ASP C 527 38.68 -0.80 22.64
C ASP C 527 39.06 -1.12 21.20
N SER C 528 40.28 -1.62 21.02
CA SER C 528 40.76 -1.91 19.67
C SER C 528 41.86 -2.96 19.77
N LYS C 529 41.67 -4.10 19.11
CA LYS C 529 42.73 -5.10 19.01
C LYS C 529 43.65 -4.73 17.87
N GLY C 530 44.16 -3.51 17.89
CA GLY C 530 45.02 -3.03 16.82
C GLY C 530 45.56 -1.67 17.14
N SER C 531 46.08 -1.01 16.10
CA SER C 531 46.66 0.31 16.24
C SER C 531 45.59 1.34 16.59
N VAL C 532 46.01 2.40 17.28
CA VAL C 532 45.16 3.54 17.59
C VAL C 532 45.88 4.80 17.12
N SER C 533 45.11 5.81 16.72
CA SER C 533 45.70 7.05 16.21
C SER C 533 44.71 8.18 16.45
N ILE C 534 45.06 9.08 17.37
CA ILE C 534 44.31 10.30 17.62
C ILE C 534 45.17 11.47 17.16
N THR C 535 44.64 12.27 16.24
CA THR C 535 45.42 13.33 15.62
C THR C 535 44.61 14.62 15.57
N GLY C 536 45.33 15.74 15.52
CA GLY C 536 44.72 17.05 15.40
C GLY C 536 45.54 17.92 14.46
N SER C 537 45.05 19.15 14.28
CA SER C 537 45.71 20.11 13.40
C SER C 537 46.22 21.34 14.15
N ARG C 538 45.34 22.02 14.89
CA ARG C 538 45.72 23.25 15.58
C ARG C 538 45.91 23.09 17.08
N SER C 539 45.30 22.08 17.68
CA SER C 539 45.53 21.77 19.10
C SER C 539 45.21 20.31 19.32
N VAL C 540 45.72 19.77 20.41
CA VAL C 540 45.59 18.35 20.72
C VAL C 540 44.67 18.23 21.93
N SER C 541 44.19 17.01 22.17
CA SER C 541 43.29 16.71 23.27
C SER C 541 43.76 17.34 24.57
N VAL C 542 42.92 18.21 25.14
CA VAL C 542 43.20 18.80 26.46
C VAL C 542 42.64 17.83 27.49
N ASP C 543 43.43 16.83 27.81
CA ASP C 543 42.98 15.76 28.70
C ASP C 543 42.80 16.29 30.12
N ALA C 544 41.78 15.80 30.80
CA ALA C 544 41.45 16.28 32.14
C ALA C 544 40.63 15.23 32.87
N GLY C 545 40.49 15.43 34.17
CA GLY C 545 39.74 14.54 35.03
C GLY C 545 40.29 14.61 36.44
N THR C 546 40.31 13.45 37.12
CA THR C 546 40.88 13.37 38.46
C THR C 546 41.87 12.22 38.64
N ASP C 547 42.11 11.40 37.62
CA ASP C 547 43.13 10.36 37.71
C ASP C 547 43.54 9.97 36.30
N LEU C 548 44.75 10.37 35.90
CA LEU C 548 45.27 10.08 34.57
C LEU C 548 46.32 8.98 34.66
N SER C 549 46.37 8.14 33.63
CA SER C 549 47.32 7.04 33.60
C SER C 549 47.63 6.67 32.16
N LEU C 550 48.91 6.56 31.84
CA LEU C 550 49.38 6.14 30.53
C LEU C 550 50.38 5.00 30.75
N SER C 551 49.87 3.78 30.81
CA SER C 551 50.67 2.59 31.09
C SER C 551 50.69 1.71 29.85
N ALA C 552 51.68 1.92 28.98
CA ALA C 552 51.86 1.15 27.77
C ALA C 552 53.18 0.40 27.86
N ARG C 553 53.15 -0.89 27.52
CA ARG C 553 54.33 -1.73 27.66
C ARG C 553 55.38 -1.41 26.60
N ARG C 554 56.48 -2.13 26.66
CA ARG C 554 57.57 -2.06 25.68
C ARG C 554 58.24 -0.69 25.65
N SER C 555 57.56 0.32 25.12
CA SER C 555 58.19 1.62 24.95
C SER C 555 57.17 2.73 25.05
N LEU C 556 57.66 3.93 25.35
CA LEU C 556 56.84 5.14 25.42
C LEU C 556 57.72 6.32 25.02
N THR C 557 57.35 6.99 23.94
CA THR C 557 58.14 8.10 23.39
C THR C 557 57.33 9.38 23.50
N ILE C 558 57.92 10.40 24.12
CA ILE C 558 57.31 11.73 24.23
C ILE C 558 58.20 12.70 23.48
N LYS C 559 57.63 13.36 22.48
CA LYS C 559 58.36 14.31 21.66
C LYS C 559 57.62 15.64 21.64
N SER C 560 58.38 16.73 21.55
CA SER C 560 57.81 18.06 21.57
C SER C 560 58.07 18.85 20.29
N GLY C 561 59.33 18.88 19.83
CA GLY C 561 59.67 19.73 18.70
C GLY C 561 59.51 21.19 19.04
N GLY C 562 59.45 21.48 20.34
CA GLY C 562 59.22 22.81 20.84
C GLY C 562 59.28 22.83 22.35
N PRO C 563 58.80 23.91 22.96
CA PRO C 563 58.83 24.00 24.42
C PRO C 563 58.08 22.86 25.08
N LEU C 564 58.64 22.35 26.17
CA LEU C 564 58.03 21.30 26.97
C LEU C 564 57.99 21.77 28.42
N SER C 565 56.89 21.48 29.10
CA SER C 565 56.72 21.92 30.48
C SER C 565 56.02 20.85 31.29
N ILE C 566 56.55 20.58 32.48
CA ILE C 566 55.92 19.69 33.45
C ILE C 566 55.69 20.53 34.70
N GLN C 567 54.50 21.13 34.81
CA GLN C 567 54.22 22.03 35.92
C GLN C 567 54.23 21.28 37.25
N GLY C 568 53.65 20.09 37.29
CA GLY C 568 53.64 19.30 38.51
C GLY C 568 52.67 19.82 39.55
N GLY C 569 53.20 20.38 40.63
CA GLY C 569 52.41 20.88 41.73
C GLY C 569 52.57 20.10 43.02
N SER C 570 53.15 18.90 42.95
CA SER C 570 53.40 18.09 44.13
C SER C 570 54.64 17.24 43.87
N THR C 571 54.81 16.19 44.67
CA THR C 571 55.97 15.32 44.53
C THR C 571 56.00 14.67 43.16
N ILE C 572 57.18 14.59 42.56
CA ILE C 572 57.38 13.95 41.26
C ILE C 572 58.32 12.77 41.50
N ASN C 573 57.73 11.59 41.72
CA ASN C 573 58.52 10.38 41.92
C ASN C 573 58.91 9.83 40.55
N MET C 574 60.18 10.01 40.18
CA MET C 574 60.71 9.57 38.89
C MET C 574 61.56 8.34 39.14
N ARG C 575 60.93 7.17 39.11
CA ARG C 575 61.63 5.91 39.36
C ARG C 575 62.43 5.54 38.11
N SER C 576 63.03 4.35 38.12
CA SER C 576 63.84 3.89 37.00
C SER C 576 63.96 2.38 37.08
N GLY C 577 64.74 1.83 36.14
CA GLY C 577 64.95 0.40 36.09
C GLY C 577 66.37 0.03 35.70
N GLY C 578 67.31 0.97 35.86
CA GLY C 578 68.70 0.68 35.56
C GLY C 578 69.48 1.82 34.95
N LEU C 579 68.81 2.87 34.49
CA LEU C 579 69.52 3.99 33.87
C LEU C 579 68.60 5.20 33.82
N VAL C 580 69.14 6.36 34.22
CA VAL C 580 68.50 7.65 34.04
C VAL C 580 69.51 8.55 33.33
N GLY C 581 69.10 9.15 32.22
CA GLY C 581 70.00 9.96 31.43
C GLY C 581 69.36 11.26 31.00
N VAL C 582 70.15 12.33 31.07
CA VAL C 582 69.75 13.65 30.58
C VAL C 582 70.83 14.14 29.62
N ASN C 583 70.45 14.44 28.39
CA ASN C 583 71.40 14.84 27.37
C ASN C 583 71.92 16.26 27.64
N ALA C 584 73.10 16.55 27.09
CA ALA C 584 73.71 17.88 27.22
C ALA C 584 73.04 18.86 26.24
N GLY C 585 71.75 19.09 26.49
CA GLY C 585 71.00 19.99 25.62
C GLY C 585 71.52 21.42 25.69
N GLY C 586 71.88 21.87 26.88
CA GLY C 586 72.34 23.23 27.05
C GLY C 586 72.59 23.59 28.50
N ALA C 587 72.09 24.74 28.94
CA ALA C 587 72.30 25.23 30.29
C ALA C 587 71.40 24.45 31.25
N LEU C 588 71.88 23.31 31.72
CA LEU C 588 71.16 22.49 32.69
C LEU C 588 71.31 23.10 34.08
N ASN C 589 70.18 23.30 34.76
CA ASN C 589 70.17 23.89 36.09
C ASN C 589 69.15 23.19 36.96
N LEU C 590 69.48 23.07 38.24
CA LEU C 590 68.58 22.52 39.24
C LEU C 590 68.19 23.61 40.24
N GLY C 591 67.44 23.20 41.26
CA GLY C 591 67.03 24.09 42.32
C GLY C 591 66.27 23.32 43.37
N ALA C 592 66.10 23.97 44.53
CA ALA C 592 65.41 23.33 45.65
C ALA C 592 65.09 24.38 46.70
N GLY C 593 63.87 24.31 47.25
CA GLY C 593 63.54 25.08 48.42
C GLY C 593 63.94 24.46 49.72
N GLY C 594 64.48 23.24 49.67
CA GLY C 594 64.91 22.53 50.86
C GLY C 594 66.29 21.92 50.70
N ALA C 595 66.39 20.61 50.91
CA ALA C 595 67.67 19.93 50.83
C ALA C 595 68.06 19.67 49.37
N ALA C 596 69.22 19.03 49.21
CA ALA C 596 69.73 18.64 47.90
C ALA C 596 70.72 17.50 48.10
N THR C 597 70.38 16.32 47.57
CA THR C 597 71.17 15.12 47.79
C THR C 597 71.46 14.44 46.47
N LEU C 598 72.70 13.95 46.31
CA LEU C 598 73.13 13.20 45.13
C LEU C 598 73.90 11.98 45.61
N SER C 599 73.19 10.88 45.86
CA SER C 599 73.80 9.64 46.29
C SER C 599 73.98 8.69 45.12
N ALA C 600 74.66 7.57 45.37
CA ALA C 600 74.88 6.55 44.35
C ALA C 600 75.35 5.28 45.04
N GLY C 601 75.58 4.24 44.25
CA GLY C 601 76.07 2.97 44.75
C GLY C 601 77.46 2.65 44.25
N ALA C 602 77.82 3.20 43.08
CA ALA C 602 79.15 3.05 42.51
C ALA C 602 79.81 4.42 42.42
N ALA C 603 81.03 4.45 41.88
CA ALA C 603 81.87 5.64 41.94
C ALA C 603 81.19 6.84 41.29
N THR C 604 81.06 7.92 42.06
CA THR C 604 80.51 9.16 41.54
C THR C 604 81.60 10.00 40.90
N THR C 605 81.21 11.10 40.26
CA THR C 605 82.15 12.03 39.66
C THR C 605 81.43 13.34 39.37
N ILE C 606 82.20 14.42 39.32
CA ILE C 606 81.71 15.72 38.89
C ILE C 606 82.66 16.18 37.78
N SER C 607 82.30 15.87 36.54
CA SER C 607 83.19 16.09 35.40
C SER C 607 82.92 17.46 34.79
N GLY C 608 83.52 17.71 33.63
CA GLY C 608 83.34 18.97 32.93
C GLY C 608 84.63 19.74 32.80
N THR C 609 85.01 20.07 31.56
CA THR C 609 86.22 20.85 31.31
C THR C 609 85.95 22.31 31.65
N VAL C 610 85.61 22.58 32.91
CA VAL C 610 85.05 23.86 33.33
C VAL C 610 85.70 24.28 34.64
N ASN C 611 85.46 25.54 35.00
CA ASN C 611 85.87 26.07 36.29
C ASN C 611 84.85 25.64 37.33
N VAL C 612 85.01 24.42 37.84
CA VAL C 612 84.11 23.91 38.87
C VAL C 612 84.15 24.81 40.10
N GLN C 613 83.07 24.83 40.86
CA GLN C 613 82.98 25.69 42.03
C GLN C 613 82.02 25.11 43.04
N ILE C 614 82.21 25.47 44.32
CA ILE C 614 81.29 25.01 45.40
C ILE C 614 80.90 26.22 46.26
N ASN C 615 80.04 27.10 45.73
CA ASN C 615 79.59 28.30 46.48
C ASN C 615 78.73 27.90 47.69
N SER C 616 78.92 28.59 48.82
CA SER C 616 78.13 28.31 50.04
C SER C 616 78.55 29.22 51.19
N VAL C 617 77.68 29.41 52.18
CA VAL C 617 78.05 30.21 53.39
C VAL C 617 78.97 29.33 54.25
N MET C 618 78.97 28.02 54.00
CA MET C 618 79.82 27.06 54.75
C MET C 618 80.04 25.84 53.87
N THR C 619 81.22 25.20 53.95
CA THR C 619 81.44 23.95 53.18
C THR C 619 82.25 22.96 54.02
N ARG C 620 81.80 21.70 54.10
CA ARG C 620 82.50 20.70 54.95
C ARG C 620 82.63 19.38 54.19
N VAL C 621 83.86 19.02 53.79
CA VAL C 621 84.08 17.70 53.14
C VAL C 621 84.20 16.64 54.24
N ILE C 622 83.17 15.83 54.43
CA ILE C 622 83.18 14.79 55.51
C ILE C 622 83.81 13.51 54.96
N GLY C 623 84.47 13.61 53.80
CA GLY C 623 85.13 12.44 53.19
C GLY C 623 86.12 11.80 54.14
N ALA C 624 86.12 10.47 54.21
CA ALA C 624 87.06 9.73 55.11
C ALA C 624 88.51 10.00 54.69
N THR C 625 88.73 10.33 53.42
CA THR C 625 90.09 10.69 52.94
C THR C 625 89.97 11.85 51.94
N PHE C 626 90.73 12.93 52.13
CA PHE C 626 90.70 14.05 51.17
C PHE C 626 91.99 14.02 50.34
N GLU C 627 91.88 13.70 49.04
CA GLU C 627 93.07 13.58 48.21
C GLU C 627 93.02 14.58 47.07
N VAL C 628 94.10 15.35 46.92
CA VAL C 628 94.29 16.27 45.80
C VAL C 628 95.63 15.94 45.16
N LYS C 629 95.65 15.82 43.83
CA LYS C 629 96.85 15.45 43.09
C LYS C 629 97.48 16.64 42.38
N THR C 630 97.16 17.85 42.81
CA THR C 630 97.70 19.08 42.23
C THR C 630 97.97 20.07 43.35
N PRO C 631 98.85 21.05 43.12
CA PRO C 631 99.13 22.04 44.16
C PRO C 631 97.89 22.84 44.53
N ILE C 632 97.79 23.19 45.81
CA ILE C 632 96.70 23.99 46.35
C ILE C 632 97.18 25.41 46.54
N PHE C 633 96.38 26.37 46.10
CA PHE C 633 96.79 27.77 46.05
C PHE C 633 95.81 28.66 46.80
N LYS C 634 96.28 29.86 47.12
CA LYS C 634 95.46 30.99 47.55
C LYS C 634 94.75 30.76 48.87
N VAL C 635 95.20 29.78 49.66
CA VAL C 635 94.59 29.56 50.97
C VAL C 635 94.91 30.73 51.89
N ALA C 636 93.89 31.19 52.62
CA ALA C 636 94.06 32.39 53.44
C ALA C 636 95.06 32.18 54.57
N THR C 637 95.00 31.04 55.25
CA THR C 637 95.88 30.75 56.36
C THR C 637 96.51 29.38 56.18
N ILE C 638 97.62 29.15 56.88
CA ILE C 638 98.23 27.83 56.90
C ILE C 638 97.25 26.85 57.55
N PRO C 639 97.12 25.62 57.05
CA PRO C 639 96.16 24.68 57.64
C PRO C 639 96.42 24.47 59.13
N VAL C 640 95.32 24.39 59.88
CA VAL C 640 95.40 24.24 61.33
C VAL C 640 94.35 23.21 61.80
N PRO C 641 94.73 22.26 62.65
CA PRO C 641 93.72 21.36 63.21
C PRO C 641 92.78 22.09 64.15
N GLY C 642 91.56 21.56 64.26
CA GLY C 642 90.56 22.15 65.12
C GLY C 642 90.13 23.54 64.69
#